data_1D8K
# 
_entry.id   1D8K 
# 
_audit_conform.dict_name       mmcif_pdbx.dic 
_audit_conform.dict_version    5.392 
_audit_conform.dict_location   http://mmcif.pdb.org/dictionaries/ascii/mmcif_pdbx.dic 
# 
loop_
_database_2.database_id 
_database_2.database_code 
_database_2.pdbx_database_accession 
_database_2.pdbx_DOI 
PDB   1D8K         pdb_00001d8k 10.2210/pdb1d8k/pdb 
RCSB  RCSB009888   ?            ?                   
WWPDB D_1000009888 ?            ?                   
# 
loop_
_pdbx_audit_revision_history.ordinal 
_pdbx_audit_revision_history.data_content_type 
_pdbx_audit_revision_history.major_revision 
_pdbx_audit_revision_history.minor_revision 
_pdbx_audit_revision_history.revision_date 
1 'Structure model' 1 0 2000-04-26 
2 'Structure model' 1 1 2008-04-27 
3 'Structure model' 1 2 2011-07-13 
4 'Structure model' 1 3 2022-02-16 
5 'Structure model' 1 4 2024-05-22 
# 
_pdbx_audit_revision_details.ordinal             1 
_pdbx_audit_revision_details.revision_ordinal    1 
_pdbx_audit_revision_details.data_content_type   'Structure model' 
_pdbx_audit_revision_details.provider            repository 
_pdbx_audit_revision_details.type                'Initial release' 
_pdbx_audit_revision_details.description         ? 
_pdbx_audit_revision_details.details             ? 
# 
loop_
_pdbx_audit_revision_group.ordinal 
_pdbx_audit_revision_group.revision_ordinal 
_pdbx_audit_revision_group.data_content_type 
_pdbx_audit_revision_group.group 
1 2 'Structure model' 'Version format compliance' 
2 3 'Structure model' 'Version format compliance' 
3 4 'Structure model' 'Data collection'           
4 4 'Structure model' 'Database references'       
5 4 'Structure model' 'Derived calculations'      
6 5 'Structure model' 'Data collection'           
# 
loop_
_pdbx_audit_revision_category.ordinal 
_pdbx_audit_revision_category.revision_ordinal 
_pdbx_audit_revision_category.data_content_type 
_pdbx_audit_revision_category.category 
1 4 'Structure model' database_2            
2 4 'Structure model' pdbx_nmr_software     
3 4 'Structure model' pdbx_struct_assembly  
4 4 'Structure model' pdbx_struct_oper_list 
5 5 'Structure model' chem_comp_atom        
6 5 'Structure model' chem_comp_bond        
# 
loop_
_pdbx_audit_revision_item.ordinal 
_pdbx_audit_revision_item.revision_ordinal 
_pdbx_audit_revision_item.data_content_type 
_pdbx_audit_revision_item.item 
1 4 'Structure model' '_database_2.pdbx_DOI'                
2 4 'Structure model' '_database_2.pdbx_database_accession' 
3 4 'Structure model' '_pdbx_nmr_software.name'             
# 
_pdbx_database_status.status_code                     REL 
_pdbx_database_status.entry_id                        1D8K 
_pdbx_database_status.recvd_initial_deposition_date   1999-10-25 
_pdbx_database_status.deposit_site                    RCSB 
_pdbx_database_status.process_site                    RCSB 
_pdbx_database_status.SG_entry                        Y 
_pdbx_database_status.pdb_format_compatible           Y 
_pdbx_database_status.status_code_mr                  ? 
_pdbx_database_status.status_code_sf                  ? 
_pdbx_database_status.status_code_cs                  ? 
_pdbx_database_status.status_code_nmr_data            ? 
_pdbx_database_status.methods_development_category    ? 
# 
loop_
_pdbx_database_related.db_name 
_pdbx_database_related.db_id 
_pdbx_database_related.details 
_pdbx_database_related.content_type 
PDB      1D8J           . unspecified 
TargetDB trt001000206.1 . unspecified 
# 
loop_
_audit_author.name 
_audit_author.pdbx_ordinal 
'Okuda, M.'                                              1 
'Watanabe, Y.'                                           2 
'Okamura, H.'                                            3 
'Hanaoka, F.'                                            4 
'Ohkuma, Y.'                                             5 
'Nishimura, Y.'                                          6 
'RIKEN Structural Genomics/Proteomics Initiative (RSGI)' 7 
# 
_citation.id                        primary 
_citation.title                     
'Structure of the central core domain of TFIIEbeta with a novel double-stranded DNA-binding surface.' 
_citation.journal_abbrev            'EMBO J.' 
_citation.journal_volume            19 
_citation.page_first                1346 
_citation.page_last                 1356 
_citation.year                      2000 
_citation.journal_id_ASTM           EMJODG 
_citation.country                   UK 
_citation.journal_id_ISSN           0261-4189 
_citation.journal_id_CSD            0897 
_citation.book_publisher            ? 
_citation.pdbx_database_id_PubMed   10716934 
_citation.pdbx_database_id_DOI      10.1093/emboj/19.6.1346 
# 
loop_
_citation_author.citation_id 
_citation_author.name 
_citation_author.ordinal 
_citation_author.identifier_ORCID 
primary 'Okuda, M.'     1 ? 
primary 'Watanabe, Y.'  2 ? 
primary 'Okamura, H.'   3 ? 
primary 'Hanaoka, F.'   4 ? 
primary 'Ohkuma, Y.'    5 ? 
primary 'Nishimura, Y.' 6 ? 
# 
_entity.id                         1 
_entity.type                       polymer 
_entity.src_method                 man 
_entity.pdbx_description           'GENERAL TRANSCRIPTION FACTOR TFIIE-BETA' 
_entity.formula_weight             9287.704 
_entity.pdbx_number_of_molecules   1 
_entity.pdbx_ec                    ? 
_entity.pdbx_mutation              ? 
_entity.pdbx_fragment              'CENTRAL CORE DOMAIN' 
_entity.details                    ? 
# 
_entity_poly.entity_id                      1 
_entity_poly.type                           'polypeptide(L)' 
_entity_poly.nstd_linkage                   no 
_entity_poly.nstd_monomer                   no 
_entity_poly.pdbx_seq_one_letter_code       
;ALSGSSGYKFGVLAKIVNYMKTRHQRGDTHPLTLDEILDETQHLDIGLKQKQWLMTEALVNNPKIEVIDGKYAFKPKYNV
R
;
_entity_poly.pdbx_seq_one_letter_code_can   
;ALSGSSGYKFGVLAKIVNYMKTRHQRGDTHPLTLDEILDETQHLDIGLKQKQWLMTEALVNNPKIEVIDGKYAFKPKYNV
R
;
_entity_poly.pdbx_strand_id                 A 
_entity_poly.pdbx_target_identifier         trt001000206.1 
# 
loop_
_entity_poly_seq.entity_id 
_entity_poly_seq.num 
_entity_poly_seq.mon_id 
_entity_poly_seq.hetero 
1 1  ALA n 
1 2  LEU n 
1 3  SER n 
1 4  GLY n 
1 5  SER n 
1 6  SER n 
1 7  GLY n 
1 8  TYR n 
1 9  LYS n 
1 10 PHE n 
1 11 GLY n 
1 12 VAL n 
1 13 LEU n 
1 14 ALA n 
1 15 LYS n 
1 16 ILE n 
1 17 VAL n 
1 18 ASN n 
1 19 TYR n 
1 20 MET n 
1 21 LYS n 
1 22 THR n 
1 23 ARG n 
1 24 HIS n 
1 25 GLN n 
1 26 ARG n 
1 27 GLY n 
1 28 ASP n 
1 29 THR n 
1 30 HIS n 
1 31 PRO n 
1 32 LEU n 
1 33 THR n 
1 34 LEU n 
1 35 ASP n 
1 36 GLU n 
1 37 ILE n 
1 38 LEU n 
1 39 ASP n 
1 40 GLU n 
1 41 THR n 
1 42 GLN n 
1 43 HIS n 
1 44 LEU n 
1 45 ASP n 
1 46 ILE n 
1 47 GLY n 
1 48 LEU n 
1 49 LYS n 
1 50 GLN n 
1 51 LYS n 
1 52 GLN n 
1 53 TRP n 
1 54 LEU n 
1 55 MET n 
1 56 THR n 
1 57 GLU n 
1 58 ALA n 
1 59 LEU n 
1 60 VAL n 
1 61 ASN n 
1 62 ASN n 
1 63 PRO n 
1 64 LYS n 
1 65 ILE n 
1 66 GLU n 
1 67 VAL n 
1 68 ILE n 
1 69 ASP n 
1 70 GLY n 
1 71 LYS n 
1 72 TYR n 
1 73 ALA n 
1 74 PHE n 
1 75 LYS n 
1 76 PRO n 
1 77 LYS n 
1 78 TYR n 
1 79 ASN n 
1 80 VAL n 
1 81 ARG n 
# 
_entity_src_gen.entity_id                          1 
_entity_src_gen.pdbx_src_id                        1 
_entity_src_gen.pdbx_alt_source_flag               sample 
_entity_src_gen.pdbx_seq_type                      ? 
_entity_src_gen.pdbx_beg_seq_num                   ? 
_entity_src_gen.pdbx_end_seq_num                   ? 
_entity_src_gen.gene_src_common_name               human 
_entity_src_gen.gene_src_genus                     Homo 
_entity_src_gen.pdbx_gene_src_gene                 ? 
_entity_src_gen.gene_src_species                   ? 
_entity_src_gen.gene_src_strain                    ? 
_entity_src_gen.gene_src_tissue                    ? 
_entity_src_gen.gene_src_tissue_fraction           ? 
_entity_src_gen.gene_src_details                   ? 
_entity_src_gen.pdbx_gene_src_fragment             ? 
_entity_src_gen.pdbx_gene_src_scientific_name      'Homo sapiens' 
_entity_src_gen.pdbx_gene_src_ncbi_taxonomy_id     9606 
_entity_src_gen.pdbx_gene_src_variant              ? 
_entity_src_gen.pdbx_gene_src_cell_line            ? 
_entity_src_gen.pdbx_gene_src_atcc                 ? 
_entity_src_gen.pdbx_gene_src_organ                ? 
_entity_src_gen.pdbx_gene_src_organelle            ? 
_entity_src_gen.pdbx_gene_src_cell                 ? 
_entity_src_gen.pdbx_gene_src_cellular_location    ? 
_entity_src_gen.host_org_common_name               ? 
_entity_src_gen.pdbx_host_org_scientific_name      'Escherichia coli' 
_entity_src_gen.pdbx_host_org_ncbi_taxonomy_id     562 
_entity_src_gen.host_org_genus                     Escherichia 
_entity_src_gen.pdbx_host_org_gene                 ? 
_entity_src_gen.pdbx_host_org_organ                ? 
_entity_src_gen.host_org_species                   ? 
_entity_src_gen.pdbx_host_org_tissue               ? 
_entity_src_gen.pdbx_host_org_tissue_fraction      ? 
_entity_src_gen.pdbx_host_org_strain               ? 
_entity_src_gen.pdbx_host_org_variant              ? 
_entity_src_gen.pdbx_host_org_cell_line            ? 
_entity_src_gen.pdbx_host_org_atcc                 ? 
_entity_src_gen.pdbx_host_org_culture_collection   ? 
_entity_src_gen.pdbx_host_org_cell                 ? 
_entity_src_gen.pdbx_host_org_organelle            ? 
_entity_src_gen.pdbx_host_org_cellular_location    ? 
_entity_src_gen.pdbx_host_org_vector_type          ? 
_entity_src_gen.pdbx_host_org_vector               ? 
_entity_src_gen.host_org_details                   ? 
_entity_src_gen.expression_system_id               ? 
_entity_src_gen.plasmid_name                       PET3A 
_entity_src_gen.plasmid_details                    ? 
_entity_src_gen.pdbx_description                   ? 
# 
loop_
_chem_comp.id 
_chem_comp.type 
_chem_comp.mon_nstd_flag 
_chem_comp.name 
_chem_comp.pdbx_synonyms 
_chem_comp.formula 
_chem_comp.formula_weight 
ALA 'L-peptide linking' y ALANINE         ? 'C3 H7 N O2'     89.093  
ARG 'L-peptide linking' y ARGININE        ? 'C6 H15 N4 O2 1' 175.209 
ASN 'L-peptide linking' y ASPARAGINE      ? 'C4 H8 N2 O3'    132.118 
ASP 'L-peptide linking' y 'ASPARTIC ACID' ? 'C4 H7 N O4'     133.103 
GLN 'L-peptide linking' y GLUTAMINE       ? 'C5 H10 N2 O3'   146.144 
GLU 'L-peptide linking' y 'GLUTAMIC ACID' ? 'C5 H9 N O4'     147.129 
GLY 'peptide linking'   y GLYCINE         ? 'C2 H5 N O2'     75.067  
HIS 'L-peptide linking' y HISTIDINE       ? 'C6 H10 N3 O2 1' 156.162 
ILE 'L-peptide linking' y ISOLEUCINE      ? 'C6 H13 N O2'    131.173 
LEU 'L-peptide linking' y LEUCINE         ? 'C6 H13 N O2'    131.173 
LYS 'L-peptide linking' y LYSINE          ? 'C6 H15 N2 O2 1' 147.195 
MET 'L-peptide linking' y METHIONINE      ? 'C5 H11 N O2 S'  149.211 
PHE 'L-peptide linking' y PHENYLALANINE   ? 'C9 H11 N O2'    165.189 
PRO 'L-peptide linking' y PROLINE         ? 'C5 H9 N O2'     115.130 
SER 'L-peptide linking' y SERINE          ? 'C3 H7 N O3'     105.093 
THR 'L-peptide linking' y THREONINE       ? 'C4 H9 N O3'     119.119 
TRP 'L-peptide linking' y TRYPTOPHAN      ? 'C11 H12 N2 O2'  204.225 
TYR 'L-peptide linking' y TYROSINE        ? 'C9 H11 N O3'    181.189 
VAL 'L-peptide linking' y VALINE          ? 'C5 H11 N O2'    117.146 
# 
loop_
_pdbx_poly_seq_scheme.asym_id 
_pdbx_poly_seq_scheme.entity_id 
_pdbx_poly_seq_scheme.seq_id 
_pdbx_poly_seq_scheme.mon_id 
_pdbx_poly_seq_scheme.ndb_seq_num 
_pdbx_poly_seq_scheme.pdb_seq_num 
_pdbx_poly_seq_scheme.auth_seq_num 
_pdbx_poly_seq_scheme.pdb_mon_id 
_pdbx_poly_seq_scheme.auth_mon_id 
_pdbx_poly_seq_scheme.pdb_strand_id 
_pdbx_poly_seq_scheme.pdb_ins_code 
_pdbx_poly_seq_scheme.hetero 
A 1 1  ALA 1  1  1  ALA ALA A . n 
A 1 2  LEU 2  2  2  LEU LEU A . n 
A 1 3  SER 3  3  3  SER SER A . n 
A 1 4  GLY 4  4  4  GLY GLY A . n 
A 1 5  SER 5  5  5  SER SER A . n 
A 1 6  SER 6  6  6  SER SER A . n 
A 1 7  GLY 7  7  7  GLY GLY A . n 
A 1 8  TYR 8  8  8  TYR TYR A . n 
A 1 9  LYS 9  9  9  LYS LYS A . n 
A 1 10 PHE 10 10 10 PHE PHE A . n 
A 1 11 GLY 11 11 11 GLY GLY A . n 
A 1 12 VAL 12 12 12 VAL VAL A . n 
A 1 13 LEU 13 13 13 LEU LEU A . n 
A 1 14 ALA 14 14 14 ALA ALA A . n 
A 1 15 LYS 15 15 15 LYS LYS A . n 
A 1 16 ILE 16 16 16 ILE ILE A . n 
A 1 17 VAL 17 17 17 VAL VAL A . n 
A 1 18 ASN 18 18 18 ASN ASN A . n 
A 1 19 TYR 19 19 19 TYR TYR A . n 
A 1 20 MET 20 20 20 MET MET A . n 
A 1 21 LYS 21 21 21 LYS LYS A . n 
A 1 22 THR 22 22 22 THR THR A . n 
A 1 23 ARG 23 23 23 ARG ARG A . n 
A 1 24 HIS 24 24 24 HIS HIS A . n 
A 1 25 GLN 25 25 25 GLN GLN A . n 
A 1 26 ARG 26 26 26 ARG ARG A . n 
A 1 27 GLY 27 27 27 GLY GLY A . n 
A 1 28 ASP 28 28 28 ASP ASP A . n 
A 1 29 THR 29 29 29 THR THR A . n 
A 1 30 HIS 30 30 30 HIS HIS A . n 
A 1 31 PRO 31 31 31 PRO PRO A . n 
A 1 32 LEU 32 32 32 LEU LEU A . n 
A 1 33 THR 33 33 33 THR THR A . n 
A 1 34 LEU 34 34 34 LEU LEU A . n 
A 1 35 ASP 35 35 35 ASP ASP A . n 
A 1 36 GLU 36 36 36 GLU GLU A . n 
A 1 37 ILE 37 37 37 ILE ILE A . n 
A 1 38 LEU 38 38 38 LEU LEU A . n 
A 1 39 ASP 39 39 39 ASP ASP A . n 
A 1 40 GLU 40 40 40 GLU GLU A . n 
A 1 41 THR 41 41 41 THR THR A . n 
A 1 42 GLN 42 42 42 GLN GLN A . n 
A 1 43 HIS 43 43 43 HIS HIS A . n 
A 1 44 LEU 44 44 44 LEU LEU A . n 
A 1 45 ASP 45 45 45 ASP ASP A . n 
A 1 46 ILE 46 46 46 ILE ILE A . n 
A 1 47 GLY 47 47 47 GLY GLY A . n 
A 1 48 LEU 48 48 48 LEU LEU A . n 
A 1 49 LYS 49 49 49 LYS LYS A . n 
A 1 50 GLN 50 50 50 GLN GLN A . n 
A 1 51 LYS 51 51 51 LYS LYS A . n 
A 1 52 GLN 52 52 52 GLN GLN A . n 
A 1 53 TRP 53 53 53 TRP TRP A . n 
A 1 54 LEU 54 54 54 LEU LEU A . n 
A 1 55 MET 55 55 55 MET MET A . n 
A 1 56 THR 56 56 56 THR THR A . n 
A 1 57 GLU 57 57 57 GLU GLU A . n 
A 1 58 ALA 58 58 58 ALA ALA A . n 
A 1 59 LEU 59 59 59 LEU LEU A . n 
A 1 60 VAL 60 60 60 VAL VAL A . n 
A 1 61 ASN 61 61 61 ASN ASN A . n 
A 1 62 ASN 62 62 62 ASN ASN A . n 
A 1 63 PRO 63 63 63 PRO PRO A . n 
A 1 64 LYS 64 64 64 LYS LYS A . n 
A 1 65 ILE 65 65 65 ILE ILE A . n 
A 1 66 GLU 66 66 66 GLU GLU A . n 
A 1 67 VAL 67 67 67 VAL VAL A . n 
A 1 68 ILE 68 68 68 ILE ILE A . n 
A 1 69 ASP 69 69 69 ASP ASP A . n 
A 1 70 GLY 70 70 70 GLY GLY A . n 
A 1 71 LYS 71 71 71 LYS LYS A . n 
A 1 72 TYR 72 72 72 TYR TYR A . n 
A 1 73 ALA 73 73 73 ALA ALA A . n 
A 1 74 PHE 74 74 74 PHE PHE A . n 
A 1 75 LYS 75 75 75 LYS LYS A . n 
A 1 76 PRO 76 76 76 PRO PRO A . n 
A 1 77 LYS 77 77 77 LYS LYS A . n 
A 1 78 TYR 78 78 78 TYR TYR A . n 
A 1 79 ASN 79 79 79 ASN ASN A . n 
A 1 80 VAL 80 80 80 VAL VAL A . n 
A 1 81 ARG 81 81 81 ARG ARG A . n 
# 
_cell.entry_id           1D8K 
_cell.length_a           1.000 
_cell.length_b           1.000 
_cell.length_c           1.000 
_cell.angle_alpha        90.00 
_cell.angle_beta         90.00 
_cell.angle_gamma        90.00 
_cell.Z_PDB              1 
_cell.pdbx_unique_axis   ? 
# 
_symmetry.entry_id                         1D8K 
_symmetry.space_group_name_H-M             'P 1' 
_symmetry.pdbx_full_space_group_name_H-M   ? 
_symmetry.cell_setting                     ? 
_symmetry.Int_Tables_number                1 
# 
_exptl.entry_id          1D8K 
_exptl.method            'SOLUTION NMR' 
_exptl.crystals_number   ? 
# 
_struct.entry_id                  1D8K 
_struct.title                     'SOLUTION STRUCTURE OF THE CENTRAL CORE DOMAIN OF TFIIE BETA' 
_struct.pdbx_model_details        ? 
_struct.pdbx_CASP_flag            ? 
_struct.pdbx_model_type_details   'minimized average' 
# 
_struct_keywords.entry_id        1D8K 
_struct_keywords.pdbx_keywords   'GENE REGULATION' 
_struct_keywords.text            
'WINGED HELIX-TURN-HELIX, RIKEN Structural Genomics/Proteomics Initiative, RSGI, Structural Genomics, GENE REGULATION' 
# 
_struct_asym.id                            A 
_struct_asym.pdbx_blank_PDB_chainid_flag   N 
_struct_asym.pdbx_modified                 N 
_struct_asym.entity_id                     1 
_struct_asym.details                       ? 
# 
_struct_ref.id                         1 
_struct_ref.db_name                    UNP 
_struct_ref.db_code                    T2EB_HUMAN 
_struct_ref.entity_id                  1 
_struct_ref.pdbx_db_accession          P29084 
_struct_ref.pdbx_align_begin           ? 
_struct_ref.pdbx_seq_one_letter_code   ? 
_struct_ref.pdbx_db_isoform            ? 
# 
_struct_ref_seq.align_id                      1 
_struct_ref_seq.ref_id                        1 
_struct_ref_seq.pdbx_PDB_id_code              1D8K 
_struct_ref_seq.pdbx_strand_id                A 
_struct_ref_seq.seq_align_beg                 1 
_struct_ref_seq.pdbx_seq_align_beg_ins_code   ? 
_struct_ref_seq.seq_align_end                 81 
_struct_ref_seq.pdbx_seq_align_end_ins_code   ? 
_struct_ref_seq.pdbx_db_accession             P29084 
_struct_ref_seq.db_align_beg                  66 
_struct_ref_seq.pdbx_db_align_beg_ins_code    ? 
_struct_ref_seq.db_align_end                  146 
_struct_ref_seq.pdbx_db_align_end_ins_code    ? 
_struct_ref_seq.pdbx_auth_seq_align_beg       1 
_struct_ref_seq.pdbx_auth_seq_align_end       81 
# 
_pdbx_struct_assembly.id                   1 
_pdbx_struct_assembly.details              author_defined_assembly 
_pdbx_struct_assembly.method_details       ? 
_pdbx_struct_assembly.oligomeric_details   monomeric 
_pdbx_struct_assembly.oligomeric_count     1 
# 
_pdbx_struct_assembly_gen.assembly_id       1 
_pdbx_struct_assembly_gen.oper_expression   1 
_pdbx_struct_assembly_gen.asym_id_list      A 
# 
_pdbx_struct_oper_list.id                   1 
_pdbx_struct_oper_list.type                 'identity operation' 
_pdbx_struct_oper_list.name                 1_555 
_pdbx_struct_oper_list.symmetry_operation   x,y,z 
_pdbx_struct_oper_list.matrix[1][1]         1.0000000000 
_pdbx_struct_oper_list.matrix[1][2]         0.0000000000 
_pdbx_struct_oper_list.matrix[1][3]         0.0000000000 
_pdbx_struct_oper_list.vector[1]            0.0000000000 
_pdbx_struct_oper_list.matrix[2][1]         0.0000000000 
_pdbx_struct_oper_list.matrix[2][2]         1.0000000000 
_pdbx_struct_oper_list.matrix[2][3]         0.0000000000 
_pdbx_struct_oper_list.vector[2]            0.0000000000 
_pdbx_struct_oper_list.matrix[3][1]         0.0000000000 
_pdbx_struct_oper_list.matrix[3][2]         0.0000000000 
_pdbx_struct_oper_list.matrix[3][3]         1.0000000000 
_pdbx_struct_oper_list.vector[3]            0.0000000000 
# 
_struct_biol.id   1 
# 
loop_
_struct_conf.conf_type_id 
_struct_conf.id 
_struct_conf.pdbx_PDB_helix_id 
_struct_conf.beg_label_comp_id 
_struct_conf.beg_label_asym_id 
_struct_conf.beg_label_seq_id 
_struct_conf.pdbx_beg_PDB_ins_code 
_struct_conf.end_label_comp_id 
_struct_conf.end_label_asym_id 
_struct_conf.end_label_seq_id 
_struct_conf.pdbx_end_PDB_ins_code 
_struct_conf.beg_auth_comp_id 
_struct_conf.beg_auth_asym_id 
_struct_conf.beg_auth_seq_id 
_struct_conf.end_auth_comp_id 
_struct_conf.end_auth_asym_id 
_struct_conf.end_auth_seq_id 
_struct_conf.pdbx_PDB_helix_class 
_struct_conf.details 
_struct_conf.pdbx_PDB_helix_length 
HELX_P HELX_P1 1 PHE A 10 ? GLN A 25 ? PHE A 10 GLN A 25 1 ? 16 
HELX_P HELX_P2 2 LEU A 34 ? GLU A 40 ? LEU A 34 GLU A 40 1 ? 7  
HELX_P HELX_P3 3 LEU A 48 ? MET A 55 ? LEU A 48 MET A 55 1 ? 8  
# 
_struct_conf_type.id          HELX_P 
_struct_conf_type.criteria    ? 
_struct_conf_type.reference   ? 
# 
_struct_sheet.id               A 
_struct_sheet.type             ? 
_struct_sheet.number_strands   3 
_struct_sheet.details          ? 
# 
loop_
_struct_sheet_range.sheet_id 
_struct_sheet_range.id 
_struct_sheet_range.beg_label_comp_id 
_struct_sheet_range.beg_label_asym_id 
_struct_sheet_range.beg_label_seq_id 
_struct_sheet_range.pdbx_beg_PDB_ins_code 
_struct_sheet_range.end_label_comp_id 
_struct_sheet_range.end_label_asym_id 
_struct_sheet_range.end_label_seq_id 
_struct_sheet_range.pdbx_end_PDB_ins_code 
_struct_sheet_range.beg_auth_comp_id 
_struct_sheet_range.beg_auth_asym_id 
_struct_sheet_range.beg_auth_seq_id 
_struct_sheet_range.end_auth_comp_id 
_struct_sheet_range.end_auth_asym_id 
_struct_sheet_range.end_auth_seq_id 
A 1 LEU A 32 ? LEU A 32 ? LEU A 32 LEU A 32 
A 2 ILE A 65 ? ILE A 68 ? ILE A 65 ILE A 68 
A 3 LYS A 71 ? PHE A 74 ? LYS A 71 PHE A 74 
# 
loop_
_pdbx_validate_torsion.id 
_pdbx_validate_torsion.PDB_model_num 
_pdbx_validate_torsion.auth_comp_id 
_pdbx_validate_torsion.auth_asym_id 
_pdbx_validate_torsion.auth_seq_id 
_pdbx_validate_torsion.PDB_ins_code 
_pdbx_validate_torsion.label_alt_id 
_pdbx_validate_torsion.phi 
_pdbx_validate_torsion.psi 
1 1 LYS A 9  ? ? -177.59 -55.72 
2 1 ILE A 46 ? ? 45.97   -71.50 
3 1 GLU A 57 ? ? -112.21 -73.33 
4 1 LEU A 59 ? ? -77.94  31.25  
5 1 VAL A 60 ? ? -133.26 -37.21 
6 1 TYR A 78 ? ? -153.77 12.07  
7 1 ASN A 79 ? ? 81.01   139.23 
# 
_pdbx_SG_project.id                    1 
_pdbx_SG_project.project_name          ? 
_pdbx_SG_project.full_name_of_center   'RIKEN Structural Genomics/Proteomics Initiative' 
_pdbx_SG_project.initial_of_center     RSGI 
# 
_pdbx_nmr_ensemble.entry_id                                      1D8K 
_pdbx_nmr_ensemble.conformers_calculated_total_number            100 
_pdbx_nmr_ensemble.conformers_submitted_total_number             1 
_pdbx_nmr_ensemble.conformer_selection_criteria                  'LEAST RESTRAINT VIOLATIONS' 
_pdbx_nmr_ensemble.average_constraints_per_residue               ? 
_pdbx_nmr_ensemble.average_constraint_violations_per_residue     ? 
_pdbx_nmr_ensemble.maximum_distance_constraint_violation         ? 
_pdbx_nmr_ensemble.average_distance_constraint_violation         ? 
_pdbx_nmr_ensemble.maximum_upper_distance_constraint_violation   ? 
_pdbx_nmr_ensemble.maximum_lower_distance_constraint_violation   ? 
_pdbx_nmr_ensemble.distance_constraint_violation_method          ? 
_pdbx_nmr_ensemble.maximum_torsion_angle_constraint_violation    ? 
_pdbx_nmr_ensemble.average_torsion_angle_constraint_violation    ? 
_pdbx_nmr_ensemble.torsion_angle_constraint_violation_method     ? 
# 
_pdbx_nmr_representative.entry_id             1D8K 
_pdbx_nmr_representative.conformer_id         1 
_pdbx_nmr_representative.selection_criteria   'minimized average structure' 
# 
loop_
_pdbx_nmr_sample_details.solution_id 
_pdbx_nmr_sample_details.contents 
_pdbx_nmr_sample_details.solvent_system 
1 '1-2MM PROTEIN U-15N,13C; 20MM PHOSPHATE BUFFER, 500MM NACL' ? 
2 '1-2MM PROTEIN U-15N; 20MM PHOSPHATE BUFFER, 500MM NACL'     ? 
3 '1-2MM PROTEIN ; 20MM PHOSPHATE BUFFER, 500MM NACL'          ? 
# 
_pdbx_nmr_exptl_sample_conditions.conditions_id       1 
_pdbx_nmr_exptl_sample_conditions.temperature         300 
_pdbx_nmr_exptl_sample_conditions.pressure            AMBIENT 
_pdbx_nmr_exptl_sample_conditions.pH                  6.0 
_pdbx_nmr_exptl_sample_conditions.ionic_strength      '500mM NACL' 
_pdbx_nmr_exptl_sample_conditions.pressure_units      ? 
_pdbx_nmr_exptl_sample_conditions.temperature_units   K 
# 
loop_
_pdbx_nmr_exptl.experiment_id 
_pdbx_nmr_exptl.conditions_id 
_pdbx_nmr_exptl.type 
_pdbx_nmr_exptl.solution_id 
1 1 '2D NOESY'             3 
2 1 3D_13C-SEPARATED_NOESY 1 
3 1 3D_15N-SEPARATED_NOESY 2 
4 1 4D_13C-SEPARATED_NOESY 1 
5 1 HNHA                   2 
6 1 HMQC-J                 2 
# 
_pdbx_nmr_details.entry_id   1D8K 
_pdbx_nmr_details.text       'THE STRUCTURE WAS DETERMINED USING TRIPLE-RESONANCE NMR SPECTROSCOPY.' 
# 
_pdbx_nmr_refine.entry_id           1D8K 
_pdbx_nmr_refine.method             '4D SIMULATED ANNEALING' 
_pdbx_nmr_refine.details            
;THE STRUCTURES ARE BASED ON A TOTAL OF 1224 RESTRAINTS, 1184 ARE NOE-DERIVED DISTANCE CONSTRAINTS, 38 DIHEDRAL ANGLE RESTRAINTS, 40 DISTANCE RESTRAINTS FROM HYDROGEN BONDS.
;
_pdbx_nmr_refine.software_ordinal   1 
# 
loop_
_pdbx_nmr_software.classification 
_pdbx_nmr_software.name 
_pdbx_nmr_software.version 
_pdbx_nmr_software.authors 
_pdbx_nmr_software.ordinal 
processing           NMRPipe             1.6 'DELAGLIO, GRZESIEK, VUISTER, ZHU, PFEIFER, BAX' 1 
'data analysis'      'PIPP, CAPP, STAPP' 3.9 'GARRETT, POWERS, GRONENBORN, CLORE'             2 
'structure solution' EMBOSS              5   'NAKAI, KIDERA, NAKAMURA'                        3 
refinement           EMBOSS              5   'NAKAI, KIDERA, NAKAMURA'                        4 
# 
loop_
_chem_comp_atom.comp_id 
_chem_comp_atom.atom_id 
_chem_comp_atom.type_symbol 
_chem_comp_atom.pdbx_aromatic_flag 
_chem_comp_atom.pdbx_stereo_config 
_chem_comp_atom.pdbx_ordinal 
ALA N    N N N 1   
ALA CA   C N S 2   
ALA C    C N N 3   
ALA O    O N N 4   
ALA CB   C N N 5   
ALA OXT  O N N 6   
ALA H    H N N 7   
ALA H2   H N N 8   
ALA HA   H N N 9   
ALA HB1  H N N 10  
ALA HB2  H N N 11  
ALA HB3  H N N 12  
ALA HXT  H N N 13  
ARG N    N N N 14  
ARG CA   C N S 15  
ARG C    C N N 16  
ARG O    O N N 17  
ARG CB   C N N 18  
ARG CG   C N N 19  
ARG CD   C N N 20  
ARG NE   N N N 21  
ARG CZ   C N N 22  
ARG NH1  N N N 23  
ARG NH2  N N N 24  
ARG OXT  O N N 25  
ARG H    H N N 26  
ARG H2   H N N 27  
ARG HA   H N N 28  
ARG HB2  H N N 29  
ARG HB3  H N N 30  
ARG HG2  H N N 31  
ARG HG3  H N N 32  
ARG HD2  H N N 33  
ARG HD3  H N N 34  
ARG HE   H N N 35  
ARG HH11 H N N 36  
ARG HH12 H N N 37  
ARG HH21 H N N 38  
ARG HH22 H N N 39  
ARG HXT  H N N 40  
ASN N    N N N 41  
ASN CA   C N S 42  
ASN C    C N N 43  
ASN O    O N N 44  
ASN CB   C N N 45  
ASN CG   C N N 46  
ASN OD1  O N N 47  
ASN ND2  N N N 48  
ASN OXT  O N N 49  
ASN H    H N N 50  
ASN H2   H N N 51  
ASN HA   H N N 52  
ASN HB2  H N N 53  
ASN HB3  H N N 54  
ASN HD21 H N N 55  
ASN HD22 H N N 56  
ASN HXT  H N N 57  
ASP N    N N N 58  
ASP CA   C N S 59  
ASP C    C N N 60  
ASP O    O N N 61  
ASP CB   C N N 62  
ASP CG   C N N 63  
ASP OD1  O N N 64  
ASP OD2  O N N 65  
ASP OXT  O N N 66  
ASP H    H N N 67  
ASP H2   H N N 68  
ASP HA   H N N 69  
ASP HB2  H N N 70  
ASP HB3  H N N 71  
ASP HD2  H N N 72  
ASP HXT  H N N 73  
GLN N    N N N 74  
GLN CA   C N S 75  
GLN C    C N N 76  
GLN O    O N N 77  
GLN CB   C N N 78  
GLN CG   C N N 79  
GLN CD   C N N 80  
GLN OE1  O N N 81  
GLN NE2  N N N 82  
GLN OXT  O N N 83  
GLN H    H N N 84  
GLN H2   H N N 85  
GLN HA   H N N 86  
GLN HB2  H N N 87  
GLN HB3  H N N 88  
GLN HG2  H N N 89  
GLN HG3  H N N 90  
GLN HE21 H N N 91  
GLN HE22 H N N 92  
GLN HXT  H N N 93  
GLU N    N N N 94  
GLU CA   C N S 95  
GLU C    C N N 96  
GLU O    O N N 97  
GLU CB   C N N 98  
GLU CG   C N N 99  
GLU CD   C N N 100 
GLU OE1  O N N 101 
GLU OE2  O N N 102 
GLU OXT  O N N 103 
GLU H    H N N 104 
GLU H2   H N N 105 
GLU HA   H N N 106 
GLU HB2  H N N 107 
GLU HB3  H N N 108 
GLU HG2  H N N 109 
GLU HG3  H N N 110 
GLU HE2  H N N 111 
GLU HXT  H N N 112 
GLY N    N N N 113 
GLY CA   C N N 114 
GLY C    C N N 115 
GLY O    O N N 116 
GLY OXT  O N N 117 
GLY H    H N N 118 
GLY H2   H N N 119 
GLY HA2  H N N 120 
GLY HA3  H N N 121 
GLY HXT  H N N 122 
HIS N    N N N 123 
HIS CA   C N S 124 
HIS C    C N N 125 
HIS O    O N N 126 
HIS CB   C N N 127 
HIS CG   C Y N 128 
HIS ND1  N Y N 129 
HIS CD2  C Y N 130 
HIS CE1  C Y N 131 
HIS NE2  N Y N 132 
HIS OXT  O N N 133 
HIS H    H N N 134 
HIS H2   H N N 135 
HIS HA   H N N 136 
HIS HB2  H N N 137 
HIS HB3  H N N 138 
HIS HD1  H N N 139 
HIS HD2  H N N 140 
HIS HE1  H N N 141 
HIS HE2  H N N 142 
HIS HXT  H N N 143 
ILE N    N N N 144 
ILE CA   C N S 145 
ILE C    C N N 146 
ILE O    O N N 147 
ILE CB   C N S 148 
ILE CG1  C N N 149 
ILE CG2  C N N 150 
ILE CD1  C N N 151 
ILE OXT  O N N 152 
ILE H    H N N 153 
ILE H2   H N N 154 
ILE HA   H N N 155 
ILE HB   H N N 156 
ILE HG12 H N N 157 
ILE HG13 H N N 158 
ILE HG21 H N N 159 
ILE HG22 H N N 160 
ILE HG23 H N N 161 
ILE HD11 H N N 162 
ILE HD12 H N N 163 
ILE HD13 H N N 164 
ILE HXT  H N N 165 
LEU N    N N N 166 
LEU CA   C N S 167 
LEU C    C N N 168 
LEU O    O N N 169 
LEU CB   C N N 170 
LEU CG   C N N 171 
LEU CD1  C N N 172 
LEU CD2  C N N 173 
LEU OXT  O N N 174 
LEU H    H N N 175 
LEU H2   H N N 176 
LEU HA   H N N 177 
LEU HB2  H N N 178 
LEU HB3  H N N 179 
LEU HG   H N N 180 
LEU HD11 H N N 181 
LEU HD12 H N N 182 
LEU HD13 H N N 183 
LEU HD21 H N N 184 
LEU HD22 H N N 185 
LEU HD23 H N N 186 
LEU HXT  H N N 187 
LYS N    N N N 188 
LYS CA   C N S 189 
LYS C    C N N 190 
LYS O    O N N 191 
LYS CB   C N N 192 
LYS CG   C N N 193 
LYS CD   C N N 194 
LYS CE   C N N 195 
LYS NZ   N N N 196 
LYS OXT  O N N 197 
LYS H    H N N 198 
LYS H2   H N N 199 
LYS HA   H N N 200 
LYS HB2  H N N 201 
LYS HB3  H N N 202 
LYS HG2  H N N 203 
LYS HG3  H N N 204 
LYS HD2  H N N 205 
LYS HD3  H N N 206 
LYS HE2  H N N 207 
LYS HE3  H N N 208 
LYS HZ1  H N N 209 
LYS HZ2  H N N 210 
LYS HZ3  H N N 211 
LYS HXT  H N N 212 
MET N    N N N 213 
MET CA   C N S 214 
MET C    C N N 215 
MET O    O N N 216 
MET CB   C N N 217 
MET CG   C N N 218 
MET SD   S N N 219 
MET CE   C N N 220 
MET OXT  O N N 221 
MET H    H N N 222 
MET H2   H N N 223 
MET HA   H N N 224 
MET HB2  H N N 225 
MET HB3  H N N 226 
MET HG2  H N N 227 
MET HG3  H N N 228 
MET HE1  H N N 229 
MET HE2  H N N 230 
MET HE3  H N N 231 
MET HXT  H N N 232 
PHE N    N N N 233 
PHE CA   C N S 234 
PHE C    C N N 235 
PHE O    O N N 236 
PHE CB   C N N 237 
PHE CG   C Y N 238 
PHE CD1  C Y N 239 
PHE CD2  C Y N 240 
PHE CE1  C Y N 241 
PHE CE2  C Y N 242 
PHE CZ   C Y N 243 
PHE OXT  O N N 244 
PHE H    H N N 245 
PHE H2   H N N 246 
PHE HA   H N N 247 
PHE HB2  H N N 248 
PHE HB3  H N N 249 
PHE HD1  H N N 250 
PHE HD2  H N N 251 
PHE HE1  H N N 252 
PHE HE2  H N N 253 
PHE HZ   H N N 254 
PHE HXT  H N N 255 
PRO N    N N N 256 
PRO CA   C N S 257 
PRO C    C N N 258 
PRO O    O N N 259 
PRO CB   C N N 260 
PRO CG   C N N 261 
PRO CD   C N N 262 
PRO OXT  O N N 263 
PRO H    H N N 264 
PRO HA   H N N 265 
PRO HB2  H N N 266 
PRO HB3  H N N 267 
PRO HG2  H N N 268 
PRO HG3  H N N 269 
PRO HD2  H N N 270 
PRO HD3  H N N 271 
PRO HXT  H N N 272 
SER N    N N N 273 
SER CA   C N S 274 
SER C    C N N 275 
SER O    O N N 276 
SER CB   C N N 277 
SER OG   O N N 278 
SER OXT  O N N 279 
SER H    H N N 280 
SER H2   H N N 281 
SER HA   H N N 282 
SER HB2  H N N 283 
SER HB3  H N N 284 
SER HG   H N N 285 
SER HXT  H N N 286 
THR N    N N N 287 
THR CA   C N S 288 
THR C    C N N 289 
THR O    O N N 290 
THR CB   C N R 291 
THR OG1  O N N 292 
THR CG2  C N N 293 
THR OXT  O N N 294 
THR H    H N N 295 
THR H2   H N N 296 
THR HA   H N N 297 
THR HB   H N N 298 
THR HG1  H N N 299 
THR HG21 H N N 300 
THR HG22 H N N 301 
THR HG23 H N N 302 
THR HXT  H N N 303 
TRP N    N N N 304 
TRP CA   C N S 305 
TRP C    C N N 306 
TRP O    O N N 307 
TRP CB   C N N 308 
TRP CG   C Y N 309 
TRP CD1  C Y N 310 
TRP CD2  C Y N 311 
TRP NE1  N Y N 312 
TRP CE2  C Y N 313 
TRP CE3  C Y N 314 
TRP CZ2  C Y N 315 
TRP CZ3  C Y N 316 
TRP CH2  C Y N 317 
TRP OXT  O N N 318 
TRP H    H N N 319 
TRP H2   H N N 320 
TRP HA   H N N 321 
TRP HB2  H N N 322 
TRP HB3  H N N 323 
TRP HD1  H N N 324 
TRP HE1  H N N 325 
TRP HE3  H N N 326 
TRP HZ2  H N N 327 
TRP HZ3  H N N 328 
TRP HH2  H N N 329 
TRP HXT  H N N 330 
TYR N    N N N 331 
TYR CA   C N S 332 
TYR C    C N N 333 
TYR O    O N N 334 
TYR CB   C N N 335 
TYR CG   C Y N 336 
TYR CD1  C Y N 337 
TYR CD2  C Y N 338 
TYR CE1  C Y N 339 
TYR CE2  C Y N 340 
TYR CZ   C Y N 341 
TYR OH   O N N 342 
TYR OXT  O N N 343 
TYR H    H N N 344 
TYR H2   H N N 345 
TYR HA   H N N 346 
TYR HB2  H N N 347 
TYR HB3  H N N 348 
TYR HD1  H N N 349 
TYR HD2  H N N 350 
TYR HE1  H N N 351 
TYR HE2  H N N 352 
TYR HH   H N N 353 
TYR HXT  H N N 354 
VAL N    N N N 355 
VAL CA   C N S 356 
VAL C    C N N 357 
VAL O    O N N 358 
VAL CB   C N N 359 
VAL CG1  C N N 360 
VAL CG2  C N N 361 
VAL OXT  O N N 362 
VAL H    H N N 363 
VAL H2   H N N 364 
VAL HA   H N N 365 
VAL HB   H N N 366 
VAL HG11 H N N 367 
VAL HG12 H N N 368 
VAL HG13 H N N 369 
VAL HG21 H N N 370 
VAL HG22 H N N 371 
VAL HG23 H N N 372 
VAL HXT  H N N 373 
# 
loop_
_chem_comp_bond.comp_id 
_chem_comp_bond.atom_id_1 
_chem_comp_bond.atom_id_2 
_chem_comp_bond.value_order 
_chem_comp_bond.pdbx_aromatic_flag 
_chem_comp_bond.pdbx_stereo_config 
_chem_comp_bond.pdbx_ordinal 
ALA N   CA   sing N N 1   
ALA N   H    sing N N 2   
ALA N   H2   sing N N 3   
ALA CA  C    sing N N 4   
ALA CA  CB   sing N N 5   
ALA CA  HA   sing N N 6   
ALA C   O    doub N N 7   
ALA C   OXT  sing N N 8   
ALA CB  HB1  sing N N 9   
ALA CB  HB2  sing N N 10  
ALA CB  HB3  sing N N 11  
ALA OXT HXT  sing N N 12  
ARG N   CA   sing N N 13  
ARG N   H    sing N N 14  
ARG N   H2   sing N N 15  
ARG CA  C    sing N N 16  
ARG CA  CB   sing N N 17  
ARG CA  HA   sing N N 18  
ARG C   O    doub N N 19  
ARG C   OXT  sing N N 20  
ARG CB  CG   sing N N 21  
ARG CB  HB2  sing N N 22  
ARG CB  HB3  sing N N 23  
ARG CG  CD   sing N N 24  
ARG CG  HG2  sing N N 25  
ARG CG  HG3  sing N N 26  
ARG CD  NE   sing N N 27  
ARG CD  HD2  sing N N 28  
ARG CD  HD3  sing N N 29  
ARG NE  CZ   sing N N 30  
ARG NE  HE   sing N N 31  
ARG CZ  NH1  sing N N 32  
ARG CZ  NH2  doub N N 33  
ARG NH1 HH11 sing N N 34  
ARG NH1 HH12 sing N N 35  
ARG NH2 HH21 sing N N 36  
ARG NH2 HH22 sing N N 37  
ARG OXT HXT  sing N N 38  
ASN N   CA   sing N N 39  
ASN N   H    sing N N 40  
ASN N   H2   sing N N 41  
ASN CA  C    sing N N 42  
ASN CA  CB   sing N N 43  
ASN CA  HA   sing N N 44  
ASN C   O    doub N N 45  
ASN C   OXT  sing N N 46  
ASN CB  CG   sing N N 47  
ASN CB  HB2  sing N N 48  
ASN CB  HB3  sing N N 49  
ASN CG  OD1  doub N N 50  
ASN CG  ND2  sing N N 51  
ASN ND2 HD21 sing N N 52  
ASN ND2 HD22 sing N N 53  
ASN OXT HXT  sing N N 54  
ASP N   CA   sing N N 55  
ASP N   H    sing N N 56  
ASP N   H2   sing N N 57  
ASP CA  C    sing N N 58  
ASP CA  CB   sing N N 59  
ASP CA  HA   sing N N 60  
ASP C   O    doub N N 61  
ASP C   OXT  sing N N 62  
ASP CB  CG   sing N N 63  
ASP CB  HB2  sing N N 64  
ASP CB  HB3  sing N N 65  
ASP CG  OD1  doub N N 66  
ASP CG  OD2  sing N N 67  
ASP OD2 HD2  sing N N 68  
ASP OXT HXT  sing N N 69  
GLN N   CA   sing N N 70  
GLN N   H    sing N N 71  
GLN N   H2   sing N N 72  
GLN CA  C    sing N N 73  
GLN CA  CB   sing N N 74  
GLN CA  HA   sing N N 75  
GLN C   O    doub N N 76  
GLN C   OXT  sing N N 77  
GLN CB  CG   sing N N 78  
GLN CB  HB2  sing N N 79  
GLN CB  HB3  sing N N 80  
GLN CG  CD   sing N N 81  
GLN CG  HG2  sing N N 82  
GLN CG  HG3  sing N N 83  
GLN CD  OE1  doub N N 84  
GLN CD  NE2  sing N N 85  
GLN NE2 HE21 sing N N 86  
GLN NE2 HE22 sing N N 87  
GLN OXT HXT  sing N N 88  
GLU N   CA   sing N N 89  
GLU N   H    sing N N 90  
GLU N   H2   sing N N 91  
GLU CA  C    sing N N 92  
GLU CA  CB   sing N N 93  
GLU CA  HA   sing N N 94  
GLU C   O    doub N N 95  
GLU C   OXT  sing N N 96  
GLU CB  CG   sing N N 97  
GLU CB  HB2  sing N N 98  
GLU CB  HB3  sing N N 99  
GLU CG  CD   sing N N 100 
GLU CG  HG2  sing N N 101 
GLU CG  HG3  sing N N 102 
GLU CD  OE1  doub N N 103 
GLU CD  OE2  sing N N 104 
GLU OE2 HE2  sing N N 105 
GLU OXT HXT  sing N N 106 
GLY N   CA   sing N N 107 
GLY N   H    sing N N 108 
GLY N   H2   sing N N 109 
GLY CA  C    sing N N 110 
GLY CA  HA2  sing N N 111 
GLY CA  HA3  sing N N 112 
GLY C   O    doub N N 113 
GLY C   OXT  sing N N 114 
GLY OXT HXT  sing N N 115 
HIS N   CA   sing N N 116 
HIS N   H    sing N N 117 
HIS N   H2   sing N N 118 
HIS CA  C    sing N N 119 
HIS CA  CB   sing N N 120 
HIS CA  HA   sing N N 121 
HIS C   O    doub N N 122 
HIS C   OXT  sing N N 123 
HIS CB  CG   sing N N 124 
HIS CB  HB2  sing N N 125 
HIS CB  HB3  sing N N 126 
HIS CG  ND1  sing Y N 127 
HIS CG  CD2  doub Y N 128 
HIS ND1 CE1  doub Y N 129 
HIS ND1 HD1  sing N N 130 
HIS CD2 NE2  sing Y N 131 
HIS CD2 HD2  sing N N 132 
HIS CE1 NE2  sing Y N 133 
HIS CE1 HE1  sing N N 134 
HIS NE2 HE2  sing N N 135 
HIS OXT HXT  sing N N 136 
ILE N   CA   sing N N 137 
ILE N   H    sing N N 138 
ILE N   H2   sing N N 139 
ILE CA  C    sing N N 140 
ILE CA  CB   sing N N 141 
ILE CA  HA   sing N N 142 
ILE C   O    doub N N 143 
ILE C   OXT  sing N N 144 
ILE CB  CG1  sing N N 145 
ILE CB  CG2  sing N N 146 
ILE CB  HB   sing N N 147 
ILE CG1 CD1  sing N N 148 
ILE CG1 HG12 sing N N 149 
ILE CG1 HG13 sing N N 150 
ILE CG2 HG21 sing N N 151 
ILE CG2 HG22 sing N N 152 
ILE CG2 HG23 sing N N 153 
ILE CD1 HD11 sing N N 154 
ILE CD1 HD12 sing N N 155 
ILE CD1 HD13 sing N N 156 
ILE OXT HXT  sing N N 157 
LEU N   CA   sing N N 158 
LEU N   H    sing N N 159 
LEU N   H2   sing N N 160 
LEU CA  C    sing N N 161 
LEU CA  CB   sing N N 162 
LEU CA  HA   sing N N 163 
LEU C   O    doub N N 164 
LEU C   OXT  sing N N 165 
LEU CB  CG   sing N N 166 
LEU CB  HB2  sing N N 167 
LEU CB  HB3  sing N N 168 
LEU CG  CD1  sing N N 169 
LEU CG  CD2  sing N N 170 
LEU CG  HG   sing N N 171 
LEU CD1 HD11 sing N N 172 
LEU CD1 HD12 sing N N 173 
LEU CD1 HD13 sing N N 174 
LEU CD2 HD21 sing N N 175 
LEU CD2 HD22 sing N N 176 
LEU CD2 HD23 sing N N 177 
LEU OXT HXT  sing N N 178 
LYS N   CA   sing N N 179 
LYS N   H    sing N N 180 
LYS N   H2   sing N N 181 
LYS CA  C    sing N N 182 
LYS CA  CB   sing N N 183 
LYS CA  HA   sing N N 184 
LYS C   O    doub N N 185 
LYS C   OXT  sing N N 186 
LYS CB  CG   sing N N 187 
LYS CB  HB2  sing N N 188 
LYS CB  HB3  sing N N 189 
LYS CG  CD   sing N N 190 
LYS CG  HG2  sing N N 191 
LYS CG  HG3  sing N N 192 
LYS CD  CE   sing N N 193 
LYS CD  HD2  sing N N 194 
LYS CD  HD3  sing N N 195 
LYS CE  NZ   sing N N 196 
LYS CE  HE2  sing N N 197 
LYS CE  HE3  sing N N 198 
LYS NZ  HZ1  sing N N 199 
LYS NZ  HZ2  sing N N 200 
LYS NZ  HZ3  sing N N 201 
LYS OXT HXT  sing N N 202 
MET N   CA   sing N N 203 
MET N   H    sing N N 204 
MET N   H2   sing N N 205 
MET CA  C    sing N N 206 
MET CA  CB   sing N N 207 
MET CA  HA   sing N N 208 
MET C   O    doub N N 209 
MET C   OXT  sing N N 210 
MET CB  CG   sing N N 211 
MET CB  HB2  sing N N 212 
MET CB  HB3  sing N N 213 
MET CG  SD   sing N N 214 
MET CG  HG2  sing N N 215 
MET CG  HG3  sing N N 216 
MET SD  CE   sing N N 217 
MET CE  HE1  sing N N 218 
MET CE  HE2  sing N N 219 
MET CE  HE3  sing N N 220 
MET OXT HXT  sing N N 221 
PHE N   CA   sing N N 222 
PHE N   H    sing N N 223 
PHE N   H2   sing N N 224 
PHE CA  C    sing N N 225 
PHE CA  CB   sing N N 226 
PHE CA  HA   sing N N 227 
PHE C   O    doub N N 228 
PHE C   OXT  sing N N 229 
PHE CB  CG   sing N N 230 
PHE CB  HB2  sing N N 231 
PHE CB  HB3  sing N N 232 
PHE CG  CD1  doub Y N 233 
PHE CG  CD2  sing Y N 234 
PHE CD1 CE1  sing Y N 235 
PHE CD1 HD1  sing N N 236 
PHE CD2 CE2  doub Y N 237 
PHE CD2 HD2  sing N N 238 
PHE CE1 CZ   doub Y N 239 
PHE CE1 HE1  sing N N 240 
PHE CE2 CZ   sing Y N 241 
PHE CE2 HE2  sing N N 242 
PHE CZ  HZ   sing N N 243 
PHE OXT HXT  sing N N 244 
PRO N   CA   sing N N 245 
PRO N   CD   sing N N 246 
PRO N   H    sing N N 247 
PRO CA  C    sing N N 248 
PRO CA  CB   sing N N 249 
PRO CA  HA   sing N N 250 
PRO C   O    doub N N 251 
PRO C   OXT  sing N N 252 
PRO CB  CG   sing N N 253 
PRO CB  HB2  sing N N 254 
PRO CB  HB3  sing N N 255 
PRO CG  CD   sing N N 256 
PRO CG  HG2  sing N N 257 
PRO CG  HG3  sing N N 258 
PRO CD  HD2  sing N N 259 
PRO CD  HD3  sing N N 260 
PRO OXT HXT  sing N N 261 
SER N   CA   sing N N 262 
SER N   H    sing N N 263 
SER N   H2   sing N N 264 
SER CA  C    sing N N 265 
SER CA  CB   sing N N 266 
SER CA  HA   sing N N 267 
SER C   O    doub N N 268 
SER C   OXT  sing N N 269 
SER CB  OG   sing N N 270 
SER CB  HB2  sing N N 271 
SER CB  HB3  sing N N 272 
SER OG  HG   sing N N 273 
SER OXT HXT  sing N N 274 
THR N   CA   sing N N 275 
THR N   H    sing N N 276 
THR N   H2   sing N N 277 
THR CA  C    sing N N 278 
THR CA  CB   sing N N 279 
THR CA  HA   sing N N 280 
THR C   O    doub N N 281 
THR C   OXT  sing N N 282 
THR CB  OG1  sing N N 283 
THR CB  CG2  sing N N 284 
THR CB  HB   sing N N 285 
THR OG1 HG1  sing N N 286 
THR CG2 HG21 sing N N 287 
THR CG2 HG22 sing N N 288 
THR CG2 HG23 sing N N 289 
THR OXT HXT  sing N N 290 
TRP N   CA   sing N N 291 
TRP N   H    sing N N 292 
TRP N   H2   sing N N 293 
TRP CA  C    sing N N 294 
TRP CA  CB   sing N N 295 
TRP CA  HA   sing N N 296 
TRP C   O    doub N N 297 
TRP C   OXT  sing N N 298 
TRP CB  CG   sing N N 299 
TRP CB  HB2  sing N N 300 
TRP CB  HB3  sing N N 301 
TRP CG  CD1  doub Y N 302 
TRP CG  CD2  sing Y N 303 
TRP CD1 NE1  sing Y N 304 
TRP CD1 HD1  sing N N 305 
TRP CD2 CE2  doub Y N 306 
TRP CD2 CE3  sing Y N 307 
TRP NE1 CE2  sing Y N 308 
TRP NE1 HE1  sing N N 309 
TRP CE2 CZ2  sing Y N 310 
TRP CE3 CZ3  doub Y N 311 
TRP CE3 HE3  sing N N 312 
TRP CZ2 CH2  doub Y N 313 
TRP CZ2 HZ2  sing N N 314 
TRP CZ3 CH2  sing Y N 315 
TRP CZ3 HZ3  sing N N 316 
TRP CH2 HH2  sing N N 317 
TRP OXT HXT  sing N N 318 
TYR N   CA   sing N N 319 
TYR N   H    sing N N 320 
TYR N   H2   sing N N 321 
TYR CA  C    sing N N 322 
TYR CA  CB   sing N N 323 
TYR CA  HA   sing N N 324 
TYR C   O    doub N N 325 
TYR C   OXT  sing N N 326 
TYR CB  CG   sing N N 327 
TYR CB  HB2  sing N N 328 
TYR CB  HB3  sing N N 329 
TYR CG  CD1  doub Y N 330 
TYR CG  CD2  sing Y N 331 
TYR CD1 CE1  sing Y N 332 
TYR CD1 HD1  sing N N 333 
TYR CD2 CE2  doub Y N 334 
TYR CD2 HD2  sing N N 335 
TYR CE1 CZ   doub Y N 336 
TYR CE1 HE1  sing N N 337 
TYR CE2 CZ   sing Y N 338 
TYR CE2 HE2  sing N N 339 
TYR CZ  OH   sing N N 340 
TYR OH  HH   sing N N 341 
TYR OXT HXT  sing N N 342 
VAL N   CA   sing N N 343 
VAL N   H    sing N N 344 
VAL N   H2   sing N N 345 
VAL CA  C    sing N N 346 
VAL CA  CB   sing N N 347 
VAL CA  HA   sing N N 348 
VAL C   O    doub N N 349 
VAL C   OXT  sing N N 350 
VAL CB  CG1  sing N N 351 
VAL CB  CG2  sing N N 352 
VAL CB  HB   sing N N 353 
VAL CG1 HG11 sing N N 354 
VAL CG1 HG12 sing N N 355 
VAL CG1 HG13 sing N N 356 
VAL CG2 HG21 sing N N 357 
VAL CG2 HG22 sing N N 358 
VAL CG2 HG23 sing N N 359 
VAL OXT HXT  sing N N 360 
# 
loop_
_pdbx_nmr_spectrometer.spectrometer_id 
_pdbx_nmr_spectrometer.model 
_pdbx_nmr_spectrometer.manufacturer 
_pdbx_nmr_spectrometer.field_strength 
_pdbx_nmr_spectrometer.type 
1 DMX Bruker 600 ? 
2 AMX Bruker 500 ? 
# 
_atom_sites.entry_id                    1D8K 
_atom_sites.fract_transf_matrix[1][1]   1.000000 
_atom_sites.fract_transf_matrix[1][2]   0.000000 
_atom_sites.fract_transf_matrix[1][3]   0.000000 
_atom_sites.fract_transf_matrix[2][1]   0.000000 
_atom_sites.fract_transf_matrix[2][2]   1.000000 
_atom_sites.fract_transf_matrix[2][3]   0.000000 
_atom_sites.fract_transf_matrix[3][1]   0.000000 
_atom_sites.fract_transf_matrix[3][2]   0.000000 
_atom_sites.fract_transf_matrix[3][3]   1.000000 
_atom_sites.fract_transf_vector[1]      0.00000 
_atom_sites.fract_transf_vector[2]      0.00000 
_atom_sites.fract_transf_vector[3]      0.00000 
# 
loop_
_atom_type.symbol 
C 
H 
N 
O 
S 
# 
loop_
_atom_site.group_PDB 
_atom_site.id 
_atom_site.type_symbol 
_atom_site.label_atom_id 
_atom_site.label_alt_id 
_atom_site.label_comp_id 
_atom_site.label_asym_id 
_atom_site.label_entity_id 
_atom_site.label_seq_id 
_atom_site.pdbx_PDB_ins_code 
_atom_site.Cartn_x 
_atom_site.Cartn_y 
_atom_site.Cartn_z 
_atom_site.occupancy 
_atom_site.B_iso_or_equiv 
_atom_site.pdbx_formal_charge 
_atom_site.auth_seq_id 
_atom_site.auth_comp_id 
_atom_site.auth_asym_id 
_atom_site.auth_atom_id 
_atom_site.pdbx_PDB_model_num 
ATOM 1    N N    . ALA A 1 1  ? 9.988   -17.798 -5.473  1.00 -0.26 ? 1  ALA A N    1 
ATOM 2    C CA   . ALA A 1 1  ? 9.319   -18.936 -6.128  1.00 0.15  ? 1  ALA A CA   1 
ATOM 3    C C    . ALA A 1 1  ? 8.346   -18.433 -7.188  1.00 0.62  ? 1  ALA A C    1 
ATOM 4    O O    . ALA A 1 1  ? 7.840   -17.318 -7.082  1.00 -0.50 ? 1  ALA A O    1 
ATOM 5    C CB   . ALA A 1 1  ? 8.582   -19.788 -5.093  1.00 -0.10 ? 1  ALA A CB   1 
ATOM 6    H H1   . ALA A 1 1  ? 9.292   -17.188 -5.067  1.00 0.31  ? 1  ALA A H1   1 
ATOM 7    H H2   . ALA A 1 1  ? 10.525  -17.284 -6.157  1.00 0.31  ? 1  ALA A H2   1 
ATOM 8    H H3   . ALA A 1 1  ? 10.603  -18.139 -4.748  1.00 0.31  ? 1  ALA A H3   1 
ATOM 9    H HA   . ALA A 1 1  ? 10.078  -19.553 -6.612  1.00 0.05  ? 1  ALA A HA   1 
ATOM 10   H HB1  . ALA A 1 1  ? 9.288   -20.145 -4.344  1.00 0.04  ? 1  ALA A HB1  1 
ATOM 11   H HB2  . ALA A 1 1  ? 8.118   -20.641 -5.590  1.00 0.04  ? 1  ALA A HB2  1 
ATOM 12   H HB3  . ALA A 1 1  ? 7.810   -19.188 -4.609  1.00 0.04  ? 1  ALA A HB3  1 
ATOM 13   N N    . LEU A 1 2  ? 8.085   -19.256 -8.209  1.00 -0.46 ? 2  LEU A N    1 
ATOM 14   C CA   . LEU A 1 2  ? 7.175   -18.891 -9.289  1.00 0.03  ? 2  LEU A CA   1 
ATOM 15   C C    . LEU A 1 2  ? 5.774   -18.640 -8.723  1.00 0.62  ? 2  LEU A C    1 
ATOM 16   O O    . LEU A 1 2  ? 5.138   -17.640 -9.050  1.00 -0.50 ? 2  LEU A O    1 
ATOM 17   C CB   . LEU A 1 2  ? 7.154   -20.020 -10.335 1.00 -0.06 ? 2  LEU A CB   1 
ATOM 18   C CG   . LEU A 1 2  ? 7.204   -19.435 -11.754 1.00 -0.01 ? 2  LEU A CG   1 
ATOM 19   C CD1  . LEU A 1 2  ? 7.351   -20.573 -12.766 1.00 -0.11 ? 2  LEU A CD1  1 
ATOM 20   C CD2  . LEU A 1 2  ? 5.920   -18.654 -12.051 1.00 -0.11 ? 2  LEU A CD2  1 
ATOM 21   H H    . LEU A 1 2  ? 8.527   -20.164 -8.244  1.00 0.25  ? 2  LEU A H    1 
ATOM 22   H HA   . LEU A 1 2  ? 7.538   -17.976 -9.758  1.00 0.05  ? 2  LEU A HA   1 
ATOM 23   H HB2  . LEU A 1 2  ? 8.021   -20.665 -10.187 1.00 0.03  ? 2  LEU A HB2  1 
ATOM 24   H HB3  . LEU A 1 2  ? 6.245   -20.612 -10.218 1.00 0.03  ? 2  LEU A HB3  1 
ATOM 25   H HG   . LEU A 1 2  ? 8.062   -18.765 -11.841 1.00 0.03  ? 2  LEU A HG   1 
ATOM 26   H HD11 . LEU A 1 2  ? 8.264   -21.131 -12.557 1.00 0.03  ? 2  LEU A HD11 1 
ATOM 27   H HD12 . LEU A 1 2  ? 7.404   -20.161 -13.774 1.00 0.03  ? 2  LEU A HD12 1 
ATOM 28   H HD13 . LEU A 1 2  ? 6.493   -21.241 -12.692 1.00 0.03  ? 2  LEU A HD13 1 
ATOM 29   H HD21 . LEU A 1 2  ? 5.053   -19.269 -11.807 1.00 0.03  ? 2  LEU A HD21 1 
ATOM 30   H HD22 . LEU A 1 2  ? 5.891   -18.393 -13.109 1.00 0.03  ? 2  LEU A HD22 1 
ATOM 31   H HD23 . LEU A 1 2  ? 5.899   -17.744 -11.456 1.00 0.03  ? 2  LEU A HD23 1 
ATOM 32   N N    . SER A 1 3  ? 5.301   -19.554 -7.862  1.00 -0.46 ? 3  SER A N    1 
ATOM 33   C CA   . SER A 1 3  ? 3.984   -19.441 -7.247  1.00 0.03  ? 3  SER A CA   1 
ATOM 34   C C    . SER A 1 3  ? 3.911   -18.213 -6.328  1.00 0.62  ? 3  SER A C    1 
ATOM 35   O O    . SER A 1 3  ? 2.822   -17.828 -5.909  1.00 -0.50 ? 3  SER A O    1 
ATOM 36   C CB   . SER A 1 3  ? 3.685   -20.717 -6.459  1.00 0.02  ? 3  SER A CB   1 
ATOM 37   O OG   . SER A 1 3  ? 2.347   -20.697 -6.012  1.00 -0.55 ? 3  SER A OG   1 
ATOM 38   H H    . SER A 1 3  ? 5.870   -20.354 -7.626  1.00 0.25  ? 3  SER A H    1 
ATOM 39   H HA   . SER A 1 3  ? 3.237   -19.332 -8.036  1.00 0.05  ? 3  SER A HA   1 
ATOM 40   H HB2  . SER A 1 3  ? 3.838   -21.587 -7.100  1.00 0.12  ? 3  SER A HB2  1 
ATOM 41   H HB3  . SER A 1 3  ? 4.354   -20.780 -5.599  1.00 0.12  ? 3  SER A HB3  1 
ATOM 42   H HG   . SER A 1 3  ? 2.174   -19.843 -5.599  1.00 0.31  ? 3  SER A HG   1 
ATOM 43   N N    . GLY A 1 4  ? 5.067   -17.604 -6.014  1.00 -0.46 ? 4  GLY A N    1 
ATOM 44   C CA   . GLY A 1 4  ? 5.120   -16.425 -5.166  1.00 0.03  ? 4  GLY A CA   1 
ATOM 45   C C    . GLY A 1 4  ? 5.173   -15.165 -6.026  1.00 0.62  ? 4  GLY A C    1 
ATOM 46   O O    . GLY A 1 4  ? 4.536   -14.159 -5.704  1.00 -0.50 ? 4  GLY A O    1 
ATOM 47   H H    . GLY A 1 4  ? 5.935   -17.965 -6.380  1.00 0.25  ? 4  GLY A H    1 
ATOM 48   H HA2  . GLY A 1 4  ? 4.238   -16.393 -4.529  1.00 0.03  ? 4  GLY A HA2  1 
ATOM 49   H HA3  . GLY A 1 4  ? 6.012   -16.471 -4.542  1.00 0.03  ? 4  GLY A HA3  1 
ATOM 50   N N    . SER A 1 5  ? 5.941   -15.231 -7.126  1.00 -0.46 ? 5  SER A N    1 
ATOM 51   C CA   . SER A 1 5  ? 6.106   -14.115 -8.046  1.00 0.03  ? 5  SER A CA   1 
ATOM 52   C C    . SER A 1 5  ? 4.749   -13.657 -8.583  1.00 0.62  ? 5  SER A C    1 
ATOM 53   O O    . SER A 1 5  ? 4.552   -12.467 -8.821  1.00 -0.50 ? 5  SER A O    1 
ATOM 54   C CB   . SER A 1 5  ? 7.022   -14.550 -9.195  1.00 0.02  ? 5  SER A CB   1 
ATOM 55   O OG   . SER A 1 5  ? 7.236   -13.465 -10.071 1.00 -0.55 ? 5  SER A OG   1 
ATOM 56   H H    . SER A 1 5  ? 6.433   -16.090 -7.331  1.00 0.25  ? 5  SER A H    1 
ATOM 57   H HA   . SER A 1 5  ? 6.574   -13.286 -7.515  1.00 0.05  ? 5  SER A HA   1 
ATOM 58   H HB2  . SER A 1 5  ? 7.978   -14.882 -8.790  1.00 0.12  ? 5  SER A HB2  1 
ATOM 59   H HB3  . SER A 1 5  ? 6.557   -15.370 -9.742  1.00 0.12  ? 5  SER A HB3  1 
ATOM 60   H HG   . SER A 1 5  ? 7.528   -12.708 -9.559  1.00 0.31  ? 5  SER A HG   1 
ATOM 61   N N    . SER A 1 6  ? 3.818   -14.607 -8.769  1.00 -0.46 ? 6  SER A N    1 
ATOM 62   C CA   . SER A 1 6  ? 2.480   -14.308 -9.266  1.00 0.03  ? 6  SER A CA   1 
ATOM 63   C C    . SER A 1 6  ? 1.886   -13.122 -8.503  1.00 0.62  ? 6  SER A C    1 
ATOM 64   O O    . SER A 1 6  ? 1.387   -12.178 -9.114  1.00 -0.50 ? 6  SER A O    1 
ATOM 65   C CB   . SER A 1 6  ? 1.602   -15.550 -9.103  1.00 0.02  ? 6  SER A CB   1 
ATOM 66   O OG   . SER A 1 6  ? 1.702   -16.027 -7.778  1.00 -0.55 ? 6  SER A OG   1 
ATOM 67   H H    . SER A 1 6  ? 4.041   -15.571 -8.559  1.00 0.25  ? 6  SER A H    1 
ATOM 68   H HA   . SER A 1 6  ? 2.542   -14.054 -10.325 1.00 0.05  ? 6  SER A HA   1 
ATOM 69   H HB2  . SER A 1 6  ? 0.564   -15.293 -9.321  1.00 0.12  ? 6  SER A HB2  1 
ATOM 70   H HB3  . SER A 1 6  ? 1.937   -16.325 -9.794  1.00 0.12  ? 6  SER A HB3  1 
ATOM 71   H HG   . SER A 1 6  ? 1.231   -16.862 -7.714  1.00 0.31  ? 6  SER A HG   1 
ATOM 72   N N    . GLY A 1 7  ? 1.946   -13.176 -7.166  1.00 -0.46 ? 7  GLY A N    1 
ATOM 73   C CA   . GLY A 1 7  ? 1.437   -12.107 -6.323  1.00 0.03  ? 7  GLY A CA   1 
ATOM 74   C C    . GLY A 1 7  ? 0.914   -12.672 -5.008  1.00 0.62  ? 7  GLY A C    1 
ATOM 75   O O    . GLY A 1 7  ? -0.222  -12.404 -4.625  1.00 -0.50 ? 7  GLY A O    1 
ATOM 76   H H    . GLY A 1 7  ? 2.361   -13.983 -6.719  1.00 0.25  ? 7  GLY A H    1 
ATOM 77   H HA2  . GLY A 1 7  ? 2.241   -11.403 -6.116  1.00 0.03  ? 7  GLY A HA2  1 
ATOM 78   H HA3  . GLY A 1 7  ? 0.627   -11.588 -6.838  1.00 0.03  ? 7  GLY A HA3  1 
ATOM 79   N N    . TYR A 1 8  ? 1.750   -13.455 -4.317  1.00 -0.46 ? 8  TYR A N    1 
ATOM 80   C CA   . TYR A 1 8  ? 1.373   -14.064 -3.045  1.00 0.03  ? 8  TYR A CA   1 
ATOM 81   C C    . TYR A 1 8  ? 1.610   -13.093 -1.884  1.00 0.62  ? 8  TYR A C    1 
ATOM 82   O O    . TYR A 1 8  ? 1.293   -13.405 -0.743  1.00 -0.50 ? 8  TYR A O    1 
ATOM 83   C CB   . TYR A 1 8  ? 2.188   -15.352 -2.861  1.00 -0.10 ? 8  TYR A CB   1 
ATOM 84   C CG   . TYR A 1 8  ? 2.044   -15.981 -1.491  1.00 -0.03 ? 8  TYR A CG   1 
ATOM 85   C CD1  . TYR A 1 8  ? 0.834   -16.592 -1.117  1.00 0.00  ? 8  TYR A CD1  1 
ATOM 86   C CD2  . TYR A 1 8  ? 3.122   -15.947 -0.587  1.00 0.00  ? 8  TYR A CD2  1 
ATOM 87   C CE1  . TYR A 1 8  ? 0.701   -17.166 0.159   1.00 -0.26 ? 8  TYR A CE1  1 
ATOM 88   C CE2  . TYR A 1 8  ? 2.990   -16.520 0.687   1.00 -0.26 ? 8  TYR A CE2  1 
ATOM 89   C CZ   . TYR A 1 8  ? 1.778   -17.130 1.061   1.00 0.46  ? 8  TYR A CZ   1 
ATOM 90   O OH   . TYR A 1 8  ? 1.648   -17.686 2.300   1.00 -0.53 ? 8  TYR A OH   1 
ATOM 91   H H    . TYR A 1 8  ? 2.678   -13.641 -4.680  1.00 0.25  ? 8  TYR A H    1 
ATOM 92   H HA   . TYR A 1 8  ? 0.322   -14.307 -3.076  1.00 0.05  ? 8  TYR A HA   1 
ATOM 93   H HB2  . TYR A 1 8  ? 1.872   -16.074 -3.613  1.00 0.04  ? 8  TYR A HB2  1 
ATOM 94   H HB3  . TYR A 1 8  ? 3.240   -15.117 -3.025  1.00 0.04  ? 8  TYR A HB3  1 
ATOM 95   H HD1  . TYR A 1 8  ? 0.004   -16.618 -1.809  1.00 0.06  ? 8  TYR A HD1  1 
ATOM 96   H HD2  . TYR A 1 8  ? 4.051   -15.477 -0.871  1.00 0.06  ? 8  TYR A HD2  1 
ATOM 97   H HE1  . TYR A 1 8  ? -0.229  -17.633 0.447   1.00 0.10  ? 8  TYR A HE1  1 
ATOM 98   H HE2  . TYR A 1 8  ? 3.817   -16.492 1.380   1.00 0.10  ? 8  TYR A HE2  1 
ATOM 99   H HH   . TYR A 1 8  ? 2.451   -17.634 2.821   1.00 0.33  ? 8  TYR A HH   1 
ATOM 100  N N    . LYS A 1 9  ? 2.170   -11.926 -2.190  1.00 -0.46 ? 9  LYS A N    1 
ATOM 101  C CA   . LYS A 1 9  ? 2.502   -10.909 -1.192  1.00 0.03  ? 9  LYS A CA   1 
ATOM 102  C C    . LYS A 1 9  ? 3.071   -9.686  -1.910  1.00 0.62  ? 9  LYS A C    1 
ATOM 103  O O    . LYS A 1 9  ? 2.576   -8.571  -1.753  1.00 -0.50 ? 9  LYS A O    1 
ATOM 104  C CB   . LYS A 1 9  ? 3.548   -11.482 -0.207  1.00 -0.10 ? 9  LYS A CB   1 
ATOM 105  C CG   . LYS A 1 9  ? 2.929   -11.669 1.187   1.00 -0.16 ? 9  LYS A CG   1 
ATOM 106  C CD   . LYS A 1 9  ? 3.948   -12.310 2.140   1.00 -0.18 ? 9  LYS A CD   1 
ATOM 107  C CE   . LYS A 1 9  ? 5.198   -11.427 2.250   1.00 -0.04 ? 9  LYS A CE   1 
ATOM 108  N NZ   . LYS A 1 9  ? 5.785   -11.494 3.603   1.00 -0.14 ? 9  LYS A NZ   1 
ATOM 109  H H    . LYS A 1 9  ? 2.379   -11.735 -3.150  1.00 0.25  ? 9  LYS A H    1 
ATOM 110  H HA   . LYS A 1 9  ? 1.602   -10.616 -0.643  1.00 0.05  ? 9  LYS A HA   1 
ATOM 111  H HB2  . LYS A 1 9  ? 3.909   -12.443 -0.574  1.00 0.04  ? 9  LYS A HB2  1 
ATOM 112  H HB3  . LYS A 1 9  ? 4.388   -10.790 -0.136  1.00 0.04  ? 9  LYS A HB3  1 
ATOM 113  H HG2  . LYS A 1 9  ? 2.630   -10.705 1.579   1.00 0.12  ? 9  LYS A HG2  1 
ATOM 114  H HG3  . LYS A 1 9  ? 2.055   -12.309 1.117   1.00 0.12  ? 9  LYS A HG3  1 
ATOM 115  H HD2  . LYS A 1 9  ? 3.493   -12.421 3.125   1.00 0.12  ? 9  LYS A HD2  1 
ATOM 116  H HD3  . LYS A 1 9  ? 4.229   -13.294 1.761   1.00 0.12  ? 9  LYS A HD3  1 
ATOM 117  H HE2  . LYS A 1 9  ? 5.938   -11.762 1.522   1.00 0.10  ? 9  LYS A HE2  1 
ATOM 118  H HE3  . LYS A 1 9  ? 4.928   -10.398 2.034   1.00 0.10  ? 9  LYS A HE3  1 
ATOM 119  H HZ1  . LYS A 1 9  ? 6.029   -12.450 3.818   1.00 0.29  ? 9  LYS A HZ1  1 
ATOM 120  H HZ2  . LYS A 1 9  ? 6.616   -10.918 3.638   1.00 0.29  ? 9  LYS A HZ2  1 
ATOM 121  H HZ3  . LYS A 1 9  ? 5.115   -11.156 4.279   1.00 0.29  ? 9  LYS A HZ3  1 
ATOM 122  N N    . PHE A 1 10 ? 4.125   -9.916  -2.697  1.00 -0.46 ? 10 PHE A N    1 
ATOM 123  C CA   . PHE A 1 10 ? 4.823   -8.862  -3.417  1.00 0.03  ? 10 PHE A CA   1 
ATOM 124  C C    . PHE A 1 10 ? 3.897   -8.168  -4.414  1.00 0.62  ? 10 PHE A C    1 
ATOM 125  O O    . PHE A 1 10 ? 3.877   -6.946  -4.480  1.00 -0.50 ? 10 PHE A O    1 
ATOM 126  C CB   . PHE A 1 10 ? 6.032   -9.475  -4.129  1.00 -0.10 ? 10 PHE A CB   1 
ATOM 127  C CG   . PHE A 1 10 ? 6.762   -10.488 -3.271  1.00 -0.10 ? 10 PHE A CG   1 
ATOM 128  C CD1  . PHE A 1 10 ? 7.327   -10.092 -2.043  1.00 -0.15 ? 10 PHE A CD1  1 
ATOM 129  C CD2  . PHE A 1 10 ? 6.850   -11.831 -3.684  1.00 -0.15 ? 10 PHE A CD2  1 
ATOM 130  C CE1  . PHE A 1 10 ? 7.979   -11.038 -1.233  1.00 -0.15 ? 10 PHE A CE1  1 
ATOM 131  C CE2  . PHE A 1 10 ? 7.501   -12.775 -2.872  1.00 -0.15 ? 10 PHE A CE2  1 
ATOM 132  C CZ   . PHE A 1 10 ? 8.065   -12.379 -1.647  1.00 -0.15 ? 10 PHE A CZ   1 
ATOM 133  H H    . PHE A 1 10 ? 4.469   -10.860 -2.794  1.00 0.25  ? 10 PHE A H    1 
ATOM 134  H HA   . PHE A 1 10 ? 5.178   -8.124  -2.697  1.00 0.05  ? 10 PHE A HA   1 
ATOM 135  H HB2  . PHE A 1 10 ? 5.692   -9.966  -5.041  1.00 0.11  ? 10 PHE A HB2  1 
ATOM 136  H HB3  . PHE A 1 10 ? 6.723   -8.677  -4.399  1.00 0.11  ? 10 PHE A HB3  1 
ATOM 137  H HD1  . PHE A 1 10 ? 7.252   -9.062  -1.721  1.00 0.15  ? 10 PHE A HD1  1 
ATOM 138  H HD2  . PHE A 1 10 ? 6.411   -12.139 -4.622  1.00 0.15  ? 10 PHE A HD2  1 
ATOM 139  H HE1  . PHE A 1 10 ? 8.409   -10.734 -0.290  1.00 0.15  ? 10 PHE A HE1  1 
ATOM 140  H HE2  . PHE A 1 10 ? 7.566   -13.805 -3.188  1.00 0.15  ? 10 PHE A HE2  1 
ATOM 141  H HZ   . PHE A 1 10 ? 8.563   -13.107 -1.022  1.00 0.15  ? 10 PHE A HZ   1 
ATOM 142  N N    . GLY A 1 11 ? 3.136   -8.947  -5.190  1.00 -0.46 ? 11 GLY A N    1 
ATOM 143  C CA   . GLY A 1 11 ? 2.224   -8.394  -6.184  1.00 0.03  ? 11 GLY A CA   1 
ATOM 144  C C    . GLY A 1 11 ? 1.213   -7.460  -5.521  1.00 0.62  ? 11 GLY A C    1 
ATOM 145  O O    . GLY A 1 11 ? 1.006   -6.336  -5.981  1.00 -0.50 ? 11 GLY A O    1 
ATOM 146  H H    . GLY A 1 11 ? 3.188   -9.949  -5.095  1.00 0.25  ? 11 GLY A H    1 
ATOM 147  H HA2  . GLY A 1 11 ? 2.796   -7.837  -6.928  1.00 0.03  ? 11 GLY A HA2  1 
ATOM 148  H HA3  . GLY A 1 11 ? 1.691   -9.206  -6.677  1.00 0.03  ? 11 GLY A HA3  1 
ATOM 149  N N    . VAL A 1 12 ? 0.588   -7.930  -4.437  1.00 -0.46 ? 12 VAL A N    1 
ATOM 150  C CA   . VAL A 1 12 ? -0.395  -7.147  -3.702  1.00 0.03  ? 12 VAL A CA   1 
ATOM 151  C C    . VAL A 1 12 ? 0.234   -5.828  -3.242  1.00 0.62  ? 12 VAL A C    1 
ATOM 152  O O    . VAL A 1 12 ? -0.323  -4.756  -3.477  1.00 -0.50 ? 12 VAL A O    1 
ATOM 153  C CB   . VAL A 1 12 ? -0.898  -7.981  -2.507  1.00 -0.01 ? 12 VAL A CB   1 
ATOM 154  C CG1  . VAL A 1 12 ? -1.694  -7.099  -1.542  1.00 -0.09 ? 12 VAL A CG1  1 
ATOM 155  C CG2  . VAL A 1 12 ? -1.799  -9.110  -3.017  1.00 -0.09 ? 12 VAL A CG2  1 
ATOM 156  H H    . VAL A 1 12 ? 0.798   -8.859  -4.107  1.00 0.25  ? 12 VAL A H    1 
ATOM 157  H HA   . VAL A 1 12 ? -1.236  -6.927  -4.360  1.00 0.05  ? 12 VAL A HA   1 
ATOM 158  H HB   . VAL A 1 12 ? -0.045  -8.414  -1.979  1.00 0.02  ? 12 VAL A HB   1 
ATOM 159  H HG11 . VAL A 1 12 ? -1.020  -6.412  -1.033  1.00 0.03  ? 12 VAL A HG11 1 
ATOM 160  H HG12 . VAL A 1 12 ? -2.191  -7.727  -0.802  1.00 0.03  ? 12 VAL A HG12 1 
ATOM 161  H HG13 . VAL A 1 12 ? -2.440  -6.534  -2.096  1.00 0.03  ? 12 VAL A HG13 1 
ATOM 162  H HG21 . VAL A 1 12 ? -2.663  -8.683  -3.531  1.00 0.03  ? 12 VAL A HG21 1 
ATOM 163  H HG22 . VAL A 1 12 ? -2.142  -9.711  -2.174  1.00 0.03  ? 12 VAL A HG22 1 
ATOM 164  H HG23 . VAL A 1 12 ? -1.241  -9.741  -3.708  1.00 0.03  ? 12 VAL A HG23 1 
ATOM 165  N N    . LEU A 1 13 ? 1.394   -5.913  -2.585  1.00 -0.46 ? 13 LEU A N    1 
ATOM 166  C CA   . LEU A 1 13 ? 2.092   -4.740  -2.076  1.00 0.03  ? 13 LEU A CA   1 
ATOM 167  C C    . LEU A 1 13 ? 2.465   -3.789  -3.217  1.00 0.62  ? 13 LEU A C    1 
ATOM 168  O O    . LEU A 1 13 ? 2.326   -2.577  -3.080  1.00 -0.50 ? 13 LEU A O    1 
ATOM 169  C CB   . LEU A 1 13 ? 3.337   -5.210  -1.316  1.00 -0.06 ? 13 LEU A CB   1 
ATOM 170  C CG   . LEU A 1 13 ? 4.162   -4.016  -0.815  1.00 -0.01 ? 13 LEU A CG   1 
ATOM 171  C CD1  . LEU A 1 13 ? 3.302   -3.120  0.082   1.00 -0.11 ? 13 LEU A CD1  1 
ATOM 172  C CD2  . LEU A 1 13 ? 5.355   -4.540  -0.013  1.00 -0.11 ? 13 LEU A CD2  1 
ATOM 173  H H    . LEU A 1 13 ? 1.812   -6.824  -2.428  1.00 0.25  ? 13 LEU A H    1 
ATOM 174  H HA   . LEU A 1 13 ? 1.434   -4.219  -1.384  1.00 0.05  ? 13 LEU A HA   1 
ATOM 175  H HB2  . LEU A 1 13 ? 3.024   -5.810  -0.465  1.00 0.03  ? 13 LEU A HB2  1 
ATOM 176  H HB3  . LEU A 1 13 ? 3.954   -5.820  -1.978  1.00 0.03  ? 13 LEU A HB3  1 
ATOM 177  H HG   . LEU A 1 13 ? 4.526   -3.437  -1.664  1.00 0.03  ? 13 LEU A HG   1 
ATOM 178  H HD11 . LEU A 1 13 ? 2.603   -2.552  -0.528  1.00 0.03  ? 13 LEU A HD11 1 
ATOM 179  H HD12 . LEU A 1 13 ? 3.945   -2.430  0.629   1.00 0.03  ? 13 LEU A HD12 1 
ATOM 180  H HD13 . LEU A 1 13 ? 2.749   -3.738  0.789   1.00 0.03  ? 13 LEU A HD13 1 
ATOM 181  H HD21 . LEU A 1 13 ? 4.996   -5.130  0.831   1.00 0.03  ? 13 LEU A HD21 1 
ATOM 182  H HD22 . LEU A 1 13 ? 5.945   -3.700  0.356   1.00 0.03  ? 13 LEU A HD22 1 
ATOM 183  H HD23 . LEU A 1 13 ? 5.977   -5.165  -0.654  1.00 0.03  ? 13 LEU A HD23 1 
ATOM 184  N N    . ALA A 1 14 ? 2.942   -4.334  -4.337  1.00 -0.46 ? 14 ALA A N    1 
ATOM 185  C CA   . ALA A 1 14 ? 3.350   -3.528  -5.477  1.00 0.03  ? 14 ALA A CA   1 
ATOM 186  C C    . ALA A 1 14 ? 2.163   -2.742  -6.029  1.00 0.62  ? 14 ALA A C    1 
ATOM 187  O O    . ALA A 1 14 ? 2.299   -1.560  -6.340  1.00 -0.50 ? 14 ALA A O    1 
ATOM 188  C CB   . ALA A 1 14 ? 3.943   -4.439  -6.555  1.00 -0.10 ? 14 ALA A CB   1 
ATOM 189  H H    . ALA A 1 14 ? 3.031   -5.338  -4.404  1.00 0.25  ? 14 ALA A H    1 
ATOM 190  H HA   . ALA A 1 14 ? 4.119   -2.820  -5.153  1.00 0.05  ? 14 ALA A HA   1 
ATOM 191  H HB1  . ALA A 1 14 ? 4.807   -4.966  -6.151  1.00 0.04  ? 14 ALA A HB1  1 
ATOM 192  H HB2  . ALA A 1 14 ? 4.254   -3.836  -7.408  1.00 0.04  ? 14 ALA A HB2  1 
ATOM 193  H HB3  . ALA A 1 14 ? 3.194   -5.161  -6.876  1.00 0.04  ? 14 ALA A HB3  1 
ATOM 194  N N    . LYS A 1 15 ? 0.996   -3.392  -6.153  1.00 -0.46 ? 15 LYS A N    1 
ATOM 195  C CA   . LYS A 1 15 ? -0.187  -2.733  -6.675  1.00 0.03  ? 15 LYS A CA   1 
ATOM 196  C C    . LYS A 1 15 ? -0.635  -1.646  -5.704  1.00 0.62  ? 15 LYS A C    1 
ATOM 197  O O    . LYS A 1 15 ? -1.073  -0.583  -6.132  1.00 -0.50 ? 15 LYS A O    1 
ATOM 198  C CB   . LYS A 1 15 ? -1.295  -3.765  -6.903  1.00 -0.10 ? 15 LYS A CB   1 
ATOM 199  C CG   . LYS A 1 15 ? -2.491  -3.090  -7.585  1.00 -0.16 ? 15 LYS A CG   1 
ATOM 200  C CD   . LYS A 1 15 ? -3.365  -4.153  -8.258  1.00 -0.18 ? 15 LYS A CD   1 
ATOM 201  C CE   . LYS A 1 15 ? -4.661  -3.517  -8.774  1.00 -0.04 ? 15 LYS A CE   1 
ATOM 202  N NZ   . LYS A 1 15 ? -4.394  -2.540  -9.844  1.00 -0.14 ? 15 LYS A NZ   1 
ATOM 203  H H    . LYS A 1 15 ? 0.924   -4.363  -5.878  1.00 0.25  ? 15 LYS A H    1 
ATOM 204  H HA   . LYS A 1 15 ? 0.064   -2.271  -7.630  1.00 0.05  ? 15 LYS A HA   1 
ATOM 205  H HB2  . LYS A 1 15 ? -0.917  -4.564  -7.541  1.00 0.04  ? 15 LYS A HB2  1 
ATOM 206  H HB3  . LYS A 1 15 ? -1.608  -4.184  -5.946  1.00 0.04  ? 15 LYS A HB3  1 
ATOM 207  H HG2  . LYS A 1 15 ? -3.077  -2.554  -6.839  1.00 0.12  ? 15 LYS A HG2  1 
ATOM 208  H HG3  . LYS A 1 15 ? -2.130  -2.388  -8.337  1.00 0.12  ? 15 LYS A HG3  1 
ATOM 209  H HD2  . LYS A 1 15 ? -2.820  -4.599  -9.091  1.00 0.12  ? 15 LYS A HD2  1 
ATOM 210  H HD3  . LYS A 1 15 ? -3.610  -4.926  -7.533  1.00 0.12  ? 15 LYS A HD3  1 
ATOM 211  H HE2  . LYS A 1 15 ? -5.312  -4.302  -9.164  1.00 0.10  ? 15 LYS A HE2  1 
ATOM 212  H HE3  . LYS A 1 15 ? -5.167  -3.016  -7.950  1.00 0.10  ? 15 LYS A HE3  1 
ATOM 213  H HZ1  . LYS A 1 15 ? -3.900  -2.993  -10.601 1.00 0.29  ? 15 LYS A HZ1  1 
ATOM 214  H HZ2  . LYS A 1 15 ? -5.268  -2.169  -10.187 1.00 0.29  ? 15 LYS A HZ2  1 
ATOM 215  H HZ3  . LYS A 1 15 ? -3.830  -1.786  -9.478  1.00 0.29  ? 15 LYS A HZ3  1 
ATOM 216  N N    . ILE A 1 16 ? -0.518  -1.912  -4.397  1.00 -0.46 ? 16 ILE A N    1 
ATOM 217  C CA   . ILE A 1 16 ? -0.886  -0.942  -3.380  1.00 0.03  ? 16 ILE A CA   1 
ATOM 218  C C    . ILE A 1 16 ? 0.026   0.280   -3.485  1.00 0.62  ? 16 ILE A C    1 
ATOM 219  O O    . ILE A 1 16 ? -0.458  1.405   -3.541  1.00 -0.50 ? 16 ILE A O    1 
ATOM 220  C CB   . ILE A 1 16 ? -0.796  -1.593  -1.990  1.00 -0.01 ? 16 ILE A CB   1 
ATOM 221  C CG1  . ILE A 1 16 ? -1.989  -2.546  -1.798  1.00 -0.05 ? 16 ILE A CG1  1 
ATOM 222  C CG2  . ILE A 1 16 ? -0.820  -0.504  -0.910  1.00 -0.08 ? 16 ILE A CG2  1 
ATOM 223  C CD1  . ILE A 1 16 ? -1.709  -3.522  -0.654  1.00 -0.08 ? 16 ILE A CD1  1 
ATOM 224  H H    . ILE A 1 16 ? -0.159  -2.811  -4.097  1.00 0.25  ? 16 ILE A H    1 
ATOM 225  H HA   . ILE A 1 16 ? -1.912  -0.624  -3.552  1.00 0.05  ? 16 ILE A HA   1 
ATOM 226  H HB   . ILE A 1 16 ? 0.133   -2.155  -1.913  1.00 0.02  ? 16 ILE A HB   1 
ATOM 227  H HG12 . ILE A 1 16 ? -2.882  -1.969  -1.567  1.00 0.03  ? 16 ILE A HG12 1 
ATOM 228  H HG13 . ILE A 1 16 ? -2.154  -3.111  -2.719  1.00 0.03  ? 16 ILE A HG13 1 
ATOM 229  H HG21 . ILE A 1 16 ? 0.142   0.010   -0.888  1.00 0.03  ? 16 ILE A HG21 1 
ATOM 230  H HG22 . ILE A 1 16 ? -1.007  -0.953  0.063   1.00 0.03  ? 16 ILE A HG22 1 
ATOM 231  H HG23 . ILE A 1 16 ? -1.608  0.215   -1.135  1.00 0.03  ? 16 ILE A HG23 1 
ATOM 232  H HD11 . ILE A 1 16 ? -0.766  -4.035  -0.834  1.00 0.03  ? 16 ILE A HD11 1 
ATOM 233  H HD12 . ILE A 1 16 ? -2.514  -4.254  -0.598  1.00 0.03  ? 16 ILE A HD12 1 
ATOM 234  H HD13 . ILE A 1 16 ? -1.650  -2.977  0.286   1.00 0.03  ? 16 ILE A HD13 1 
ATOM 235  N N    . VAL A 1 17 ? 1.342   0.055   -3.515  1.00 -0.46 ? 17 VAL A N    1 
ATOM 236  C CA   . VAL A 1 17 ? 2.314   1.135   -3.624  1.00 0.03  ? 17 VAL A CA   1 
ATOM 237  C C    . VAL A 1 17 ? 2.058   1.937   -4.905  1.00 0.62  ? 17 VAL A C    1 
ATOM 238  O O    . VAL A 1 17 ? 2.096   3.167   -4.884  1.00 -0.50 ? 17 VAL A O    1 
ATOM 239  C CB   . VAL A 1 17 ? 3.734   0.536   -3.599  1.00 -0.01 ? 17 VAL A CB   1 
ATOM 240  C CG1  . VAL A 1 17 ? 4.724   1.457   -4.318  1.00 -0.09 ? 17 VAL A CG1  1 
ATOM 241  C CG2  . VAL A 1 17 ? 4.183   0.356   -2.146  1.00 -0.09 ? 17 VAL A CG2  1 
ATOM 242  H H    . VAL A 1 17 ? 1.687   -0.894  -3.463  1.00 0.25  ? 17 VAL A H    1 
ATOM 243  H HA   . VAL A 1 17 ? 2.197   1.802   -2.768  1.00 0.05  ? 17 VAL A HA   1 
ATOM 244  H HB   . VAL A 1 17 ? 3.725   -0.434  -4.096  1.00 0.02  ? 17 VAL A HB   1 
ATOM 245  H HG11 . VAL A 1 17 ? 4.523   1.446   -5.389  1.00 0.03  ? 17 VAL A HG11 1 
ATOM 246  H HG12 . VAL A 1 17 ? 5.740   1.102   -4.141  1.00 0.03  ? 17 VAL A HG12 1 
ATOM 247  H HG13 . VAL A 1 17 ? 4.624   2.474   -3.936  1.00 0.03  ? 17 VAL A HG13 1 
ATOM 248  H HG21 . VAL A 1 17 ? 4.290   1.334   -1.672  1.00 0.03  ? 17 VAL A HG21 1 
ATOM 249  H HG22 . VAL A 1 17 ? 5.141   -0.163  -2.124  1.00 0.03  ? 17 VAL A HG22 1 
ATOM 250  H HG23 . VAL A 1 17 ? 3.441   -0.231  -1.604  1.00 0.03  ? 17 VAL A HG23 1 
ATOM 251  N N    . ASN A 1 18 ? 1.798   1.240   -6.018  1.00 -0.46 ? 18 ASN A N    1 
ATOM 252  C CA   . ASN A 1 18 ? 1.543   1.892   -7.294  1.00 0.03  ? 18 ASN A CA   1 
ATOM 253  C C    . ASN A 1 18 ? 0.291   2.765   -7.200  1.00 0.62  ? 18 ASN A C    1 
ATOM 254  O O    . ASN A 1 18 ? 0.320   3.930   -7.587  1.00 -0.50 ? 18 ASN A O    1 
ATOM 255  C CB   . ASN A 1 18 ? 1.382   0.835   -8.387  1.00 -0.09 ? 18 ASN A CB   1 
ATOM 256  C CG   . ASN A 1 18 ? 1.168   1.493   -9.746  1.00 0.68  ? 18 ASN A CG   1 
ATOM 257  O OD1  . ASN A 1 18 ? 0.043   1.824   -10.109 1.00 -0.47 ? 18 ASN A OD1  1 
ATOM 258  N ND2  . ASN A 1 18 ? 2.253   1.684   -10.499 1.00 -0.87 ? 18 ASN A ND2  1 
ATOM 259  H H    . ASN A 1 18 ? 1.777   0.228   -5.984  1.00 0.25  ? 18 ASN A H    1 
ATOM 260  H HA   . ASN A 1 18 ? 2.395   2.526   -7.541  1.00 0.05  ? 18 ASN A HA   1 
ATOM 261  H HB2  . ASN A 1 18 ? 2.278   0.216   -8.424  1.00 0.04  ? 18 ASN A HB2  1 
ATOM 262  H HB3  . ASN A 1 18 ? 0.522   0.205   -8.156  1.00 0.04  ? 18 ASN A HB3  1 
ATOM 263  H HD21 . ASN A 1 18 ? 3.160   1.400   -10.159 1.00 0.34  ? 18 ASN A HD21 1 
ATOM 264  H HD22 . ASN A 1 18 ? 2.163   2.109   -11.410 1.00 0.34  ? 18 ASN A HD22 1 
ATOM 265  N N    . TYR A 1 19 ? -0.805  2.196   -6.688  1.00 -0.46 ? 19 TYR A N    1 
ATOM 266  C CA   . TYR A 1 19 ? -2.060  2.917   -6.545  1.00 0.03  ? 19 TYR A CA   1 
ATOM 267  C C    . TYR A 1 19 ? -1.857  4.151   -5.664  1.00 0.62  ? 19 TYR A C    1 
ATOM 268  O O    . TYR A 1 19 ? -2.200  5.260   -6.066  1.00 -0.50 ? 19 TYR A O    1 
ATOM 269  C CB   . TYR A 1 19 ? -3.117  1.983   -5.939  1.00 -0.10 ? 19 TYR A CB   1 
ATOM 270  C CG   . TYR A 1 19 ? -4.143  2.711   -5.098  1.00 -0.03 ? 19 TYR A CG   1 
ATOM 271  C CD1  . TYR A 1 19 ? -5.048  3.598   -5.703  1.00 0.00  ? 19 TYR A CD1  1 
ATOM 272  C CD2  . TYR A 1 19 ? -4.168  2.522   -3.705  1.00 0.00  ? 19 TYR A CD2  1 
ATOM 273  C CE1  . TYR A 1 19 ? -5.974  4.298   -4.917  1.00 -0.26 ? 19 TYR A CE1  1 
ATOM 274  C CE2  . TYR A 1 19 ? -5.096  3.223   -2.921  1.00 -0.26 ? 19 TYR A CE2  1 
ATOM 275  C CZ   . TYR A 1 19 ? -5.995  4.112   -3.524  1.00 0.46  ? 19 TYR A CZ   1 
ATOM 276  O OH   . TYR A 1 19 ? -6.884  4.800   -2.757  1.00 -0.53 ? 19 TYR A OH   1 
ATOM 277  H H    . TYR A 1 19 ? -0.771  1.232   -6.386  1.00 0.25  ? 19 TYR A H    1 
ATOM 278  H HA   . TYR A 1 19 ? -2.398  3.241   -7.531  1.00 0.05  ? 19 TYR A HA   1 
ATOM 279  H HB2  . TYR A 1 19 ? -3.631  1.462   -6.747  1.00 0.04  ? 19 TYR A HB2  1 
ATOM 280  H HB3  . TYR A 1 19 ? -2.616  1.247   -5.312  1.00 0.04  ? 19 TYR A HB3  1 
ATOM 281  H HD1  . TYR A 1 19 ? -5.025  3.748   -6.773  1.00 0.06  ? 19 TYR A HD1  1 
ATOM 282  H HD2  . TYR A 1 19 ? -3.470  1.844   -3.239  1.00 0.06  ? 19 TYR A HD2  1 
ATOM 283  H HE1  . TYR A 1 19 ? -6.665  4.983   -5.381  1.00 0.10  ? 19 TYR A HE1  1 
ATOM 284  H HE2  . TYR A 1 19 ? -5.112  3.084   -1.851  1.00 0.10  ? 19 TYR A HE2  1 
ATOM 285  H HH   . TYR A 1 19 ? -7.772  4.418   -2.772  1.00 0.33  ? 19 TYR A HH   1 
ATOM 286  N N    . MET A 1 20 ? -1.302  3.949   -4.464  1.00 -0.46 ? 20 MET A N    1 
ATOM 287  C CA   . MET A 1 20 ? -1.062  5.032   -3.519  1.00 0.03  ? 20 MET A CA   1 
ATOM 288  C C    . MET A 1 20 ? -0.230  6.127   -4.179  1.00 0.62  ? 20 MET A C    1 
ATOM 289  O O    . MET A 1 20 ? -0.524  7.306   -4.009  1.00 -0.50 ? 20 MET A O    1 
ATOM 290  C CB   . MET A 1 20 ? -0.353  4.471   -2.280  1.00 -0.15 ? 20 MET A CB   1 
ATOM 291  C CG   . MET A 1 20 ? -1.346  3.685   -1.413  1.00 -0.05 ? 20 MET A CG   1 
ATOM 292  S SD   . MET A 1 20 ? -2.670  4.692   -0.688  1.00 0.74  ? 20 MET A SD   1 
ATOM 293  C CE   . MET A 1 20 ? -1.710  5.639   0.518   1.00 -0.13 ? 20 MET A CE   1 
ATOM 294  H H    . MET A 1 20 ? -1.038  3.013   -4.191  1.00 0.25  ? 20 MET A H    1 
ATOM 295  H HA   . MET A 1 20 ? -2.018  5.462   -3.218  1.00 0.05  ? 20 MET A HA   1 
ATOM 296  H HB2  . MET A 1 20 ? 0.457   3.811   -2.592  1.00 0.03  ? 20 MET A HB2  1 
ATOM 297  H HB3  . MET A 1 20 ? 0.057   5.287   -1.700  1.00 0.03  ? 20 MET A HB3  1 
ATOM 298  H HG2  . MET A 1 20 ? -1.802  2.910   -2.025  1.00 0.07  ? 20 MET A HG2  1 
ATOM 299  H HG3  . MET A 1 20 ? -0.795  3.205   -0.604  1.00 0.07  ? 20 MET A HG3  1 
ATOM 300  H HE1  . MET A 1 20 ? -1.178  4.955   1.180   1.00 0.07  ? 20 MET A HE1  1 
ATOM 301  H HE2  . MET A 1 20 ? -2.383  6.262   1.105   1.00 0.07  ? 20 MET A HE2  1 
ATOM 302  H HE3  . MET A 1 20 ? -0.994  6.272   -0.002  1.00 0.07  ? 20 MET A HE3  1 
ATOM 303  N N    . LYS A 1 21 ? 0.804   5.741   -4.937  1.00 -0.46 ? 21 LYS A N    1 
ATOM 304  C CA   . LYS A 1 21 ? 1.642   6.702   -5.632  1.00 0.03  ? 21 LYS A CA   1 
ATOM 305  C C    . LYS A 1 21 ? 0.801   7.515   -6.598  1.00 0.62  ? 21 LYS A C    1 
ATOM 306  O O    . LYS A 1 21 ? 0.685   8.716   -6.450  1.00 -0.50 ? 21 LYS A O    1 
ATOM 307  C CB   . LYS A 1 21 ? 2.744   5.978   -6.402  1.00 -0.10 ? 21 LYS A CB   1 
ATOM 308  C CG   . LYS A 1 21 ? 3.488   6.990   -7.289  1.00 -0.16 ? 21 LYS A CG   1 
ATOM 309  C CD   . LYS A 1 21 ? 4.701   6.333   -7.945  1.00 -0.18 ? 21 LYS A CD   1 
ATOM 310  C CE   . LYS A 1 21 ? 4.298   5.036   -8.649  1.00 -0.04 ? 21 LYS A CE   1 
ATOM 311  N NZ   . LYS A 1 21 ? 3.152   5.239   -9.562  1.00 -0.14 ? 21 LYS A NZ   1 
ATOM 312  H H    . LYS A 1 21 ? 1.013   4.756   -5.039  1.00 0.25  ? 21 LYS A H    1 
ATOM 313  H HA   . LYS A 1 21 ? 2.095   7.374   -4.903  1.00 0.05  ? 21 LYS A HA   1 
ATOM 314  H HB2  . LYS A 1 21 ? 3.440   5.521   -5.707  1.00 0.04  ? 21 LYS A HB2  1 
ATOM 315  H HB3  . LYS A 1 21 ? 2.300   5.208   -7.023  1.00 0.04  ? 21 LYS A HB3  1 
ATOM 316  H HG2  . LYS A 1 21 ? 2.820   7.361   -8.064  1.00 0.12  ? 21 LYS A HG2  1 
ATOM 317  H HG3  . LYS A 1 21 ? 3.823   7.827   -6.676  1.00 0.12  ? 21 LYS A HG3  1 
ATOM 318  H HD2  . LYS A 1 21 ? 5.128   7.021   -8.672  1.00 0.12  ? 21 LYS A HD2  1 
ATOM 319  H HD3  . LYS A 1 21 ? 5.444   6.110   -7.180  1.00 0.12  ? 21 LYS A HD3  1 
ATOM 320  H HE2  . LYS A 1 21 ? 5.147   4.671   -9.222  1.00 0.10  ? 21 LYS A HE2  1 
ATOM 321  H HE3  . LYS A 1 21 ? 4.034   4.295   -7.897  1.00 0.10  ? 21 LYS A HE3  1 
ATOM 322  H HZ1  . LYS A 1 21 ? 3.375   5.962   -10.230 1.00 0.29  ? 21 LYS A HZ1  1 
ATOM 323  H HZ2  . LYS A 1 21 ? 2.956   4.377   -10.053 1.00 0.29  ? 21 LYS A HZ2  1 
ATOM 324  H HZ3  . LYS A 1 21 ? 2.337   5.513   -9.030  1.00 0.29  ? 21 LYS A HZ3  1 
ATOM 325  N N    . THR A 1 22 ? 0.234   6.843   -7.599  1.00 -0.46 ? 22 THR A N    1 
ATOM 326  C CA   . THR A 1 22 ? -0.564  7.487   -8.630  1.00 0.03  ? 22 THR A CA   1 
ATOM 327  C C    . THR A 1 22 ? -1.632  8.403   -8.013  1.00 0.62  ? 22 THR A C    1 
ATOM 328  O O    . THR A 1 22 ? -1.829  9.520   -8.482  1.00 -0.50 ? 22 THR A O    1 
ATOM 329  C CB   . THR A 1 22 ? -1.198  6.401   -9.504  1.00 0.17  ? 22 THR A CB   1 
ATOM 330  O OG1  . THR A 1 22 ? -0.199  5.479   -9.898  1.00 -0.55 ? 22 THR A OG1  1 
ATOM 331  C CG2  . THR A 1 22 ? -1.821  7.029   -10.750 1.00 -0.19 ? 22 THR A CG2  1 
ATOM 332  H H    . THR A 1 22 ? 0.370   5.841   -7.662  1.00 0.25  ? 22 THR A H    1 
ATOM 333  H HA   . THR A 1 22 ? 0.098   8.095   -9.252  1.00 0.05  ? 22 THR A HA   1 
ATOM 334  H HB   . THR A 1 22 ? -1.969  5.877   -8.934  1.00 0.08  ? 22 THR A HB   1 
ATOM 335  H HG1  . THR A 1 22 ? -0.629  4.678   -10.210 1.00 0.31  ? 22 THR A HG1  1 
ATOM 336  H HG21 . THR A 1 22 ? -2.610  7.721   -10.455 1.00 0.07  ? 22 THR A HG21 1 
ATOM 337  H HG22 . THR A 1 22 ? -2.244  6.246   -11.379 1.00 0.07  ? 22 THR A HG22 1 
ATOM 338  H HG23 . THR A 1 22 ? -1.053  7.568   -11.306 1.00 0.07  ? 22 THR A HG23 1 
ATOM 339  N N    . ARG A 1 23 ? -2.319  7.936   -6.965  1.00 -0.46 ? 23 ARG A N    1 
ATOM 340  C CA   . ARG A 1 23 ? -3.347  8.733   -6.310  1.00 0.03  ? 23 ARG A CA   1 
ATOM 341  C C    . ARG A 1 23 ? -2.714  9.979   -5.673  1.00 0.62  ? 23 ARG A C    1 
ATOM 342  O O    . ARG A 1 23 ? -3.222  11.091  -5.831  1.00 -0.50 ? 23 ARG A O    1 
ATOM 343  C CB   . ARG A 1 23 ? -4.072  7.879   -5.263  1.00 -0.08 ? 23 ARG A CB   1 
ATOM 344  C CG   . ARG A 1 23 ? -5.118  8.744   -4.559  1.00 -0.10 ? 23 ARG A CG   1 
ATOM 345  C CD   . ARG A 1 23 ? -6.237  7.881   -3.977  1.00 -0.23 ? 23 ARG A CD   1 
ATOM 346  N NE   . ARG A 1 23 ? -7.307  8.735   -3.440  1.00 -0.32 ? 23 ARG A NE   1 
ATOM 347  C CZ   . ARG A 1 23 ? -8.482  8.262   -3.000  1.00 0.76  ? 23 ARG A CZ   1 
ATOM 348  N NH1  . ARG A 1 23 ? -8.731  6.952   -3.025  1.00 -0.62 ? 23 ARG A NH1  1 
ATOM 349  N NH2  . ARG A 1 23 ? -9.406  9.111   -2.536  1.00 -0.62 ? 23 ARG A NH2  1 
ATOM 350  H H    . ARG A 1 23 ? -2.127  7.010   -6.608  1.00 0.25  ? 23 ARG A H    1 
ATOM 351  H HA   . ARG A 1 23 ? -4.071  9.054   -7.059  1.00 0.05  ? 23 ARG A HA   1 
ATOM 352  H HB2  . ARG A 1 23 ? -4.564  7.040   -5.757  1.00 0.06  ? 23 ARG A HB2  1 
ATOM 353  H HB3  . ARG A 1 23 ? -3.356  7.503   -4.531  1.00 0.06  ? 23 ARG A HB3  1 
ATOM 354  H HG2  . ARG A 1 23 ? -4.637  9.302   -3.756  1.00 0.07  ? 23 ARG A HG2  1 
ATOM 355  H HG3  . ARG A 1 23 ? -5.546  9.439   -5.280  1.00 0.07  ? 23 ARG A HG3  1 
ATOM 356  H HD2  . ARG A 1 23 ? -6.644  7.243   -4.760  1.00 0.13  ? 23 ARG A HD2  1 
ATOM 357  H HD3  . ARG A 1 23 ? -5.833  7.258   -3.176  1.00 0.13  ? 23 ARG A HD3  1 
ATOM 358  H HE   . ARG A 1 23 ? -7.139  9.730   -3.407  1.00 0.27  ? 23 ARG A HE   1 
ATOM 359  H HH11 . ARG A 1 23 ? -8.025  6.307   -3.357  1.00 0.36  ? 23 ARG A HH11 1 
ATOM 360  H HH12 . ARG A 1 23 ? -9.624  6.595   -2.714  1.00 0.36  ? 23 ARG A HH12 1 
ATOM 361  H HH21 . ARG A 1 23 ? -9.223  10.114  -2.548  1.00 0.36  ? 23 ARG A HH21 1 
ATOM 362  H HH22 . ARG A 1 23 ? -10.280 8.761   -2.174  1.00 0.36  ? 23 ARG A HH22 1 
ATOM 363  N N    . HIS A 1 24 ? -1.599  9.785   -4.967  1.00 -0.46 ? 24 HIS A N    1 
ATOM 364  C CA   . HIS A 1 24 ? -0.865  10.873  -4.335  1.00 0.03  ? 24 HIS A CA   1 
ATOM 365  C C    . HIS A 1 24 ? -0.324  11.826  -5.413  1.00 0.62  ? 24 HIS A C    1 
ATOM 366  O O    . HIS A 1 24 ? -0.208  13.025  -5.188  1.00 -0.50 ? 24 HIS A O    1 
ATOM 367  C CB   . HIS A 1 24 ? 0.261   10.250  -3.492  1.00 -0.10 ? 24 HIS A CB   1 
ATOM 368  C CG   . HIS A 1 24 ? 1.257   11.237  -2.939  1.00 -0.03 ? 24 HIS A CG   1 
ATOM 369  N ND1  . HIS A 1 24 ? 1.279   11.626  -1.604  1.00 -0.15 ? 24 HIS A ND1  1 
ATOM 370  C CD2  . HIS A 1 24 ? 2.319   11.888  -3.508  1.00 0.20  ? 24 HIS A CD2  1 
ATOM 371  C CE1  . HIS A 1 24 ? 2.321   12.473  -1.462  1.00 0.24  ? 24 HIS A CE1  1 
ATOM 372  N NE2  . HIS A 1 24 ? 2.999   12.672  -2.590  1.00 -0.50 ? 24 HIS A NE2  1 
ATOM 373  H H    . HIS A 1 24 ? -1.234  8.846   -4.864  1.00 0.25  ? 24 HIS A H    1 
ATOM 374  H HA   . HIS A 1 24 ? -1.537  11.424  -3.680  1.00 0.05  ? 24 HIS A HA   1 
ATOM 375  H HB2  . HIS A 1 24 ? -0.191  9.713   -2.658  1.00 0.04  ? 24 HIS A HB2  1 
ATOM 376  H HB3  . HIS A 1 24 ? 0.801   9.535   -4.109  1.00 0.04  ? 24 HIS A HB3  1 
ATOM 377  H HD1  . HIS A 1 24 ? 0.642   11.328  -0.879  1.00 0.23  ? 24 HIS A HD1  1 
ATOM 378  H HD2  . HIS A 1 24 ? 2.602   11.783  -4.536  1.00 0.02  ? 24 HIS A HD2  1 
ATOM 379  H HE1  . HIS A 1 24 ? 2.589   12.933  -0.524  1.00 0.04  ? 24 HIS A HE1  1 
ATOM 380  N N    . GLN A 1 25 ? -0.005  11.283  -6.590  1.00 -0.46 ? 25 GLN A N    1 
ATOM 381  C CA   . GLN A 1 25 ? 0.508   12.063  -7.700  1.00 0.03  ? 25 GLN A CA   1 
ATOM 382  C C    . GLN A 1 25 ? -0.605  12.944  -8.268  1.00 0.62  ? 25 GLN A C    1 
ATOM 383  O O    . GLN A 1 25 ? -0.361  14.089  -8.642  1.00 -0.50 ? 25 GLN A O    1 
ATOM 384  C CB   . GLN A 1 25 ? 1.051   11.102  -8.766  1.00 -0.10 ? 25 GLN A CB   1 
ATOM 385  C CG   . GLN A 1 25 ? 1.971   11.847  -9.733  1.00 -0.10 ? 25 GLN A CG   1 
ATOM 386  C CD   . GLN A 1 25 ? 2.612   10.875  -10.721 1.00 0.68  ? 25 GLN A CD   1 
ATOM 387  O OE1  . GLN A 1 25 ? 1.948   9.974   -11.229 1.00 -0.47 ? 25 GLN A OE1  1 
ATOM 388  N NE2  . GLN A 1 25 ? 3.906   11.053  -10.990 1.00 -0.87 ? 25 GLN A NE2  1 
ATOM 389  H H    . GLN A 1 25 ? -0.125  10.291  -6.724  1.00 0.25  ? 25 GLN A H    1 
ATOM 390  H HA   . GLN A 1 25 ? 1.321   12.698  -7.343  1.00 0.05  ? 25 GLN A HA   1 
ATOM 391  H HB2  . GLN A 1 25 ? 1.616   10.306  -8.279  1.00 0.04  ? 25 GLN A HB2  1 
ATOM 392  H HB3  . GLN A 1 25 ? 0.221   10.668  -9.320  1.00 0.04  ? 25 GLN A HB3  1 
ATOM 393  H HG2  . GLN A 1 25 ? 1.393   12.589  -10.283 1.00 0.06  ? 25 GLN A HG2  1 
ATOM 394  H HG3  . GLN A 1 25 ? 2.754   12.349  -9.166  1.00 0.06  ? 25 GLN A HG3  1 
ATOM 395  H HE21 . GLN A 1 25 ? 4.412   11.809  -10.553 1.00 0.34  ? 25 GLN A HE21 1 
ATOM 396  H HE22 . GLN A 1 25 ? 4.375   10.431  -11.632 1.00 0.34  ? 25 GLN A HE22 1 
ATOM 397  N N    . ARG A 1 26 ? -1.831  12.402  -8.331  1.00 -0.46 ? 26 ARG A N    1 
ATOM 398  C CA   . ARG A 1 26 ? -2.978  13.136  -8.843  1.00 0.03  ? 26 ARG A CA   1 
ATOM 399  C C    . ARG A 1 26 ? -3.278  14.338  -7.948  1.00 0.62  ? 26 ARG A C    1 
ATOM 400  O O    . ARG A 1 26 ? -3.426  15.453  -8.445  1.00 -0.50 ? 26 ARG A O    1 
ATOM 401  C CB   . ARG A 1 26 ? -4.192  12.205  -8.919  1.00 -0.08 ? 26 ARG A CB   1 
ATOM 402  C CG   . ARG A 1 26 ? -4.087  11.312  -10.161 1.00 -0.10 ? 26 ARG A CG   1 
ATOM 403  C CD   . ARG A 1 26 ? -5.084  10.156  -10.053 1.00 -0.23 ? 26 ARG A CD   1 
ATOM 404  N NE   . ARG A 1 26 ? -6.451  10.654  -9.844  1.00 -0.32 ? 26 ARG A NE   1 
ATOM 405  C CZ   . ARG A 1 26 ? -7.468  9.868   -9.446  1.00 0.76  ? 26 ARG A CZ   1 
ATOM 406  N NH1  . ARG A 1 26 ? -7.279  8.552   -9.273  1.00 -0.62 ? 26 ARG A NH1  1 
ATOM 407  N NH2  . ARG A 1 26 ? -8.675  10.404  -9.221  1.00 -0.62 ? 26 ARG A NH2  1 
ATOM 408  H H    . ARG A 1 26 ? -1.973  11.451  -8.013  1.00 0.25  ? 26 ARG A H    1 
ATOM 409  H HA   . ARG A 1 26 ? -2.747  13.496  -9.847  1.00 0.05  ? 26 ARG A HA   1 
ATOM 410  H HB2  . ARG A 1 26 ? -4.231  11.584  -8.026  1.00 0.06  ? 26 ARG A HB2  1 
ATOM 411  H HB3  . ARG A 1 26 ? -5.102  12.803  -8.982  1.00 0.06  ? 26 ARG A HB3  1 
ATOM 412  H HG2  . ARG A 1 26 ? -4.308  11.902  -11.051 1.00 0.07  ? 26 ARG A HG2  1 
ATOM 413  H HG3  . ARG A 1 26 ? -3.075  10.911  -10.237 1.00 0.07  ? 26 ARG A HG3  1 
ATOM 414  H HD2  . ARG A 1 26 ? -5.052  9.570   -10.972 1.00 0.13  ? 26 ARG A HD2  1 
ATOM 415  H HD3  . ARG A 1 26 ? -4.800  9.520   -9.214  1.00 0.13  ? 26 ARG A HD3  1 
ATOM 416  H HE   . ARG A 1 26 ? -6.621  11.635  -10.010 1.00 0.27  ? 26 ARG A HE   1 
ATOM 417  H HH11 . ARG A 1 26 ? -6.376  8.144   -9.464  1.00 0.36  ? 26 ARG A HH11 1 
ATOM 418  H HH12 . ARG A 1 26 ? -8.037  7.969   -8.951  1.00 0.36  ? 26 ARG A HH12 1 
ATOM 419  H HH21 . ARG A 1 26 ? -8.820  11.396  -9.350  1.00 0.36  ? 26 ARG A HH21 1 
ATOM 420  H HH22 . ARG A 1 26 ? -9.441  9.818   -8.923  1.00 0.36  ? 26 ARG A HH22 1 
ATOM 421  N N    . GLY A 1 27 ? -3.370  14.117  -6.627  1.00 -0.46 ? 27 GLY A N    1 
ATOM 422  C CA   . GLY A 1 27 ? -3.656  15.202  -5.696  1.00 0.03  ? 27 GLY A CA   1 
ATOM 423  C C    . GLY A 1 27 ? -4.034  14.671  -4.312  1.00 0.62  ? 27 GLY A C    1 
ATOM 424  O O    . GLY A 1 27 ? -3.805  15.347  -3.311  1.00 -0.50 ? 27 GLY A O    1 
ATOM 425  H H    . GLY A 1 27 ? -3.239  13.182  -6.261  1.00 0.25  ? 27 GLY A H    1 
ATOM 426  H HA2  . GLY A 1 27 ? -2.773  15.836  -5.605  1.00 0.03  ? 27 GLY A HA2  1 
ATOM 427  H HA3  . GLY A 1 27 ? -4.483  15.798  -6.083  1.00 0.03  ? 27 GLY A HA3  1 
ATOM 428  N N    . ASP A 1 28 ? -4.616  13.466  -4.252  1.00 -0.46 ? 28 ASP A N    1 
ATOM 429  C CA   . ASP A 1 28 ? -5.032  12.868  -2.989  1.00 0.03  ? 28 ASP A CA   1 
ATOM 430  C C    . ASP A 1 28 ? -3.812  12.320  -2.245  1.00 0.62  ? 28 ASP A C    1 
ATOM 431  O O    . ASP A 1 28 ? -3.633  11.108  -2.140  1.00 -0.50 ? 28 ASP A O    1 
ATOM 432  C CB   . ASP A 1 28 ? -6.043  11.751  -3.265  1.00 -0.40 ? 28 ASP A CB   1 
ATOM 433  C CG   . ASP A 1 28 ? -7.456  12.292  -3.433  1.00 0.71  ? 28 ASP A CG   1 
ATOM 434  O OD1  . ASP A 1 28 ? -7.586  13.384  -4.026  1.00 -0.72 ? 28 ASP A OD1  1 
ATOM 435  O OD2  . ASP A 1 28 ? -8.384  11.594  -2.964  1.00 -0.72 ? 28 ASP A OD2  1 
ATOM 436  H H    . ASP A 1 28 ? -4.782  12.948  -5.103  1.00 0.25  ? 28 ASP A H    1 
ATOM 437  H HA   . ASP A 1 28 ? -5.510  13.627  -2.370  1.00 0.05  ? 28 ASP A HA   1 
ATOM 438  H HB2  . ASP A 1 28 ? -5.755  11.232  -4.174  1.00 0.07  ? 28 ASP A HB2  1 
ATOM 439  H HB3  . ASP A 1 28 ? -6.034  11.047  -2.433  1.00 0.07  ? 28 ASP A HB3  1 
ATOM 440  N N    . THR A 1 29 ? -2.977  13.221  -1.718  1.00 -0.46 ? 29 THR A N    1 
ATOM 441  C CA   . THR A 1 29 ? -1.795  12.831  -0.963  1.00 0.03  ? 29 THR A CA   1 
ATOM 442  C C    . THR A 1 29 ? -2.192  12.457  0.474   1.00 0.62  ? 29 THR A C    1 
ATOM 443  O O    . THR A 1 29 ? -1.351  12.008  1.253   1.00 -0.50 ? 29 THR A O    1 
ATOM 444  C CB   . THR A 1 29 ? -0.785  13.992  -0.954  1.00 0.17  ? 29 THR A CB   1 
ATOM 445  O OG1  . THR A 1 29 ? -1.318  15.077  -0.223  1.00 -0.55 ? 29 THR A OG1  1 
ATOM 446  C CG2  . THR A 1 29 ? -0.481  14.447  -2.380  1.00 -0.19 ? 29 THR A CG2  1 
ATOM 447  H H    . THR A 1 29 ? -3.165  14.209  -1.840  1.00 0.25  ? 29 THR A H    1 
ATOM 448  H HA   . THR A 1 29 ? -1.335  11.966  -1.439  1.00 0.05  ? 29 THR A HA   1 
ATOM 449  H HB   . THR A 1 29 ? 0.142   13.659  -0.489  1.00 0.08  ? 29 THR A HB   1 
ATOM 450  H HG1  . THR A 1 29 ? -0.684  15.799  -0.243  1.00 0.31  ? 29 THR A HG1  1 
ATOM 451  H HG21 . THR A 1 29 ? -0.096  13.609  -2.947  1.00 0.07  ? 29 THR A HG21 1 
ATOM 452  H HG22 . THR A 1 29 ? 0.267   15.239  -2.356  1.00 0.07  ? 29 THR A HG22 1 
ATOM 453  H HG23 . THR A 1 29 ? -1.387  14.821  -2.852  1.00 0.07  ? 29 THR A HG23 1 
ATOM 454  N N    . HIS A 1 30 ? -3.478  12.653  0.820   1.00 -0.46 ? 30 HIS A N    1 
ATOM 455  C CA   . HIS A 1 30 ? -3.984  12.383  2.158   1.00 0.03  ? 30 HIS A CA   1 
ATOM 456  C C    . HIS A 1 30 ? -3.882  10.883  2.494   1.00 0.62  ? 30 HIS A C    1 
ATOM 457  O O    . HIS A 1 30 ? -3.833  10.047  1.590   1.00 -0.50 ? 30 HIS A O    1 
ATOM 458  C CB   . HIS A 1 30 ? -5.443  12.865  2.239   1.00 -0.10 ? 30 HIS A CB   1 
ATOM 459  C CG   . HIS A 1 30 ? -6.437  11.816  1.803   1.00 -0.03 ? 30 HIS A CG   1 
ATOM 460  N ND1  . HIS A 1 30 ? -6.299  11.088  0.625   1.00 -0.15 ? 30 HIS A ND1  1 
ATOM 461  C CD2  . HIS A 1 30 ? -7.590  11.342  2.375   1.00 0.20  ? 30 HIS A CD2  1 
ATOM 462  C CE1  . HIS A 1 30 ? -7.348  10.245  0.567   1.00 0.24  ? 30 HIS A CE1  1 
ATOM 463  N NE2  . HIS A 1 30 ? -8.176  10.351  1.605   1.00 -0.50 ? 30 HIS A NE2  1 
ATOM 464  H H    . HIS A 1 30 ? -4.125  13.011  0.136   1.00 0.25  ? 30 HIS A H    1 
ATOM 465  H HA   . HIS A 1 30 ? -3.387  12.953  2.866   1.00 0.05  ? 30 HIS A HA   1 
ATOM 466  H HB2  . HIS A 1 30 ? -5.663  13.146  3.267   1.00 0.04  ? 30 HIS A HB2  1 
ATOM 467  H HB3  . HIS A 1 30 ? -5.560  13.745  1.605   1.00 0.04  ? 30 HIS A HB3  1 
ATOM 468  H HD1  . HIS A 1 30 ? -5.556  11.171  -0.054  1.00 0.23  ? 30 HIS A HD1  1 
ATOM 469  H HD2  . HIS A 1 30 ? -7.989  11.691  3.315   1.00 0.02  ? 30 HIS A HD2  1 
ATOM 470  H HE1  . HIS A 1 30 ? -7.501  9.545   -0.238  1.00 0.04  ? 30 HIS A HE1  1 
ATOM 471  N N    . PRO A 1 31 ? -3.855  10.539  3.799   1.00 -0.23 ? 31 PRO A N    1 
ATOM 472  C CA   . PRO A 1 31 ? -3.793  9.162   4.247   1.00 0.03  ? 31 PRO A CA   1 
ATOM 473  C C    . PRO A 1 31 ? -5.105  8.426   3.972   1.00 0.53  ? 31 PRO A C    1 
ATOM 474  O O    . PRO A 1 31 ? -6.155  9.051   3.834   1.00 -0.50 ? 31 PRO A O    1 
ATOM 475  C CB   . PRO A 1 31 ? -3.539  9.230   5.755   1.00 -0.11 ? 31 PRO A CB   1 
ATOM 476  C CG   . PRO A 1 31 ? -3.664  10.699  6.166   1.00 -0.12 ? 31 PRO A CG   1 
ATOM 477  C CD   . PRO A 1 31 ? -3.876  11.500  4.885   1.00 -0.01 ? 31 PRO A CD   1 
ATOM 478  H HA   . PRO A 1 31 ? -2.971  8.648   3.754   1.00 0.05  ? 31 PRO A HA   1 
ATOM 479  H HB2  . PRO A 1 31 ? -4.283  8.639   6.280   1.00 0.06  ? 31 PRO A HB2  1 
ATOM 480  H HB3  . PRO A 1 31 ? -2.542  8.859   5.986   1.00 0.06  ? 31 PRO A HB3  1 
ATOM 481  H HG2  . PRO A 1 31 ? -4.517  10.829  6.833   1.00 0.06  ? 31 PRO A HG2  1 
ATOM 482  H HG3  . PRO A 1 31 ? -2.751  11.026  6.663   1.00 0.06  ? 31 PRO A HG3  1 
ATOM 483  H HD2  . PRO A 1 31 ? -4.838  12.010  4.919   1.00 0.06  ? 31 PRO A HD2  1 
ATOM 484  H HD3  . PRO A 1 31 ? -3.070  12.224  4.767   1.00 0.06  ? 31 PRO A HD3  1 
ATOM 485  N N    . LEU A 1 32 ? -5.031  7.089   3.915   1.00 -0.46 ? 32 LEU A N    1 
ATOM 486  C CA   . LEU A 1 32 ? -6.197  6.236   3.730   1.00 0.03  ? 32 LEU A CA   1 
ATOM 487  C C    . LEU A 1 32 ? -6.069  5.026   4.656   1.00 0.62  ? 32 LEU A C    1 
ATOM 488  O O    . LEU A 1 32 ? -4.967  4.510   4.845   1.00 -0.50 ? 32 LEU A O    1 
ATOM 489  C CB   . LEU A 1 32 ? -6.276  5.744   2.279   1.00 -0.06 ? 32 LEU A CB   1 
ATOM 490  C CG   . LEU A 1 32 ? -6.921  6.787   1.356   1.00 -0.01 ? 32 LEU A CG   1 
ATOM 491  C CD1  . LEU A 1 32 ? -7.061  6.176   -0.038  1.00 -0.11 ? 32 LEU A CD1  1 
ATOM 492  C CD2  . LEU A 1 32 ? -8.315  7.177   1.864   1.00 -0.11 ? 32 LEU A CD2  1 
ATOM 493  H H    . LEU A 1 32 ? -4.129  6.639   4.017   1.00 0.25  ? 32 LEU A H    1 
ATOM 494  H HA   . LEU A 1 32 ? -7.100  6.791   3.980   1.00 0.05  ? 32 LEU A HA   1 
ATOM 495  H HB2  . LEU A 1 32 ? -5.269  5.522   1.921   1.00 0.03  ? 32 LEU A HB2  1 
ATOM 496  H HB3  . LEU A 1 32 ? -6.870  4.830   2.247   1.00 0.03  ? 32 LEU A HB3  1 
ATOM 497  H HG   . LEU A 1 32 ? -6.288  7.672   1.305   1.00 0.03  ? 32 LEU A HG   1 
ATOM 498  H HD11 . LEU A 1 32 ? -6.087  5.832   -0.384  1.00 0.03  ? 32 LEU A HD11 1 
ATOM 499  H HD12 . LEU A 1 32 ? -7.445  6.927   -0.724  1.00 0.03  ? 32 LEU A HD12 1 
ATOM 500  H HD13 . LEU A 1 32 ? -7.755  5.328   0.005   1.00 0.03  ? 32 LEU A HD13 1 
ATOM 501  H HD21 . LEU A 1 32 ? -8.825  6.293   2.237   1.00 0.03  ? 32 LEU A HD21 1 
ATOM 502  H HD22 . LEU A 1 32 ? -8.891  7.608   1.046   1.00 0.03  ? 32 LEU A HD22 1 
ATOM 503  H HD23 . LEU A 1 32 ? -8.224  7.910   2.663   1.00 0.03  ? 32 LEU A HD23 1 
ATOM 504  N N    . THR A 1 33 ? -7.186  4.565   5.228   1.00 -0.46 ? 33 THR A N    1 
ATOM 505  C CA   . THR A 1 33 ? -7.177  3.382   6.083   1.00 0.03  ? 33 THR A CA   1 
ATOM 506  C C    . THR A 1 33 ? -6.782  2.156   5.256   1.00 0.62  ? 33 THR A C    1 
ATOM 507  O O    . THR A 1 33 ? -6.726  2.217   4.025   1.00 -0.50 ? 33 THR A O    1 
ATOM 508  C CB   . THR A 1 33 ? -8.560  3.160   6.714   1.00 0.17  ? 33 THR A CB   1 
ATOM 509  O OG1  . THR A 1 33 ? -9.514  2.942   5.698   1.00 -0.55 ? 33 THR A OG1  1 
ATOM 510  C CG2  . THR A 1 33 ? -8.967  4.374   7.552   1.00 -0.19 ? 33 THR A CG2  1 
ATOM 511  H H    . THR A 1 33 ? -8.067  5.037   5.063   1.00 0.25  ? 33 THR A H    1 
ATOM 512  H HA   . THR A 1 33 ? -6.444  3.524   6.877   1.00 0.05  ? 33 THR A HA   1 
ATOM 513  H HB   . THR A 1 33 ? -8.521  2.281   7.358   1.00 0.08  ? 33 THR A HB   1 
ATOM 514  H HG1  . THR A 1 33 ? -9.629  3.766   5.207   1.00 0.31  ? 33 THR A HG1  1 
ATOM 515  H HG21 . THR A 1 33 ? -8.215  4.555   8.317   1.00 0.07  ? 33 THR A HG21 1 
ATOM 516  H HG22 . THR A 1 33 ? -9.928  4.177   8.029   1.00 0.07  ? 33 THR A HG22 1 
ATOM 517  H HG23 . THR A 1 33 ? -9.055  5.250   6.913   1.00 0.07  ? 33 THR A HG23 1 
ATOM 518  N N    . LEU A 1 34 ? -6.513  1.041   5.936   1.00 -0.46 ? 34 LEU A N    1 
ATOM 519  C CA   . LEU A 1 34 ? -6.133  -0.196  5.277   1.00 0.03  ? 34 LEU A CA   1 
ATOM 520  C C    . LEU A 1 34 ? -7.221  -0.605  4.278   1.00 0.62  ? 34 LEU A C    1 
ATOM 521  O O    . LEU A 1 34 ? -6.951  -0.743  3.091   1.00 -0.50 ? 34 LEU A O    1 
ATOM 522  C CB   . LEU A 1 34 ? -5.924  -1.286  6.354   1.00 -0.06 ? 34 LEU A CB   1 
ATOM 523  C CG   . LEU A 1 34 ? -4.853  -2.316  5.936   1.00 -0.01 ? 34 LEU A CG   1 
ATOM 524  C CD1  . LEU A 1 34 ? -5.085  -2.798  4.503   1.00 -0.11 ? 34 LEU A CD1  1 
ATOM 525  C CD2  . LEU A 1 34 ? -3.454  -1.706  6.056   1.00 -0.11 ? 34 LEU A CD2  1 
ATOM 526  H H    . LEU A 1 34 ? -6.575  1.046   6.943   1.00 0.25  ? 34 LEU A H    1 
ATOM 527  H HA   . LEU A 1 34 ? -5.201  -0.032  4.737   1.00 0.05  ? 34 LEU A HA   1 
ATOM 528  H HB2  . LEU A 1 34 ? -5.608  -0.811  7.285   1.00 0.03  ? 34 LEU A HB2  1 
ATOM 529  H HB3  . LEU A 1 34 ? -6.866  -1.805  6.527   1.00 0.03  ? 34 LEU A HB3  1 
ATOM 530  H HG   . LEU A 1 34 ? -4.915  -3.174  6.607   1.00 0.03  ? 34 LEU A HG   1 
ATOM 531  H HD11 . LEU A 1 34 ? -6.128  -3.086  4.382   1.00 0.03  ? 34 LEU A HD11 1 
ATOM 532  H HD12 . LEU A 1 34 ? -4.449  -3.662  4.305   1.00 0.03  ? 34 LEU A HD12 1 
ATOM 533  H HD13 . LEU A 1 34 ? -4.841  -2.004  3.801   1.00 0.03  ? 34 LEU A HD13 1 
ATOM 534  H HD21 . LEU A 1 34 ? -3.370  -0.841  5.399   1.00 0.03  ? 34 LEU A HD21 1 
ATOM 535  H HD22 . LEU A 1 34 ? -2.709  -2.449  5.770   1.00 0.03  ? 34 LEU A HD22 1 
ATOM 536  H HD23 . LEU A 1 34 ? -3.279  -1.398  7.085   1.00 0.03  ? 34 LEU A HD23 1 
ATOM 537  N N    . ASP A 1 35 ? -8.450  -0.803  4.765   1.00 -0.46 ? 35 ASP A N    1 
ATOM 538  C CA   . ASP A 1 35 ? -9.556  -1.250  3.928   1.00 0.03  ? 35 ASP A CA   1 
ATOM 539  C C    . ASP A 1 35 ? -9.800  -0.287  2.755   1.00 0.62  ? 35 ASP A C    1 
ATOM 540  O O    . ASP A 1 35 ? -10.069 -0.742  1.643   1.00 -0.50 ? 35 ASP A O    1 
ATOM 541  C CB   . ASP A 1 35 ? -10.806 -1.412  4.792   1.00 -0.40 ? 35 ASP A CB   1 
ATOM 542  C CG   . ASP A 1 35 ? -10.592 -2.494  5.852   1.00 0.71  ? 35 ASP A CG   1 
ATOM 543  O OD1  . ASP A 1 35 ? -10.250 -3.635  5.451   1.00 -0.72 ? 35 ASP A OD1  1 
ATOM 544  O OD2  . ASP A 1 35 ? -10.766 -2.164  7.043   1.00 -0.72 ? 35 ASP A OD2  1 
ATOM 545  H H    . ASP A 1 35 ? -8.626  -0.652  5.748   1.00 0.25  ? 35 ASP A H    1 
ATOM 546  H HA   . ASP A 1 35 ? -9.298  -2.224  3.515   1.00 0.05  ? 35 ASP A HA   1 
ATOM 547  H HB2  . ASP A 1 35 ? -11.031 -0.465  5.283   1.00 0.07  ? 35 ASP A HB2  1 
ATOM 548  H HB3  . ASP A 1 35 ? -11.646 -1.697  4.158   1.00 0.07  ? 35 ASP A HB3  1 
ATOM 549  N N    . GLU A 1 36 ? -9.700  1.035   2.987   1.00 -0.46 ? 36 GLU A N    1 
ATOM 550  C CA   . GLU A 1 36 ? -9.882  2.015   1.913   1.00 0.03  ? 36 GLU A CA   1 
ATOM 551  C C    . GLU A 1 36 ? -8.909  1.718   0.769   1.00 0.62  ? 36 GLU A C    1 
ATOM 552  O O    . GLU A 1 36 ? -9.263  1.857   -0.400  1.00 -0.50 ? 36 GLU A O    1 
ATOM 553  C CB   . GLU A 1 36 ? -9.666  3.431   2.453   1.00 -0.18 ? 36 GLU A CB   1 
ATOM 554  C CG   . GLU A 1 36 ? -10.952 3.923   3.129   1.00 -0.40 ? 36 GLU A CG   1 
ATOM 555  C CD   . GLU A 1 36 ? -10.741 5.284   3.784   1.00 0.71  ? 36 GLU A CD   1 
ATOM 556  O OE1  . GLU A 1 36 ? -9.749  5.403   4.536   1.00 -0.72 ? 36 GLU A OE1  1 
ATOM 557  O OE2  . GLU A 1 36 ? -11.573 6.177   3.522   1.00 -0.72 ? 36 GLU A OE2  1 
ATOM 558  H H    . GLU A 1 36 ? -9.489  1.371   3.919   1.00 0.25  ? 36 GLU A H    1 
ATOM 559  H HA   . GLU A 1 36 ? -10.896 1.942   1.529   1.00 0.05  ? 36 GLU A HA   1 
ATOM 560  H HB2  . GLU A 1 36 ? -8.850  3.427   3.173   1.00 0.09  ? 36 GLU A HB2  1 
ATOM 561  H HB3  . GLU A 1 36 ? -9.418  4.098   1.628   1.00 0.09  ? 36 GLU A HB3  1 
ATOM 562  H HG2  . GLU A 1 36 ? -11.740 4.007   2.380   1.00 0.07  ? 36 GLU A HG2  1 
ATOM 563  H HG3  . GLU A 1 36 ? -11.259 3.205   3.889   1.00 0.07  ? 36 GLU A HG3  1 
ATOM 564  N N    . ILE A 1 37 ? -7.687  1.301   1.109   1.00 -0.46 ? 37 ILE A N    1 
ATOM 565  C CA   . ILE A 1 37 ? -6.681  0.973   0.115   1.00 0.03  ? 37 ILE A CA   1 
ATOM 566  C C    . ILE A 1 37 ? -7.056  -0.337  -0.589  1.00 0.62  ? 37 ILE A C    1 
ATOM 567  O O    . ILE A 1 37 ? -6.958  -0.424  -1.814  1.00 -0.50 ? 37 ILE A O    1 
ATOM 568  C CB   . ILE A 1 37 ? -5.305  0.876   0.803   1.00 -0.01 ? 37 ILE A CB   1 
ATOM 569  C CG1  . ILE A 1 37 ? -4.866  2.278   1.254   1.00 -0.05 ? 37 ILE A CG1  1 
ATOM 570  C CG2  . ILE A 1 37 ? -4.271  0.299   -0.169  1.00 -0.08 ? 37 ILE A CG2  1 
ATOM 571  C CD1  . ILE A 1 37 ? -3.715  2.180   2.259   1.00 -0.08 ? 37 ILE A CD1  1 
ATOM 572  H H    . ILE A 1 37 ? -7.444  1.205   2.087   1.00 0.25  ? 37 ILE A H    1 
ATOM 573  H HA   . ILE A 1 37 ? -6.647  1.770   -0.632  1.00 0.05  ? 37 ILE A HA   1 
ATOM 574  H HB   . ILE A 1 37 ? -5.377  0.226   1.674   1.00 0.02  ? 37 ILE A HB   1 
ATOM 575  H HG12 . ILE A 1 37 ? -4.542  2.852   0.388   1.00 0.03  ? 37 ILE A HG12 1 
ATOM 576  H HG13 . ILE A 1 37 ? -5.706  2.786   1.725   1.00 0.03  ? 37 ILE A HG13 1 
ATOM 577  H HG21 . ILE A 1 37 ? -4.557  -0.715  -0.450  1.00 0.03  ? 37 ILE A HG21 1 
ATOM 578  H HG22 . ILE A 1 37 ? -3.296  0.274   0.311   1.00 0.03  ? 37 ILE A HG22 1 
ATOM 579  H HG23 . ILE A 1 37 ? -4.220  0.921   -1.062  1.00 0.03  ? 37 ILE A HG23 1 
ATOM 580  H HD11 . ILE A 1 37 ? -3.997  1.513   3.073   1.00 0.03  ? 37 ILE A HD11 1 
ATOM 581  H HD12 . ILE A 1 37 ? -3.501  3.170   2.660   1.00 0.03  ? 37 ILE A HD12 1 
ATOM 582  H HD13 . ILE A 1 37 ? -2.826  1.793   1.763   1.00 0.03  ? 37 ILE A HD13 1 
ATOM 583  N N    . LEU A 1 38 ? -7.484  -1.355  0.181   1.00 -0.46 ? 38 LEU A N    1 
ATOM 584  C CA   . LEU A 1 38 ? -7.850  -2.657  -0.383  1.00 0.03  ? 38 LEU A CA   1 
ATOM 585  C C    . LEU A 1 38 ? -8.896  -2.497  -1.482  1.00 0.62  ? 38 LEU A C    1 
ATOM 586  O O    . LEU A 1 38 ? -8.761  -3.082  -2.548  1.00 -0.50 ? 38 LEU A O    1 
ATOM 587  C CB   . LEU A 1 38 ? -8.415  -3.584  0.701   1.00 -0.06 ? 38 LEU A CB   1 
ATOM 588  C CG   . LEU A 1 38 ? -7.415  -3.820  1.836   1.00 -0.01 ? 38 LEU A CG   1 
ATOM 589  C CD1  . LEU A 1 38 ? -8.013  -4.820  2.820   1.00 -0.11 ? 38 LEU A CD1  1 
ATOM 590  C CD2  . LEU A 1 38 ? -6.089  -4.374  1.303   1.00 -0.11 ? 38 LEU A CD2  1 
ATOM 591  H H    . LEU A 1 38 ? -7.555  -1.227  1.184   1.00 0.25  ? 38 LEU A H    1 
ATOM 592  H HA   . LEU A 1 38 ? -6.963  -3.116  -0.812  1.00 0.05  ? 38 LEU A HA   1 
ATOM 593  H HB2  . LEU A 1 38 ? -9.321  -3.141  1.113   1.00 0.03  ? 38 LEU A HB2  1 
ATOM 594  H HB3  . LEU A 1 38 ? -8.666  -4.538  0.248   1.00 0.03  ? 38 LEU A HB3  1 
ATOM 595  H HG   . LEU A 1 38 ? -7.236  -2.887  2.346   1.00 0.03  ? 38 LEU A HG   1 
ATOM 596  H HD11 . LEU A 1 38 ? -8.963  -4.443  3.194   1.00 0.03  ? 38 LEU A HD11 1 
ATOM 597  H HD12 . LEU A 1 38 ? -7.327  -4.961  3.651   1.00 0.03  ? 38 LEU A HD12 1 
ATOM 598  H HD13 . LEU A 1 38 ? -8.176  -5.773  2.316   1.00 0.03  ? 38 LEU A HD13 1 
ATOM 599  H HD21 . LEU A 1 38 ? -6.283  -5.227  0.657   1.00 0.03  ? 38 LEU A HD21 1 
ATOM 600  H HD22 . LEU A 1 38 ? -5.466  -4.694  2.142   1.00 0.03  ? 38 LEU A HD22 1 
ATOM 601  H HD23 . LEU A 1 38 ? -5.565  -3.602  0.741   1.00 0.03  ? 38 LEU A HD23 1 
ATOM 602  N N    . ASP A 1 39 ? -9.949  -1.721  -1.208  1.00 -0.46 ? 39 ASP A N    1 
ATOM 603  C CA   . ASP A 1 39 ? -11.050 -1.541  -2.148  1.00 0.03  ? 39 ASP A CA   1 
ATOM 604  C C    . ASP A 1 39 ? -10.537 -1.194  -3.548  1.00 0.62  ? 39 ASP A C    1 
ATOM 605  O O    . ASP A 1 39 ? -10.786 -1.931  -4.502  1.00 -0.50 ? 39 ASP A O    1 
ATOM 606  C CB   . ASP A 1 39 ? -11.983 -0.446  -1.625  1.00 -0.40 ? 39 ASP A CB   1 
ATOM 607  C CG   . ASP A 1 39 ? -13.177 -0.266  -2.554  1.00 0.71  ? 39 ASP A CG   1 
ATOM 608  O OD1  . ASP A 1 39 ? -14.125 -1.068  -2.420  1.00 -0.72 ? 39 ASP A OD1  1 
ATOM 609  O OD2  . ASP A 1 39 ? -13.117 0.668   -3.381  1.00 -0.72 ? 39 ASP A OD2  1 
ATOM 610  H H    . ASP A 1 39 ? -10.001 -1.247  -0.313  1.00 0.25  ? 39 ASP A H    1 
ATOM 611  H HA   . ASP A 1 39 ? -11.609 -2.474  -2.207  1.00 0.05  ? 39 ASP A HA   1 
ATOM 612  H HB2  . ASP A 1 39 ? -12.340 -0.722  -0.634  1.00 0.07  ? 39 ASP A HB2  1 
ATOM 613  H HB3  . ASP A 1 39 ? -11.434 0.494   -1.558  1.00 0.07  ? 39 ASP A HB3  1 
ATOM 614  N N    . GLU A 1 40 ? -9.833  -0.068  -3.671  1.00 -0.46 ? 40 GLU A N    1 
ATOM 615  C CA   . GLU A 1 40 ? -9.344  0.410   -4.957  1.00 0.03  ? 40 GLU A CA   1 
ATOM 616  C C    . GLU A 1 40 ? -8.331  -0.561  -5.581  1.00 0.62  ? 40 GLU A C    1 
ATOM 617  O O    . GLU A 1 40 ? -8.316  -0.727  -6.800  1.00 -0.50 ? 40 GLU A O    1 
ATOM 618  C CB   . GLU A 1 40 ? -8.747  1.806   -4.768  1.00 -0.18 ? 40 GLU A CB   1 
ATOM 619  C CG   . GLU A 1 40 ? -9.853  2.846   -4.980  1.00 -0.40 ? 40 GLU A CG   1 
ATOM 620  C CD   . GLU A 1 40 ? -9.446  4.206   -4.442  1.00 0.71  ? 40 GLU A CD   1 
ATOM 621  O OE1  . GLU A 1 40 ? -9.447  4.345   -3.200  1.00 -0.72 ? 40 GLU A OE1  1 
ATOM 622  O OE2  . GLU A 1 40 ? -9.138  5.084   -5.275  1.00 -0.72 ? 40 GLU A OE2  1 
ATOM 623  H H    . GLU A 1 40 ? -9.639  0.489   -2.849  1.00 0.25  ? 40 GLU A H    1 
ATOM 624  H HA   . GLU A 1 40 ? -10.193 0.491   -5.636  1.00 0.05  ? 40 GLU A HA   1 
ATOM 625  H HB2  . GLU A 1 40 ? -8.344  1.899   -3.757  1.00 0.09  ? 40 GLU A HB2  1 
ATOM 626  H HB3  . GLU A 1 40 ? -7.948  1.969   -5.490  1.00 0.09  ? 40 GLU A HB3  1 
ATOM 627  H HG2  . GLU A 1 40 ? -10.066 2.932   -6.046  1.00 0.07  ? 40 GLU A HG2  1 
ATOM 628  H HG3  . GLU A 1 40 ? -10.756 2.518   -4.462  1.00 0.07  ? 40 GLU A HG3  1 
ATOM 629  N N    . THR A 1 41 ? -7.489  -1.205  -4.765  1.00 -0.46 ? 41 THR A N    1 
ATOM 630  C CA   . THR A 1 41 ? -6.503  -2.158  -5.280  1.00 0.03  ? 41 THR A CA   1 
ATOM 631  C C    . THR A 1 41 ? -7.167  -3.502  -5.598  1.00 0.62  ? 41 THR A C    1 
ATOM 632  O O    . THR A 1 41 ? -6.532  -4.370  -6.187  1.00 -0.50 ? 41 THR A O    1 
ATOM 633  C CB   . THR A 1 41 ? -5.372  -2.329  -4.268  1.00 0.17  ? 41 THR A CB   1 
ATOM 634  O OG1  . THR A 1 41 ? -5.903  -2.702  -3.018  1.00 -0.55 ? 41 THR A OG1  1 
ATOM 635  C CG2  . THR A 1 41 ? -4.594  -1.021  -4.130  1.00 -0.19 ? 41 THR A CG2  1 
ATOM 636  H H    . THR A 1 41 ? -7.526  -1.043  -3.765  1.00 0.25  ? 41 THR A H    1 
ATOM 637  H HA   . THR A 1 41 ? -6.075  -1.768  -6.198  1.00 0.05  ? 41 THR A HA   1 
ATOM 638  H HB   . THR A 1 41 ? -4.697  -3.102  -4.617  1.00 0.08  ? 41 THR A HB   1 
ATOM 639  H HG1  . THR A 1 41 ? -5.204  -2.659  -2.363  1.00 0.31  ? 41 THR A HG1  1 
ATOM 640  H HG21 . THR A 1 41 ? -3.951  -0.887  -5.002  1.00 0.07  ? 41 THR A HG21 1 
ATOM 641  H HG22 . THR A 1 41 ? -3.982  -1.059  -3.234  1.00 0.07  ? 41 THR A HG22 1 
ATOM 642  H HG23 . THR A 1 41 ? -5.288  -0.185  -4.057  1.00 0.07  ? 41 THR A HG23 1 
ATOM 643  N N    . GLN A 1 42 ? -8.443  -3.670  -5.211  1.00 -0.46 ? 42 GLN A N    1 
ATOM 644  C CA   . GLN A 1 42 ? -9.184  -4.904  -5.444  1.00 0.03  ? 42 GLN A CA   1 
ATOM 645  C C    . GLN A 1 42 ? -8.563  -6.035  -4.621  1.00 0.62  ? 42 GLN A C    1 
ATOM 646  O O    . GLN A 1 42 ? -8.325  -7.131  -5.133  1.00 -0.50 ? 42 GLN A O    1 
ATOM 647  C CB   . GLN A 1 42 ? -9.194  -5.236  -6.946  1.00 -0.10 ? 42 GLN A CB   1 
ATOM 648  C CG   . GLN A 1 42 ? -10.341 -6.202  -7.256  1.00 -0.10 ? 42 GLN A CG   1 
ATOM 649  C CD   . GLN A 1 42 ? -10.313 -6.623  -8.720  1.00 0.68  ? 42 GLN A CD   1 
ATOM 650  O OE1  . GLN A 1 42 ? -11.138 -6.179  -9.513  1.00 -0.47 ? 42 GLN A OE1  1 
ATOM 651  N NE2  . GLN A 1 42 ? -9.359  -7.483  -9.077  1.00 -0.87 ? 42 GLN A NE2  1 
ATOM 652  H H    . GLN A 1 42 ? -8.921  -2.918  -4.731  1.00 0.25  ? 42 GLN A H    1 
ATOM 653  H HA   . GLN A 1 42 ? -10.212 -4.757  -5.112  1.00 0.05  ? 42 GLN A HA   1 
ATOM 654  H HB2  . GLN A 1 42 ? -9.336  -4.317  -7.518  1.00 0.04  ? 42 GLN A HB2  1 
ATOM 655  H HB3  . GLN A 1 42 ? -8.249  -5.696  -7.229  1.00 0.04  ? 42 GLN A HB3  1 
ATOM 656  H HG2  . GLN A 1 42 ? -10.247 -7.089  -6.629  1.00 0.06  ? 42 GLN A HG2  1 
ATOM 657  H HG3  . GLN A 1 42 ? -11.291 -5.713  -7.042  1.00 0.06  ? 42 GLN A HG3  1 
ATOM 658  H HE21 . GLN A 1 42 ? -8.701  -7.821  -8.389  1.00 0.34  ? 42 GLN A HE21 1 
ATOM 659  H HE22 . GLN A 1 42 ? -9.297  -7.795  -10.035 1.00 0.34  ? 42 GLN A HE22 1 
ATOM 660  N N    . HIS A 1 43 ? -8.301  -5.756  -3.339  1.00 -0.46 ? 43 HIS A N    1 
ATOM 661  C CA   . HIS A 1 43 ? -7.717  -6.726  -2.424  1.00 0.03  ? 43 HIS A CA   1 
ATOM 662  C C    . HIS A 1 43 ? -8.543  -6.781  -1.139  1.00 0.62  ? 43 HIS A C    1 
ATOM 663  O O    . HIS A 1 43 ? -7.991  -6.961  -0.063  1.00 -0.50 ? 43 HIS A O    1 
ATOM 664  C CB   . HIS A 1 43 ? -6.272  -6.318  -2.093  1.00 -0.10 ? 43 HIS A CB   1 
ATOM 665  C CG   . HIS A 1 43 ? -5.397  -6.102  -3.300  1.00 -0.03 ? 43 HIS A CG   1 
ATOM 666  N ND1  . HIS A 1 43 ? -5.609  -6.729  -4.520  1.00 -0.15 ? 43 HIS A ND1  1 
ATOM 667  C CD2  . HIS A 1 43 ? -4.289  -5.321  -3.496  1.00 0.20  ? 43 HIS A CD2  1 
ATOM 668  C CE1  . HIS A 1 43 ? -4.640  -6.293  -5.350  1.00 0.24  ? 43 HIS A CE1  1 
ATOM 669  N NE2  . HIS A 1 43 ? -3.801  -5.432  -4.785  1.00 -0.50 ? 43 HIS A NE2  1 
ATOM 670  H H    . HIS A 1 43 ? -8.515  -4.836  -2.980  1.00 0.25  ? 43 HIS A H    1 
ATOM 671  H HA   . HIS A 1 43 ? -7.713  -7.713  -2.888  1.00 0.05  ? 43 HIS A HA   1 
ATOM 672  H HB2  . HIS A 1 43 ? -6.297  -5.392  -1.522  1.00 0.04  ? 43 HIS A HB2  1 
ATOM 673  H HB3  . HIS A 1 43 ? -5.822  -7.096  -1.477  1.00 0.04  ? 43 HIS A HB3  1 
ATOM 674  H HD1  . HIS A 1 43 ? -6.350  -7.381  -4.745  1.00 0.23  ? 43 HIS A HD1  1 
ATOM 675  H HD2  . HIS A 1 43 ? -3.856  -4.687  -2.740  1.00 0.02  ? 43 HIS A HD2  1 
ATOM 676  H HE1  . HIS A 1 43 ? -4.561  -6.599  -6.376  1.00 0.04  ? 43 HIS A HE1  1 
ATOM 677  N N    . LEU A 1 44 ? -9.866  -6.620  -1.239  1.00 -0.46 ? 44 LEU A N    1 
ATOM 678  C CA   . LEU A 1 44 ? -10.724 -6.644  -0.057  1.00 0.03  ? 44 LEU A CA   1 
ATOM 679  C C    . LEU A 1 44 ? -10.723 -8.040  0.566   1.00 0.62  ? 44 LEU A C    1 
ATOM 680  O O    . LEU A 1 44 ? -10.800 -8.166  1.787   1.00 -0.50 ? 44 LEU A O    1 
ATOM 681  C CB   . LEU A 1 44 ? -12.139 -6.191  -0.428  1.00 -0.06 ? 44 LEU A CB   1 
ATOM 682  C CG   . LEU A 1 44 ? -12.316 -4.715  -0.036  1.00 -0.01 ? 44 LEU A CG   1 
ATOM 683  C CD1  . LEU A 1 44 ? -13.460 -4.105  -0.850  1.00 -0.11 ? 44 LEU A CD1  1 
ATOM 684  C CD2  . LEU A 1 44 ? -12.646 -4.612  1.457   1.00 -0.11 ? 44 LEU A CD2  1 
ATOM 685  H H    . LEU A 1 44 ? -10.290 -6.476  -2.143  1.00 0.25  ? 44 LEU A H    1 
ATOM 686  H HA   . LEU A 1 44 ? -10.320 -5.948  0.675   1.00 0.05  ? 44 LEU A HA   1 
ATOM 687  H HB2  . LEU A 1 44 ? -12.289 -6.305  -1.502  1.00 0.03  ? 44 LEU A HB2  1 
ATOM 688  H HB3  . LEU A 1 44 ? -12.870 -6.799  0.105   1.00 0.03  ? 44 LEU A HB3  1 
ATOM 689  H HG   . LEU A 1 44 ? -11.390 -4.167  -0.240  1.00 0.03  ? 44 LEU A HG   1 
ATOM 690  H HD11 . LEU A 1 44 ? -13.224 -4.166  -1.913  1.00 0.03  ? 44 LEU A HD11 1 
ATOM 691  H HD12 . LEU A 1 44 ? -13.591 -3.060  -0.567  1.00 0.03  ? 44 LEU A HD12 1 
ATOM 692  H HD13 . LEU A 1 44 ? -14.381 -4.653  -0.652  1.00 0.03  ? 44 LEU A HD13 1 
ATOM 693  H HD21 . LEU A 1 44 ? -13.580 -5.136  1.662   1.00 0.03  ? 44 LEU A HD21 1 
ATOM 694  H HD22 . LEU A 1 44 ? -12.751 -3.562  1.733   1.00 0.03  ? 44 LEU A HD22 1 
ATOM 695  H HD23 . LEU A 1 44 ? -11.842 -5.060  2.042   1.00 0.03  ? 44 LEU A HD23 1 
ATOM 696  N N    . ASP A 1 45 ? -10.615 -9.084  -0.267  1.00 -0.46 ? 45 ASP A N    1 
ATOM 697  C CA   . ASP A 1 45 ? -10.529 -10.450 0.224   1.00 0.03  ? 45 ASP A CA   1 
ATOM 698  C C    . ASP A 1 45 ? -9.184  -10.619 0.931   1.00 0.62  ? 45 ASP A C    1 
ATOM 699  O O    . ASP A 1 45 ? -9.148  -10.902 2.123   1.00 -0.50 ? 45 ASP A O    1 
ATOM 700  C CB   . ASP A 1 45 ? -10.663 -11.425 -0.949  1.00 -0.40 ? 45 ASP A CB   1 
ATOM 701  C CG   . ASP A 1 45 ? -10.407 -12.857 -0.495  1.00 0.71  ? 45 ASP A CG   1 
ATOM 702  O OD1  . ASP A 1 45 ? -11.376 -13.480 -0.012  1.00 -0.72 ? 45 ASP A OD1  1 
ATOM 703  O OD2  . ASP A 1 45 ? -9.248  -13.299 -0.641  1.00 -0.72 ? 45 ASP A OD2  1 
ATOM 704  H H    . ASP A 1 45 ? -10.578 -8.928  -1.263  1.00 0.25  ? 45 ASP A H    1 
ATOM 705  H HA   . ASP A 1 45 ? -11.335 -10.632 0.936   1.00 0.05  ? 45 ASP A HA   1 
ATOM 706  H HB2  . ASP A 1 45 ? -11.670 -11.354 -1.360  1.00 0.07  ? 45 ASP A HB2  1 
ATOM 707  H HB3  . ASP A 1 45 ? -9.942  -11.161 -1.723  1.00 0.07  ? 45 ASP A HB3  1 
ATOM 708  N N    . ILE A 1 46 ? -8.096  -10.411 0.157   1.00 -0.46 ? 46 ILE A N    1 
ATOM 709  C CA   . ILE A 1 46 ? -6.692  -10.455 0.609   1.00 0.03  ? 46 ILE A CA   1 
ATOM 710  C C    . ILE A 1 46 ? -6.353  -11.674 1.501   1.00 0.62  ? 46 ILE A C    1 
ATOM 711  O O    . ILE A 1 46 ? -5.629  -12.568 1.061   1.00 -0.50 ? 46 ILE A O    1 
ATOM 712  C CB   . ILE A 1 46 ? -6.273  -9.099  1.252   1.00 -0.01 ? 46 ILE A CB   1 
ATOM 713  C CG1  . ILE A 1 46 ? -4.903  -9.244  1.901   1.00 -0.05 ? 46 ILE A CG1  1 
ATOM 714  C CG2  . ILE A 1 46 ? -7.276  -8.595  2.308   1.00 -0.08 ? 46 ILE A CG2  1 
ATOM 715  C CD1  . ILE A 1 46 ? -4.306  -7.868  2.182   1.00 -0.08 ? 46 ILE A CD1  1 
ATOM 716  H H    . ILE A 1 46 ? -8.248  -10.196 -0.816  1.00 0.25  ? 46 ILE A H    1 
ATOM 717  H HA   . ILE A 1 46 ? -6.088  -10.560 -0.292  1.00 0.05  ? 46 ILE A HA   1 
ATOM 718  H HB   . ILE A 1 46 ? -6.199  -8.357  0.462   1.00 0.02  ? 46 ILE A HB   1 
ATOM 719  H HG12 . ILE A 1 46 ? -5.007  -9.783  2.837   1.00 0.03  ? 46 ILE A HG12 1 
ATOM 720  H HG13 . ILE A 1 46 ? -4.243  -9.795  1.231   1.00 0.03  ? 46 ILE A HG13 1 
ATOM 721  H HG21 . ILE A 1 46 ? -8.272  -8.562  1.888   1.00 0.03  ? 46 ILE A HG21 1 
ATOM 722  H HG22 . ILE A 1 46 ? -6.991  -7.592  2.616   1.00 0.03  ? 46 ILE A HG22 1 
ATOM 723  H HG23 . ILE A 1 46 ? -7.263  -9.245  3.176   1.00 0.03  ? 46 ILE A HG23 1 
ATOM 724  H HD11 . ILE A 1 46 ? -4.340  -7.263  1.276   1.00 0.03  ? 46 ILE A HD11 1 
ATOM 725  H HD12 . ILE A 1 46 ? -3.274  -7.983  2.503   1.00 0.03  ? 46 ILE A HD12 1 
ATOM 726  H HD13 . ILE A 1 46 ? -4.876  -7.377  2.970   1.00 0.03  ? 46 ILE A HD13 1 
ATOM 727  N N    . GLY A 1 47 ? -6.842  -11.699 2.740   1.00 -0.46 ? 47 GLY A N    1 
ATOM 728  C CA   . GLY A 1 47 ? -6.531  -12.744 3.698   1.00 0.03  ? 47 GLY A CA   1 
ATOM 729  C C    . GLY A 1 47 ? -6.037  -12.082 4.977   1.00 0.62  ? 47 GLY A C    1 
ATOM 730  O O    . GLY A 1 47 ? -5.256  -11.139 4.917   1.00 -0.50 ? 47 GLY A O    1 
ATOM 731  H H    . GLY A 1 47 ? -7.450  -10.961 3.038   1.00 0.25  ? 47 GLY A H    1 
ATOM 732  H HA2  . GLY A 1 47 ? -7.428  -13.327 3.907   1.00 0.03  ? 47 GLY A HA2  1 
ATOM 733  H HA3  . GLY A 1 47 ? -5.753  -13.398 3.303   1.00 0.03  ? 47 GLY A HA3  1 
ATOM 734  N N    . LEU A 1 48 ? -6.497  -12.561 6.134   1.00 -0.46 ? 48 LEU A N    1 
ATOM 735  C CA   . LEU A 1 48 ? -6.125  -11.971 7.413   1.00 0.03  ? 48 LEU A CA   1 
ATOM 736  C C    . LEU A 1 48 ? -4.602  -11.877 7.544   1.00 0.62  ? 48 LEU A C    1 
ATOM 737  O O    . LEU A 1 48 ? -4.085  -10.852 7.972   1.00 -0.50 ? 48 LEU A O    1 
ATOM 738  C CB   . LEU A 1 48 ? -6.725  -12.815 8.548   1.00 -0.06 ? 48 LEU A CB   1 
ATOM 739  C CG   . LEU A 1 48 ? -6.351  -12.230 9.921   1.00 -0.01 ? 48 LEU A CG   1 
ATOM 740  C CD1  . LEU A 1 48 ? -6.944  -10.824 10.079  1.00 -0.11 ? 48 LEU A CD1  1 
ATOM 741  C CD2  . LEU A 1 48 ? -6.903  -13.137 11.023  1.00 -0.11 ? 48 LEU A CD2  1 
ATOM 742  H H    . LEU A 1 48 ? -7.129  -13.348 6.134   1.00 0.25  ? 48 LEU A H    1 
ATOM 743  H HA   . LEU A 1 48 ? -6.541  -10.963 7.458   1.00 0.05  ? 48 LEU A HA   1 
ATOM 744  H HB2  . LEU A 1 48 ? -7.812  -12.832 8.448   1.00 0.03  ? 48 LEU A HB2  1 
ATOM 745  H HB3  . LEU A 1 48 ? -6.344  -13.835 8.477   1.00 0.03  ? 48 LEU A HB3  1 
ATOM 746  H HG   . LEU A 1 48 ? -5.266  -12.177 10.015  1.00 0.03  ? 48 LEU A HG   1 
ATOM 747  H HD11 . LEU A 1 48 ? -6.399  -10.124 9.447   1.00 0.03  ? 48 LEU A HD11 1 
ATOM 748  H HD12 . LEU A 1 48 ? -6.859  -10.510 11.119  1.00 0.03  ? 48 LEU A HD12 1 
ATOM 749  H HD13 . LEU A 1 48 ? -7.994  -10.836 9.788   1.00 0.03  ? 48 LEU A HD13 1 
ATOM 750  H HD21 . LEU A 1 48 ? -7.989  -13.184 10.947  1.00 0.03  ? 48 LEU A HD21 1 
ATOM 751  H HD22 . LEU A 1 48 ? -6.625  -12.737 11.999  1.00 0.03  ? 48 LEU A HD22 1 
ATOM 752  H HD23 . LEU A 1 48 ? -6.489  -14.139 10.912  1.00 0.03  ? 48 LEU A HD23 1 
ATOM 753  N N    . LYS A 1 49 ? -3.889  -12.947 7.175   1.00 -0.46 ? 49 LYS A N    1 
ATOM 754  C CA   . LYS A 1 49 ? -2.435  -12.977 7.271   1.00 0.03  ? 49 LYS A CA   1 
ATOM 755  C C    . LYS A 1 49 ? -1.817  -11.861 6.421   1.00 0.62  ? 49 LYS A C    1 
ATOM 756  O O    . LYS A 1 49 ? -0.916  -11.162 6.878   1.00 -0.50 ? 49 LYS A O    1 
ATOM 757  C CB   . LYS A 1 49 ? -1.923  -14.346 6.814   1.00 -0.10 ? 49 LYS A CB   1 
ATOM 758  C CG   . LYS A 1 49 ? -2.344  -15.422 7.825   1.00 -0.16 ? 49 LYS A CG   1 
ATOM 759  C CD   . LYS A 1 49 ? -2.015  -16.824 7.284   1.00 -0.18 ? 49 LYS A CD   1 
ATOM 760  C CE   . LYS A 1 49 ? -0.506  -16.981 7.040   1.00 -0.04 ? 49 LYS A CE   1 
ATOM 761  N NZ   . LYS A 1 49 ? 0.275   -16.669 8.252   1.00 -0.14 ? 49 LYS A NZ   1 
ATOM 762  H H    . LYS A 1 49 ? -4.364  -13.765 6.823   1.00 0.25  ? 49 LYS A H    1 
ATOM 763  H HA   . LYS A 1 49 ? -2.147  -12.822 8.312   1.00 0.05  ? 49 LYS A HA   1 
ATOM 764  H HB2  . LYS A 1 49 ? -2.339  -14.583 5.834   1.00 0.04  ? 49 LYS A HB2  1 
ATOM 765  H HB3  . LYS A 1 49 ? -0.836  -14.317 6.747   1.00 0.04  ? 49 LYS A HB3  1 
ATOM 766  H HG2  . LYS A 1 49 ? -1.823  -15.259 8.768   1.00 0.12  ? 49 LYS A HG2  1 
ATOM 767  H HG3  . LYS A 1 49 ? -3.419  -15.354 7.997   1.00 0.12  ? 49 LYS A HG3  1 
ATOM 768  H HD2  . LYS A 1 49 ? -2.341  -17.573 8.008   1.00 0.12  ? 49 LYS A HD2  1 
ATOM 769  H HD3  . LYS A 1 49 ? -2.548  -16.982 6.345   1.00 0.12  ? 49 LYS A HD3  1 
ATOM 770  H HE2  . LYS A 1 49 ? -0.301  -18.011 6.744   1.00 0.10  ? 49 LYS A HE2  1 
ATOM 771  H HE3  . LYS A 1 49 ? -0.198  -16.315 6.234   1.00 0.10  ? 49 LYS A HE3  1 
ATOM 772  H HZ1  . LYS A 1 49 ? -0.046  -17.245 9.019   1.00 0.29  ? 49 LYS A HZ1  1 
ATOM 773  H HZ2  . LYS A 1 49 ? 1.253   -16.854 8.080   1.00 0.29  ? 49 LYS A HZ2  1 
ATOM 774  H HZ3  . LYS A 1 49 ? 0.155   -15.695 8.490   1.00 0.29  ? 49 LYS A HZ3  1 
ATOM 775  N N    . GLN A 1 50 ? -2.301  -11.702 5.184   1.00 -0.46 ? 50 GLN A N    1 
ATOM 776  C CA   . GLN A 1 50 ? -1.782  -10.687 4.277   1.00 0.03  ? 50 GLN A CA   1 
ATOM 777  C C    . GLN A 1 50 ? -2.115  -9.283  4.801   1.00 0.62  ? 50 GLN A C    1 
ATOM 778  O O    . GLN A 1 50 ? -1.226  -8.448  4.913   1.00 -0.50 ? 50 GLN A O    1 
ATOM 779  C CB   . GLN A 1 50 ? -2.371  -10.905 2.883   1.00 -0.10 ? 50 GLN A CB   1 
ATOM 780  C CG   . GLN A 1 50 ? -1.740  -12.130 2.222   1.00 -0.10 ? 50 GLN A CG   1 
ATOM 781  C CD   . GLN A 1 50 ? -1.813  -12.018 0.702   1.00 0.68  ? 50 GLN A CD   1 
ATOM 782  O OE1  . GLN A 1 50 ? -0.845  -11.619 0.062   1.00 -0.47 ? 50 GLN A OE1  1 
ATOM 783  N NE2  . GLN A 1 50 ? -2.962  -12.365 0.125   1.00 -0.87 ? 50 GLN A NE2  1 
ATOM 784  H H    . GLN A 1 50 ? -3.048  -12.297 4.858   1.00 0.25  ? 50 GLN A H    1 
ATOM 785  H HA   . GLN A 1 50 ? -0.697  -10.786 4.217   1.00 0.05  ? 50 GLN A HA   1 
ATOM 786  H HB2  . GLN A 1 50 ? -3.440  -11.063 2.966   1.00 0.04  ? 50 GLN A HB2  1 
ATOM 787  H HB3  . GLN A 1 50 ? -2.178  -10.025 2.269   1.00 0.04  ? 50 GLN A HB3  1 
ATOM 788  H HG2  . GLN A 1 50 ? -0.695  -12.207 2.523   1.00 0.06  ? 50 GLN A HG2  1 
ATOM 789  H HG3  . GLN A 1 50 ? -2.273  -13.025 2.544   1.00 0.06  ? 50 GLN A HG3  1 
ATOM 790  H HE21 . GLN A 1 50 ? -3.748  -12.660 0.693   1.00 0.34  ? 50 GLN A HE21 1 
ATOM 791  H HE22 . GLN A 1 50 ? -3.049  -12.332 -0.880  1.00 0.34  ? 50 GLN A HE22 1 
ATOM 792  N N    . LYS A 1 51 ? -3.392  -9.023  5.125   1.00 -0.46 ? 51 LYS A N    1 
ATOM 793  C CA   . LYS A 1 51 ? -3.804  -7.724  5.649   1.00 0.03  ? 51 LYS A CA   1 
ATOM 794  C C    . LYS A 1 51 ? -2.956  -7.376  6.873   1.00 0.62  ? 51 LYS A C    1 
ATOM 795  O O    . LYS A 1 51 ? -2.460  -6.258  6.989   1.00 -0.50 ? 51 LYS A O    1 
ATOM 796  C CB   . LYS A 1 51 ? -5.300  -7.753  6.008   1.00 -0.10 ? 51 LYS A CB   1 
ATOM 797  C CG   . LYS A 1 51 ? -5.794  -6.317  6.247   1.00 -0.16 ? 51 LYS A CG   1 
ATOM 798  C CD   . LYS A 1 51 ? -7.238  -6.320  6.775   1.00 -0.18 ? 51 LYS A CD   1 
ATOM 799  C CE   . LYS A 1 51 ? -8.192  -6.907  5.726   1.00 -0.04 ? 51 LYS A CE   1 
ATOM 800  N NZ   . LYS A 1 51 ? -9.519  -6.254  5.783   1.00 -0.14 ? 51 LYS A NZ   1 
ATOM 801  H H    . LYS A 1 51 ? -4.096  -9.738  5.008   1.00 0.25  ? 51 LYS A H    1 
ATOM 802  H HA   . LYS A 1 51 ? -3.639  -6.968  4.883   1.00 0.05  ? 51 LYS A HA   1 
ATOM 803  H HB2  . LYS A 1 51 ? -5.860  -8.198  5.186   1.00 0.04  ? 51 LYS A HB2  1 
ATOM 804  H HB3  . LYS A 1 51 ? -5.447  -8.346  6.911   1.00 0.04  ? 51 LYS A HB3  1 
ATOM 805  H HG2  . LYS A 1 51 ? -5.149  -5.832  6.980   1.00 0.12  ? 51 LYS A HG2  1 
ATOM 806  H HG3  . LYS A 1 51 ? -5.752  -5.760  5.310   1.00 0.12  ? 51 LYS A HG3  1 
ATOM 807  H HD2  . LYS A 1 51 ? -7.290  -6.916  7.687   1.00 0.12  ? 51 LYS A HD2  1 
ATOM 808  H HD3  . LYS A 1 51 ? -7.535  -5.294  6.999   1.00 0.12  ? 51 LYS A HD3  1 
ATOM 809  H HE2  . LYS A 1 51 ? -7.770  -6.765  4.735   1.00 0.10  ? 51 LYS A HE2  1 
ATOM 810  H HE3  . LYS A 1 51 ? -8.312  -7.975  5.910   1.00 0.10  ? 51 LYS A HE3  1 
ATOM 811  H HZ1  . LYS A 1 51 ? -9.423  -5.257  5.595   1.00 0.29  ? 51 LYS A HZ1  1 
ATOM 812  H HZ2  . LYS A 1 51 ? -10.128 -6.667  5.091   1.00 0.29  ? 51 LYS A HZ2  1 
ATOM 813  H HZ3  . LYS A 1 51 ? -9.920  -6.381  6.700   1.00 0.29  ? 51 LYS A HZ3  1 
ATOM 814  N N    . GLN A 1 52 ? -2.788  -8.343  7.782   1.00 -0.46 ? 52 GLN A N    1 
ATOM 815  C CA   . GLN A 1 52 ? -1.990  -8.149  8.982   1.00 0.03  ? 52 GLN A CA   1 
ATOM 816  C C    . GLN A 1 52 ? -0.558  -7.780  8.594   1.00 0.62  ? 52 GLN A C    1 
ATOM 817  O O    . GLN A 1 52 ? -0.008  -6.812  9.114   1.00 -0.50 ? 52 GLN A O    1 
ATOM 818  C CB   . GLN A 1 52 ? -2.021  -9.431  9.822   1.00 -0.10 ? 52 GLN A CB   1 
ATOM 819  C CG   . GLN A 1 52 ? -1.241  -9.227  11.125  1.00 -0.10 ? 52 GLN A CG   1 
ATOM 820  C CD   . GLN A 1 52 ? -1.315  -10.468 12.009  1.00 0.68  ? 52 GLN A CD   1 
ATOM 821  O OE1  . GLN A 1 52 ? -1.727  -11.535 11.559  1.00 -0.47 ? 52 GLN A OE1  1 
ATOM 822  N NE2  . GLN A 1 52 ? -0.915  -10.328 13.273  1.00 -0.87 ? 52 GLN A NE2  1 
ATOM 823  H H    . GLN A 1 52 ? -3.225  -9.245  7.637   1.00 0.25  ? 52 GLN A H    1 
ATOM 824  H HA   . GLN A 1 52 ? -2.422  -7.334  9.565   1.00 0.05  ? 52 GLN A HA   1 
ATOM 825  H HB2  . GLN A 1 52 ? -3.055  -9.683  10.058  1.00 0.04  ? 52 GLN A HB2  1 
ATOM 826  H HB3  . GLN A 1 52 ? -1.572  -10.248 9.255   1.00 0.04  ? 52 GLN A HB3  1 
ATOM 827  H HG2  . GLN A 1 52 ? -0.196  -9.019  10.892  1.00 0.06  ? 52 GLN A HG2  1 
ATOM 828  H HG3  . GLN A 1 52 ? -1.663  -8.378  11.664  1.00 0.06  ? 52 GLN A HG3  1 
ATOM 829  H HE21 . GLN A 1 52 ? -0.581  -9.433  13.599  1.00 0.34  ? 52 GLN A HE21 1 
ATOM 830  H HE22 . GLN A 1 52 ? -0.946  -11.117 13.900  1.00 0.34  ? 52 GLN A HE22 1 
ATOM 831  N N    . TRP A 1 53 ? 0.042   -8.554  7.676   1.00 -0.46 ? 53 TRP A N    1 
ATOM 832  C CA   . TRP A 1 53 ? 1.401   -8.301  7.218   1.00 0.03  ? 53 TRP A CA   1 
ATOM 833  C C    . TRP A 1 53 ? 1.525   -6.866  6.711   1.00 0.62  ? 53 TRP A C    1 
ATOM 834  O O    . TRP A 1 53 ? 2.467   -6.166  7.064   1.00 -0.50 ? 53 TRP A O    1 
ATOM 835  C CB   . TRP A 1 53 ? 1.772   -9.293  6.111   1.00 -0.10 ? 53 TRP A CB   1 
ATOM 836  C CG   . TRP A 1 53 ? 2.947   -8.875  5.281   1.00 -0.14 ? 53 TRP A CG   1 
ATOM 837  C CD1  . TRP A 1 53 ? 4.197   -8.694  5.737   1.00 0.04  ? 53 TRP A CD1  1 
ATOM 838  C CD2  . TRP A 1 53 ? 3.009   -8.559  3.853   1.00 0.15  ? 53 TRP A CD2  1 
ATOM 839  N NE1  . TRP A 1 53 ? 5.037   -8.296  4.728   1.00 -0.35 ? 53 TRP A NE1  1 
ATOM 840  C CE2  . TRP A 1 53 ? 4.356   -8.194  3.532   1.00 0.15  ? 53 TRP A CE2  1 
ATOM 841  C CE3  . TRP A 1 53 ? 2.074   -8.537  2.788   1.00 -0.17 ? 53 TRP A CE3  1 
ATOM 842  C CZ2  . TRP A 1 53 ? 4.751   -7.836  2.241   1.00 -0.17 ? 53 TRP A CZ2  1 
ATOM 843  C CZ3  . TRP A 1 53 ? 2.470   -8.176  1.485   1.00 -0.07 ? 53 TRP A CZ3  1 
ATOM 844  C CH2  . TRP A 1 53 ? 3.805   -7.834  1.212   1.00 -0.08 ? 53 TRP A CH2  1 
ATOM 845  H H    . TRP A 1 53 ? -0.458  -9.341  7.280   1.00 0.25  ? 53 TRP A H    1 
ATOM 846  H HA   . TRP A 1 53 ? 2.087   -8.437  8.056   1.00 0.05  ? 53 TRP A HA   1 
ATOM 847  H HB2  . TRP A 1 53 ? 1.996   -10.256 6.569   1.00 0.04  ? 53 TRP A HB2  1 
ATOM 848  H HB3  . TRP A 1 53 ? 0.916   -9.416  5.453   1.00 0.04  ? 53 TRP A HB3  1 
ATOM 849  H HD1  . TRP A 1 53 ? 4.501   -8.832  6.767   1.00 0.09  ? 53 TRP A HD1  1 
ATOM 850  H HE1  . TRP A 1 53 ? 6.028   -8.096  4.829   1.00 0.27  ? 53 TRP A HE1  1 
ATOM 851  H HE3  . TRP A 1 53 ? 1.047   -8.802  2.972   1.00 0.09  ? 53 TRP A HE3  1 
ATOM 852  H HZ2  . TRP A 1 53 ? 5.777   -7.566  2.039   1.00 0.08  ? 53 TRP A HZ2  1 
ATOM 853  H HZ3  . TRP A 1 53 ? 1.739   -8.167  0.690   1.00 0.06  ? 53 TRP A HZ3  1 
ATOM 854  H HH2  . TRP A 1 53 ? 4.103   -7.578  0.207   1.00 0.07  ? 53 TRP A HH2  1 
ATOM 855  N N    . LEU A 1 54 ? 0.579   -6.427  5.882   1.00 -0.46 ? 54 LEU A N    1 
ATOM 856  C CA   . LEU A 1 54 ? 0.606   -5.081  5.343   1.00 0.03  ? 54 LEU A CA   1 
ATOM 857  C C    . LEU A 1 54 ? 0.521   -4.059  6.476   1.00 0.62  ? 54 LEU A C    1 
ATOM 858  O O    . LEU A 1 54 ? 1.206   -3.041  6.449   1.00 -0.50 ? 54 LEU A O    1 
ATOM 859  C CB   . LEU A 1 54 ? -0.571  -4.875  4.377   1.00 -0.06 ? 54 LEU A CB   1 
ATOM 860  C CG   . LEU A 1 54 ? -0.412  -5.734  3.115   1.00 -0.01 ? 54 LEU A CG   1 
ATOM 861  C CD1  . LEU A 1 54 ? -1.695  -5.641  2.290   1.00 -0.11 ? 54 LEU A CD1  1 
ATOM 862  C CD2  . LEU A 1 54 ? 0.765   -5.233  2.272   1.00 -0.11 ? 54 LEU A CD2  1 
ATOM 863  H H    . LEU A 1 54 ? -0.182  -7.041  5.616   1.00 0.25  ? 54 LEU A H    1 
ATOM 864  H HA   . LEU A 1 54 ? 1.536   -4.935  4.808   1.00 0.05  ? 54 LEU A HA   1 
ATOM 865  H HB2  . LEU A 1 54 ? -1.497  -5.148  4.882   1.00 0.03  ? 54 LEU A HB2  1 
ATOM 866  H HB3  . LEU A 1 54 ? -0.620  -3.824  4.090   1.00 0.03  ? 54 LEU A HB3  1 
ATOM 867  H HG   . LEU A 1 54 ? -0.240  -6.771  3.396   1.00 0.03  ? 54 LEU A HG   1 
ATOM 868  H HD11 . LEU A 1 54 ? -2.547  -5.907  2.913   1.00 0.03  ? 54 LEU A HD11 1 
ATOM 869  H HD12 . LEU A 1 54 ? -1.636  -6.325  1.444   1.00 0.03  ? 54 LEU A HD12 1 
ATOM 870  H HD13 . LEU A 1 54 ? -1.819  -4.623  1.925   1.00 0.03  ? 54 LEU A HD13 1 
ATOM 871  H HD21 . LEU A 1 54 ? 0.738   -4.145  2.217   1.00 0.03  ? 54 LEU A HD21 1 
ATOM 872  H HD22 . LEU A 1 54 ? 0.695   -5.649  1.267   1.00 0.03  ? 54 LEU A HD22 1 
ATOM 873  H HD23 . LEU A 1 54 ? 1.700   -5.552  2.727   1.00 0.03  ? 54 LEU A HD23 1 
ATOM 874  N N    . MET A 1 55 ? -0.339  -4.334  7.458   1.00 -0.46 ? 55 MET A N    1 
ATOM 875  C CA   . MET A 1 55 ? -0.603  -3.415  8.550   1.00 0.03  ? 55 MET A CA   1 
ATOM 876  C C    . MET A 1 55 ? 0.610   -3.216  9.473   1.00 0.62  ? 55 MET A C    1 
ATOM 877  O O    . MET A 1 55 ? 0.816   -2.107  9.958   1.00 -0.50 ? 55 MET A O    1 
ATOM 878  C CB   . MET A 1 55 ? -1.801  -3.947  9.348   1.00 -0.15 ? 55 MET A CB   1 
ATOM 879  C CG   . MET A 1 55 ? -2.369  -2.848  10.245  1.00 -0.05 ? 55 MET A CG   1 
ATOM 880  S SD   . MET A 1 55 ? -3.744  -3.393  11.287  1.00 0.74  ? 55 MET A SD   1 
ATOM 881  C CE   . MET A 1 55 ? -4.073  -1.842  12.159  1.00 -0.13 ? 55 MET A CE   1 
ATOM 882  H H    . MET A 1 55 ? -0.850  -5.207  7.438   1.00 0.25  ? 55 MET A H    1 
ATOM 883  H HA   . MET A 1 55 ? -0.872  -2.448  8.122   1.00 0.05  ? 55 MET A HA   1 
ATOM 884  H HB2  . MET A 1 55 ? -2.577  -4.280  8.657   1.00 0.03  ? 55 MET A HB2  1 
ATOM 885  H HB3  . MET A 1 55 ? -1.483  -4.789  9.964   1.00 0.03  ? 55 MET A HB3  1 
ATOM 886  H HG2  . MET A 1 55 ? -1.574  -2.476  10.890  1.00 0.07  ? 55 MET A HG2  1 
ATOM 887  H HG3  . MET A 1 55 ? -2.718  -2.033  9.614   1.00 0.07  ? 55 MET A HG3  1 
ATOM 888  H HE1  . MET A 1 55 ? -3.181  -1.536  12.705  1.00 0.07  ? 55 MET A HE1  1 
ATOM 889  H HE2  . MET A 1 55 ? -4.896  -1.986  12.859  1.00 0.07  ? 55 MET A HE2  1 
ATOM 890  H HE3  . MET A 1 55 ? -4.340  -1.070  11.439  1.00 0.07  ? 55 MET A HE3  1 
ATOM 891  N N    . THR A 1 56 ? 1.392   -4.277  9.747   1.00 -0.46 ? 56 THR A N    1 
ATOM 892  C CA   . THR A 1 56 ? 2.503   -4.185  10.709  1.00 0.03  ? 56 THR A CA   1 
ATOM 893  C C    . THR A 1 56 ? 3.886   -4.182  10.042  1.00 0.62  ? 56 THR A C    1 
ATOM 894  O O    . THR A 1 56 ? 4.845   -3.714  10.653  1.00 -0.50 ? 56 THR A O    1 
ATOM 895  C CB   . THR A 1 56 ? 2.396   -5.340  11.710  1.00 0.17  ? 56 THR A CB   1 
ATOM 896  O OG1  . THR A 1 56 ? 3.272   -5.109  12.793  1.00 -0.55 ? 56 THR A OG1  1 
ATOM 897  C CG2  . THR A 1 56 ? 2.761   -6.671  11.042  1.00 -0.19 ? 56 THR A CG2  1 
ATOM 898  H H    . THR A 1 56 ? 1.207   -5.169  9.303   1.00 0.25  ? 56 THR A H    1 
ATOM 899  H HA   . THR A 1 56 ? 2.397   -3.258  11.268  1.00 0.05  ? 56 THR A HA   1 
ATOM 900  H HB   . THR A 1 56 ? 1.379   -5.386  12.084  1.00 0.08  ? 56 THR A HB   1 
ATOM 901  H HG1  . THR A 1 56 ? 3.197   -5.842  13.408  1.00 0.31  ? 56 THR A HG1  1 
ATOM 902  H HG21 . THR A 1 56 ? 2.238   -6.762  10.093  1.00 0.07  ? 56 THR A HG21 1 
ATOM 903  H HG22 . THR A 1 56 ? 2.471   -7.496  11.693  1.00 0.07  ? 56 THR A HG22 1 
ATOM 904  H HG23 . THR A 1 56 ? 3.836   -6.711  10.868  1.00 0.07  ? 56 THR A HG23 1 
ATOM 905  N N    . GLU A 1 57 ? 4.005   -4.707  8.816   1.00 -0.46 ? 57 GLU A N    1 
ATOM 906  C CA   . GLU A 1 57 ? 5.303   -4.806  8.153   1.00 0.03  ? 57 GLU A CA   1 
ATOM 907  C C    . GLU A 1 57 ? 5.387   -3.876  6.940   1.00 0.62  ? 57 GLU A C    1 
ATOM 908  O O    . GLU A 1 57 ? 6.085   -2.866  6.985   1.00 -0.50 ? 57 GLU A O    1 
ATOM 909  C CB   . GLU A 1 57 ? 5.550   -6.263  7.745   1.00 -0.18 ? 57 GLU A CB   1 
ATOM 910  C CG   . GLU A 1 57 ? 6.997   -6.434  7.266   1.00 -0.40 ? 57 GLU A CG   1 
ATOM 911  C CD   . GLU A 1 57 ? 7.274   -7.879  6.870   1.00 0.71  ? 57 GLU A CD   1 
ATOM 912  O OE1  . GLU A 1 57 ? 7.165   -8.745  7.762   1.00 -0.72 ? 57 GLU A OE1  1 
ATOM 913  O OE2  . GLU A 1 57 ? 7.586   -8.090  5.676   1.00 -0.72 ? 57 GLU A OE2  1 
ATOM 914  H H    . GLU A 1 57 ? 3.190   -5.060  8.337   1.00 0.25  ? 57 GLU A H    1 
ATOM 915  H HA   . GLU A 1 57 ? 6.080   -4.521  8.855   1.00 0.05  ? 57 GLU A HA   1 
ATOM 916  H HB2  . GLU A 1 57 ? 5.376   -6.914  8.602   1.00 0.09  ? 57 GLU A HB2  1 
ATOM 917  H HB3  . GLU A 1 57 ? 4.872   -6.537  6.943   1.00 0.09  ? 57 GLU A HB3  1 
ATOM 918  H HG2  . GLU A 1 57 ? 7.168   -5.789  6.405   1.00 0.07  ? 57 GLU A HG2  1 
ATOM 919  H HG3  . GLU A 1 57 ? 7.676   -6.148  8.069   1.00 0.07  ? 57 GLU A HG3  1 
ATOM 920  N N    . ALA A 1 58 ? 4.697   -4.230  5.851   1.00 -0.46 ? 58 ALA A N    1 
ATOM 921  C CA   . ALA A 1 58 ? 4.787   -3.489  4.598   1.00 0.03  ? 58 ALA A CA   1 
ATOM 922  C C    . ALA A 1 58 ? 4.525   -1.997  4.797   1.00 0.62  ? 58 ALA A C    1 
ATOM 923  O O    . ALA A 1 58 ? 5.425   -1.185  4.610   1.00 -0.50 ? 58 ALA A O    1 
ATOM 924  C CB   . ALA A 1 58 ? 3.809   -4.074  3.587   1.00 -0.10 ? 58 ALA A CB   1 
ATOM 925  H H    . ALA A 1 58 ? 4.105   -5.049  5.880   1.00 0.25  ? 58 ALA A H    1 
ATOM 926  H HA   . ALA A 1 58 ? 5.798   -3.611  4.205   1.00 0.05  ? 58 ALA A HA   1 
ATOM 927  H HB1  . ALA A 1 58 ? 3.799   -5.162  3.674   1.00 0.04  ? 58 ALA A HB1  1 
ATOM 928  H HB2  . ALA A 1 58 ? 4.120   -3.796  2.584   1.00 0.04  ? 58 ALA A HB2  1 
ATOM 929  H HB3  . ALA A 1 58 ? 2.811   -3.685  3.774   1.00 0.04  ? 58 ALA A HB3  1 
ATOM 930  N N    . LEU A 1 59 ? 3.296   -1.628  5.166   1.00 -0.46 ? 59 LEU A N    1 
ATOM 931  C CA   . LEU A 1 59 ? 2.919   -0.226  5.310   1.00 0.03  ? 59 LEU A CA   1 
ATOM 932  C C    . LEU A 1 59 ? 3.451   0.344   6.628   1.00 0.62  ? 59 LEU A C    1 
ATOM 933  O O    . LEU A 1 59 ? 2.833   1.230   7.212   1.00 -0.50 ? 59 LEU A O    1 
ATOM 934  C CB   . LEU A 1 59 ? 1.389   -0.098  5.238   1.00 -0.06 ? 59 LEU A CB   1 
ATOM 935  C CG   . LEU A 1 59 ? 0.836   -0.829  4.000   1.00 -0.01 ? 59 LEU A CG   1 
ATOM 936  C CD1  . LEU A 1 59 ? -0.672  -0.602  3.921   1.00 -0.11 ? 59 LEU A CD1  1 
ATOM 937  C CD2  . LEU A 1 59 ? 1.491   -0.294  2.723   1.00 -0.11 ? 59 LEU A CD2  1 
ATOM 938  H H    . LEU A 1 59 ? 2.596   -2.332  5.345   1.00 0.25  ? 59 LEU A H    1 
ATOM 939  H HA   . LEU A 1 59 ? 3.357   0.340   4.490   1.00 0.05  ? 59 LEU A HA   1 
ATOM 940  H HB2  . LEU A 1 59 ? 0.950   -0.532  6.136   1.00 0.03  ? 59 LEU A HB2  1 
ATOM 941  H HB3  . LEU A 1 59 ? 1.119   0.955   5.183   1.00 0.03  ? 59 LEU A HB3  1 
ATOM 942  H HG   . LEU A 1 59 ? 1.031   -1.897  4.085   1.00 0.03  ? 59 LEU A HG   1 
ATOM 943  H HD11 . LEU A 1 59 ? -1.134  -0.930  4.850   1.00 0.03  ? 59 LEU A HD11 1 
ATOM 944  H HD12 . LEU A 1 59 ? -1.083  -1.173  3.089   1.00 0.03  ? 59 LEU A HD12 1 
ATOM 945  H HD13 . LEU A 1 59 ? -0.873  0.459   3.769   1.00 0.03  ? 59 LEU A HD13 1 
ATOM 946  H HD21 . LEU A 1 59 ? 1.436   0.794   2.714   1.00 0.03  ? 59 LEU A HD21 1 
ATOM 947  H HD22 . LEU A 1 59 ? 0.967   -0.690  1.853   1.00 0.03  ? 59 LEU A HD22 1 
ATOM 948  H HD23 . LEU A 1 59 ? 2.534   -0.607  2.687   1.00 0.03  ? 59 LEU A HD23 1 
ATOM 949  N N    . VAL A 1 60 ? 4.599   -0.167  7.086   1.00 -0.46 ? 60 VAL A N    1 
ATOM 950  C CA   . VAL A 1 60 ? 5.221   0.276   8.321   1.00 0.03  ? 60 VAL A CA   1 
ATOM 951  C C    . VAL A 1 60 ? 6.716   0.518   8.086   1.00 0.62  ? 60 VAL A C    1 
ATOM 952  O O    . VAL A 1 60 ? 7.278   1.457   8.646   1.00 -0.50 ? 60 VAL A O    1 
ATOM 953  C CB   . VAL A 1 60 ? 4.976   -0.788  9.401   1.00 -0.01 ? 60 VAL A CB   1 
ATOM 954  C CG1  . VAL A 1 60 ? 5.558   -0.345  10.744  1.00 -0.09 ? 60 VAL A CG1  1 
ATOM 955  C CG2  . VAL A 1 60 ? 3.472   -1.000  9.561   1.00 -0.09 ? 60 VAL A CG2  1 
ATOM 956  H H    . VAL A 1 60 ? 5.058   -0.893  6.561   1.00 0.25  ? 60 VAL A H    1 
ATOM 957  H HA   . VAL A 1 60 ? 4.763   1.214   8.639   1.00 0.05  ? 60 VAL A HA   1 
ATOM 958  H HB   . VAL A 1 60 ? 5.442   -1.724  9.101   1.00 0.02  ? 60 VAL A HB   1 
ATOM 959  H HG11 . VAL A 1 60 ? 6.643   -0.286  10.672  1.00 0.03  ? 60 VAL A HG11 1 
ATOM 960  H HG12 . VAL A 1 60 ? 5.284   -1.077  11.512  1.00 0.03  ? 60 VAL A HG12 1 
ATOM 961  H HG13 . VAL A 1 60 ? 5.155   0.629   11.013  1.00 0.03  ? 60 VAL A HG13 1 
ATOM 962  H HG21 . VAL A 1 60 ? 2.964   -0.036  9.553   1.00 0.03  ? 60 VAL A HG21 1 
ATOM 963  H HG22 . VAL A 1 60 ? 3.277   -1.498  10.506  1.00 0.03  ? 60 VAL A HG22 1 
ATOM 964  H HG23 . VAL A 1 60 ? 3.100   -1.615  8.741   1.00 0.03  ? 60 VAL A HG23 1 
ATOM 965  N N    . ASN A 1 61 ? 7.359   -0.326  7.253   1.00 -0.46 ? 61 ASN A N    1 
ATOM 966  C CA   . ASN A 1 61 ? 8.784   -0.187  6.953   1.00 0.03  ? 61 ASN A CA   1 
ATOM 967  C C    . ASN A 1 61 ? 9.014   0.248   5.496   1.00 0.62  ? 61 ASN A C    1 
ATOM 968  O O    . ASN A 1 61 ? 10.129  0.631   5.147   1.00 -0.50 ? 61 ASN A O    1 
ATOM 969  C CB   . ASN A 1 61 ? 9.512   -1.508  7.258   1.00 -0.09 ? 61 ASN A CB   1 
ATOM 970  C CG   . ASN A 1 61 ? 9.006   -2.674  6.404   1.00 0.68  ? 61 ASN A CG   1 
ATOM 971  O OD1  . ASN A 1 61 ? 8.426   -2.479  5.341   1.00 -0.47 ? 61 ASN A OD1  1 
ATOM 972  N ND2  . ASN A 1 61 ? 9.234   -3.898  6.879   1.00 -0.87 ? 61 ASN A ND2  1 
ATOM 973  H H    . ASN A 1 61 ? 6.852   -1.087  6.819   1.00 0.25  ? 61 ASN A H    1 
ATOM 974  H HA   . ASN A 1 61 ? 9.202   0.583   7.602   1.00 0.05  ? 61 ASN A HA   1 
ATOM 975  H HB2  . ASN A 1 61 ? 10.578  -1.373  7.072   1.00 0.04  ? 61 ASN A HB2  1 
ATOM 976  H HB3  . ASN A 1 61 ? 9.367   -1.752  8.311   1.00 0.04  ? 61 ASN A HB3  1 
ATOM 977  H HD21 . ASN A 1 61 ? 9.712   -4.016  7.760   1.00 0.34  ? 61 ASN A HD21 1 
ATOM 978  H HD22 . ASN A 1 61 ? 8.927   -4.705  6.357   1.00 0.34  ? 61 ASN A HD22 1 
ATOM 979  N N    . ASN A 1 62 ? 7.974   0.192   4.641   1.00 -0.46 ? 62 ASN A N    1 
ATOM 980  C CA   . ASN A 1 62 ? 8.116   0.587   3.243   1.00 0.03  ? 62 ASN A CA   1 
ATOM 981  C C    . ASN A 1 62 ? 8.443   2.091   3.172   1.00 0.62  ? 62 ASN A C    1 
ATOM 982  O O    . ASN A 1 62 ? 7.697   2.904   3.717   1.00 -0.50 ? 62 ASN A O    1 
ATOM 983  C CB   . ASN A 1 62 ? 6.830   0.258   2.478   1.00 -0.09 ? 62 ASN A CB   1 
ATOM 984  C CG   . ASN A 1 62 ? 7.007   0.492   0.983   1.00 0.68  ? 62 ASN A CG   1 
ATOM 985  O OD1  . ASN A 1 62 ? 7.072   1.629   0.535   1.00 -0.47 ? 62 ASN A OD1  1 
ATOM 986  N ND2  . ASN A 1 62 ? 7.085   -0.591  0.210   1.00 -0.87 ? 62 ASN A ND2  1 
ATOM 987  H H    . ASN A 1 62 ? 7.070   -0.130  4.963   1.00 0.25  ? 62 ASN A H    1 
ATOM 988  H HA   . ASN A 1 62 ? 8.930   0.015   2.808   1.00 0.05  ? 62 ASN A HA   1 
ATOM 989  H HB2  . ASN A 1 62 ? 6.578   -0.788  2.640   1.00 0.04  ? 62 ASN A HB2  1 
ATOM 990  H HB3  . ASN A 1 62 ? 6.018   0.885   2.849   1.00 0.04  ? 62 ASN A HB3  1 
ATOM 991  H HD21 . ASN A 1 62 ? 7.032   -1.510  0.624   1.00 0.34  ? 62 ASN A HD21 1 
ATOM 992  H HD22 . ASN A 1 62 ? 7.198   -0.490  -0.788  1.00 0.34  ? 62 ASN A HD22 1 
ATOM 993  N N    . PRO A 1 63 ? 9.562   2.469   2.511   1.00 -0.23 ? 63 PRO A N    1 
ATOM 994  C CA   . PRO A 1 63 ? 10.000  3.853   2.432   1.00 0.03  ? 63 PRO A CA   1 
ATOM 995  C C    . PRO A 1 63 ? 8.988   4.750   1.710   1.00 0.53  ? 63 PRO A C    1 
ATOM 996  O O    . PRO A 1 63 ? 8.999   5.959   1.911   1.00 -0.50 ? 63 PRO A O    1 
ATOM 997  C CB   . PRO A 1 63 ? 11.335  3.826   1.679   1.00 -0.11 ? 63 PRO A CB   1 
ATOM 998  C CG   . PRO A 1 63 ? 11.551  2.386   1.202   1.00 -0.12 ? 63 PRO A CG   1 
ATOM 999  C CD   . PRO A 1 63 ? 10.449  1.540   1.835   1.00 -0.01 ? 63 PRO A CD   1 
ATOM 1000 H HA   . PRO A 1 63 ? 10.164  4.237   3.440   1.00 0.05  ? 63 PRO A HA   1 
ATOM 1001 H HB2  . PRO A 1 63 ? 11.301  4.502   0.825   1.00 0.06  ? 63 PRO A HB2  1 
ATOM 1002 H HB3  . PRO A 1 63 ? 12.143  4.118   2.350   1.00 0.06  ? 63 PRO A HB3  1 
ATOM 1003 H HG2  . PRO A 1 63 ? 11.475  2.340   0.114   1.00 0.06  ? 63 PRO A HG2  1 
ATOM 1004 H HG3  . PRO A 1 63 ? 12.530  2.028   1.522   1.00 0.06  ? 63 PRO A HG3  1 
ATOM 1005 H HD2  . PRO A 1 63 ? 9.907   0.994   1.062   1.00 0.06  ? 63 PRO A HD2  1 
ATOM 1006 H HD3  . PRO A 1 63 ? 10.884  0.845   2.554   1.00 0.06  ? 63 PRO A HD3  1 
ATOM 1007 N N    . LYS A 1 64 ? 8.123   4.170   0.867   1.00 -0.46 ? 64 LYS A N    1 
ATOM 1008 C CA   . LYS A 1 64 ? 7.148   4.947   0.108   1.00 0.03  ? 64 LYS A CA   1 
ATOM 1009 C C    . LYS A 1 64 ? 5.824   5.072   0.870   1.00 0.62  ? 64 LYS A C    1 
ATOM 1010 O O    . LYS A 1 64 ? 4.817   5.458   0.279   1.00 -0.50 ? 64 LYS A O    1 
ATOM 1011 C CB   . LYS A 1 64 ? 6.922   4.288   -1.257  1.00 -0.10 ? 64 LYS A CB   1 
ATOM 1012 C CG   . LYS A 1 64 ? 8.275   4.013   -1.925  1.00 -0.16 ? 64 LYS A CG   1 
ATOM 1013 C CD   . LYS A 1 64 ? 8.094   3.840   -3.441  1.00 -0.18 ? 64 LYS A CD   1 
ATOM 1014 C CE   . LYS A 1 64 ? 7.904   5.202   -4.129  1.00 -0.04 ? 64 LYS A CE   1 
ATOM 1015 N NZ   . LYS A 1 64 ? 9.075   6.077   -3.937  1.00 -0.14 ? 64 LYS A NZ   1 
ATOM 1016 H H    . LYS A 1 64 ? 8.141   3.167   0.739   1.00 0.25  ? 64 LYS A H    1 
ATOM 1017 H HA   . LYS A 1 64 ? 7.544   5.946   -0.059  1.00 0.05  ? 64 LYS A HA   1 
ATOM 1018 H HB2  . LYS A 1 64 ? 6.385   3.348   -1.125  1.00 0.04  ? 64 LYS A HB2  1 
ATOM 1019 H HB3  . LYS A 1 64 ? 6.331   4.954   -1.881  1.00 0.04  ? 64 LYS A HB3  1 
ATOM 1020 H HG2  . LYS A 1 64 ? 8.953   4.842   -1.728  1.00 0.12  ? 64 LYS A HG2  1 
ATOM 1021 H HG3  . LYS A 1 64 ? 8.699   3.099   -1.509  1.00 0.12  ? 64 LYS A HG3  1 
ATOM 1022 H HD2  . LYS A 1 64 ? 8.979   3.350   -3.853  1.00 0.12  ? 64 LYS A HD2  1 
ATOM 1023 H HD3  . LYS A 1 64 ? 7.220   3.215   -3.629  1.00 0.12  ? 64 LYS A HD3  1 
ATOM 1024 H HE2  . LYS A 1 64 ? 7.757   5.039   -5.198  1.00 0.10  ? 64 LYS A HE2  1 
ATOM 1025 H HE3  . LYS A 1 64 ? 7.022   5.694   -3.722  1.00 0.10  ? 64 LYS A HE3  1 
ATOM 1026 H HZ1  . LYS A 1 64 ? 9.913   5.586   -4.214  1.00 0.29  ? 64 LYS A HZ1  1 
ATOM 1027 H HZ2  . LYS A 1 64 ? 8.970   6.909   -4.500  1.00 0.29  ? 64 LYS A HZ2  1 
ATOM 1028 H HZ3  . LYS A 1 64 ? 9.146   6.340   -2.963  1.00 0.29  ? 64 LYS A HZ3  1 
ATOM 1029 N N    . ILE A 1 65 ? 5.821   4.751   2.175   1.00 -0.46 ? 65 ILE A N    1 
ATOM 1030 C CA   . ILE A 1 65 ? 4.612   4.825   2.988   1.00 0.03  ? 65 ILE A CA   1 
ATOM 1031 C C    . ILE A 1 65 ? 4.874   5.672   4.234   1.00 0.62  ? 65 ILE A C    1 
ATOM 1032 O O    . ILE A 1 65 ? 5.974   5.650   4.785   1.00 -0.50 ? 65 ILE A O    1 
ATOM 1033 C CB   . ILE A 1 65 ? 4.172   3.402   3.377   1.00 -0.01 ? 65 ILE A CB   1 
ATOM 1034 C CG1  . ILE A 1 65 ? 3.834   2.574   2.116   1.00 -0.05 ? 65 ILE A CG1  1 
ATOM 1035 C CG2  . ILE A 1 65 ? 2.954   3.466   4.306   1.00 -0.08 ? 65 ILE A CG2  1 
ATOM 1036 C CD1  . ILE A 1 65 ? 2.568   3.100   1.422   1.00 -0.08 ? 65 ILE A CD1  1 
ATOM 1037 H H    . ILE A 1 65 ? 6.676   4.442   2.619   1.00 0.25  ? 65 ILE A H    1 
ATOM 1038 H HA   . ILE A 1 65 ? 3.822   5.297   2.412   1.00 0.05  ? 65 ILE A HA   1 
ATOM 1039 H HB   . ILE A 1 65 ? 4.991   2.912   3.907   1.00 0.02  ? 65 ILE A HB   1 
ATOM 1040 H HG12 . ILE A 1 65 ? 4.668   2.618   1.418   1.00 0.03  ? 65 ILE A HG12 1 
ATOM 1041 H HG13 . ILE A 1 65 ? 3.673   1.536   2.406   1.00 0.03  ? 65 ILE A HG13 1 
ATOM 1042 H HG21 . ILE A 1 65 ? 3.274   3.758   5.307   1.00 0.03  ? 65 ILE A HG21 1 
ATOM 1043 H HG22 . ILE A 1 65 ? 2.481   2.489   4.353   1.00 0.03  ? 65 ILE A HG22 1 
ATOM 1044 H HG23 . ILE A 1 65 ? 2.240   4.196   3.929   1.00 0.03  ? 65 ILE A HG23 1 
ATOM 1045 H HD11 . ILE A 1 65 ? 1.729   3.078   2.116   1.00 0.03  ? 65 ILE A HD11 1 
ATOM 1046 H HD12 . ILE A 1 65 ? 2.340   2.468   0.564   1.00 0.03  ? 65 ILE A HD12 1 
ATOM 1047 H HD13 . ILE A 1 65 ? 2.729   4.120   1.081   1.00 0.03  ? 65 ILE A HD13 1 
ATOM 1048 N N    . GLU A 1 66 ? 3.844   6.416   4.667   1.00 -0.46 ? 66 GLU A N    1 
ATOM 1049 C CA   . GLU A 1 66 ? 3.919   7.268   5.846   1.00 0.03  ? 66 GLU A CA   1 
ATOM 1050 C C    . GLU A 1 66 ? 2.701   6.995   6.730   1.00 0.62  ? 66 GLU A C    1 
ATOM 1051 O O    . GLU A 1 66 ? 1.573   7.259   6.325   1.00 -0.50 ? 66 GLU A O    1 
ATOM 1052 C CB   . GLU A 1 66 ? 3.947   8.736   5.402   1.00 -0.18 ? 66 GLU A CB   1 
ATOM 1053 C CG   . GLU A 1 66 ? 4.387   9.633   6.564   1.00 -0.40 ? 66 GLU A CG   1 
ATOM 1054 C CD   . GLU A 1 66 ? 5.868   9.962   6.458   1.00 0.71  ? 66 GLU A CD   1 
ATOM 1055 O OE1  . GLU A 1 66 ? 6.673   9.176   7.005   1.00 -0.72 ? 66 GLU A OE1  1 
ATOM 1056 O OE2  . GLU A 1 66 ? 6.176   10.997  5.826   1.00 -0.72 ? 66 GLU A OE2  1 
ATOM 1057 H H    . GLU A 1 66 ? 2.970   6.390   4.160   1.00 0.25  ? 66 GLU A H    1 
ATOM 1058 H HA   . GLU A 1 66 ? 4.829   7.043   6.402   1.00 0.05  ? 66 GLU A HA   1 
ATOM 1059 H HB2  . GLU A 1 66 ? 4.644   8.853   4.574   1.00 0.09  ? 66 GLU A HB2  1 
ATOM 1060 H HB3  . GLU A 1 66 ? 2.952   9.034   5.074   1.00 0.09  ? 66 GLU A HB3  1 
ATOM 1061 H HG2  . GLU A 1 66 ? 3.814   10.559  6.538   1.00 0.07  ? 66 GLU A HG2  1 
ATOM 1062 H HG3  . GLU A 1 66 ? 4.197   9.124   7.510   1.00 0.07  ? 66 GLU A HG3  1 
ATOM 1063 N N    . VAL A 1 67 ? 2.927   6.465   7.935   1.00 -0.46 ? 67 VAL A N    1 
ATOM 1064 C CA   . VAL A 1 67 ? 1.840   6.160   8.857   1.00 0.03  ? 67 VAL A CA   1 
ATOM 1065 C C    . VAL A 1 67 ? 1.342   7.456   9.496   1.00 0.62  ? 67 VAL A C    1 
ATOM 1066 O O    . VAL A 1 67 ? 2.129   8.195   10.085  1.00 -0.50 ? 67 VAL A O    1 
ATOM 1067 C CB   . VAL A 1 67 ? 2.333   5.174   9.924   1.00 -0.01 ? 67 VAL A CB   1 
ATOM 1068 C CG1  . VAL A 1 67 ? 1.153   4.714   10.786  1.00 -0.09 ? 67 VAL A CG1  1 
ATOM 1069 C CG2  . VAL A 1 67 ? 2.969   3.957   9.245   1.00 -0.09 ? 67 VAL A CG2  1 
ATOM 1070 H H    . VAL A 1 67 ? 3.873   6.267   8.226   1.00 0.25  ? 67 VAL A H    1 
ATOM 1071 H HA   . VAL A 1 67 ? 1.023   5.699   8.300   1.00 0.05  ? 67 VAL A HA   1 
ATOM 1072 H HB   . VAL A 1 67 ? 3.075   5.663   10.557  1.00 0.02  ? 67 VAL A HB   1 
ATOM 1073 H HG11 . VAL A 1 67 ? 0.721   5.573   11.303  1.00 0.03  ? 67 VAL A HG11 1 
ATOM 1074 H HG12 . VAL A 1 67 ? 1.499   3.988   11.521  1.00 0.03  ? 67 VAL A HG12 1 
ATOM 1075 H HG13 . VAL A 1 67 ? 0.394   4.255   10.152  1.00 0.03  ? 67 VAL A HG13 1 
ATOM 1076 H HG21 . VAL A 1 67 ? 2.291   3.570   8.488   1.00 0.03  ? 67 VAL A HG21 1 
ATOM 1077 H HG22 . VAL A 1 67 ? 3.164   3.184   9.988   1.00 0.03  ? 67 VAL A HG22 1 
ATOM 1078 H HG23 . VAL A 1 67 ? 3.908   4.249   8.774   1.00 0.03  ? 67 VAL A HG23 1 
ATOM 1079 N N    . ILE A 1 68 ? 0.032   7.732   9.374   1.00 -0.46 ? 68 ILE A N    1 
ATOM 1080 C CA   . ILE A 1 68 ? -0.560  8.947   9.921   1.00 0.03  ? 68 ILE A CA   1 
ATOM 1081 C C    . ILE A 1 68 ? -1.917  8.621   10.544  1.00 0.62  ? 68 ILE A C    1 
ATOM 1082 O O    . ILE A 1 68 ? -2.820  8.152   9.854   1.00 -0.50 ? 68 ILE A O    1 
ATOM 1083 C CB   . ILE A 1 68 ? -0.715  9.998   8.804   1.00 -0.01 ? 68 ILE A CB   1 
ATOM 1084 C CG1  . ILE A 1 68 ? 0.662   10.322  8.196   1.00 -0.05 ? 68 ILE A CG1  1 
ATOM 1085 C CG2  . ILE A 1 68 ? -1.337  11.277  9.386   1.00 -0.08 ? 68 ILE A CG2  1 
ATOM 1086 C CD1  . ILE A 1 68 ? 0.526   11.384  7.101   1.00 -0.08 ? 68 ILE A CD1  1 
ATOM 1087 H H    . ILE A 1 68 ? -0.574  7.083   8.885   1.00 0.25  ? 68 ILE A H    1 
ATOM 1088 H HA   . ILE A 1 68 ? 0.096   9.349   10.695  1.00 0.05  ? 68 ILE A HA   1 
ATOM 1089 H HB   . ILE A 1 68 ? -1.367  9.601   8.026   1.00 0.02  ? 68 ILE A HB   1 
ATOM 1090 H HG12 . ILE A 1 68 ? 1.329   10.690  8.976   1.00 0.03  ? 68 ILE A HG12 1 
ATOM 1091 H HG13 . ILE A 1 68 ? 1.085   9.419   7.759   1.00 0.03  ? 68 ILE A HG13 1 
ATOM 1092 H HG21 . ILE A 1 68 ? -2.283  11.037  9.870   1.00 0.03  ? 68 ILE A HG21 1 
ATOM 1093 H HG22 . ILE A 1 68 ? -1.519  11.993  8.586   1.00 0.03  ? 68 ILE A HG22 1 
ATOM 1094 H HG23 . ILE A 1 68 ? -0.657  11.713  10.117  1.00 0.03  ? 68 ILE A HG23 1 
ATOM 1095 H HD11 . ILE A 1 68 ? -0.308  11.131  6.448   1.00 0.03  ? 68 ILE A HD11 1 
ATOM 1096 H HD12 . ILE A 1 68 ? 1.445   11.419  6.517   1.00 0.03  ? 68 ILE A HD12 1 
ATOM 1097 H HD13 . ILE A 1 68 ? 0.352   12.358  7.556   1.00 0.03  ? 68 ILE A HD13 1 
ATOM 1098 N N    . ASP A 1 69 ? -2.051  8.884   11.856  1.00 -0.46 ? 69 ASP A N    1 
ATOM 1099 C CA   . ASP A 1 69 ? -3.297  8.657   12.588  1.00 0.03  ? 69 ASP A CA   1 
ATOM 1100 C C    . ASP A 1 69 ? -3.801  7.226   12.364  1.00 0.62  ? 69 ASP A C    1 
ATOM 1101 O O    . ASP A 1 69 ? -4.986  7.009   12.122  1.00 -0.50 ? 69 ASP A O    1 
ATOM 1102 C CB   . ASP A 1 69 ? -4.336  9.695   12.137  1.00 -0.40 ? 69 ASP A CB   1 
ATOM 1103 C CG   . ASP A 1 69 ? -5.616  9.594   12.960  1.00 0.71  ? 69 ASP A CG   1 
ATOM 1104 O OD1  . ASP A 1 69 ? -5.503  9.691   14.199  1.00 -0.72 ? 69 ASP A OD1  1 
ATOM 1105 O OD2  . ASP A 1 69 ? -6.683  9.422   12.330  1.00 -0.72 ? 69 ASP A OD2  1 
ATOM 1106 H H    . ASP A 1 69 ? -1.267  9.262   12.367  1.00 0.25  ? 69 ASP A H    1 
ATOM 1107 H HA   . ASP A 1 69 ? -3.104  8.795   13.652  1.00 0.05  ? 69 ASP A HA   1 
ATOM 1108 H HB2  . ASP A 1 69 ? -3.918  10.694  12.256  1.00 0.07  ? 69 ASP A HB2  1 
ATOM 1109 H HB3  . ASP A 1 69 ? -4.576  9.533   11.086  1.00 0.07  ? 69 ASP A HB3  1 
ATOM 1110 N N    . GLY A 1 70 ? -2.894  6.244   12.441  1.00 -0.46 ? 70 GLY A N    1 
ATOM 1111 C CA   . GLY A 1 70 ? -3.254  4.844   12.248  1.00 0.03  ? 70 GLY A CA   1 
ATOM 1112 C C    . GLY A 1 70 ? -3.399  4.518   10.759  1.00 0.62  ? 70 GLY A C    1 
ATOM 1113 O O    . GLY A 1 70 ? -3.035  3.425   10.328  1.00 -0.50 ? 70 GLY A O    1 
ATOM 1114 H H    . GLY A 1 70 ? -1.930  6.469   12.637  1.00 0.25  ? 70 GLY A H    1 
ATOM 1115 H HA2  . GLY A 1 70 ? -2.476  4.213   12.678  1.00 0.03  ? 70 GLY A HA2  1 
ATOM 1116 H HA3  . GLY A 1 70 ? -4.198  4.641   12.754  1.00 0.03  ? 70 GLY A HA3  1 
ATOM 1117 N N    . LYS A 1 71 ? -3.934  5.467   9.974   1.00 -0.46 ? 71 LYS A N    1 
ATOM 1118 C CA   . LYS A 1 71 ? -4.115  5.279   8.544   1.00 0.03  ? 71 LYS A CA   1 
ATOM 1119 C C    . LYS A 1 71 ? -2.747  5.291   7.857   1.00 0.62  ? 71 LYS A C    1 
ATOM 1120 O O    . LYS A 1 71 ? -1.721  5.497   8.515   1.00 -0.50 ? 71 LYS A O    1 
ATOM 1121 C CB   . LYS A 1 71 ? -5.023  6.379   7.975   1.00 -0.10 ? 71 LYS A CB   1 
ATOM 1122 C CG   . LYS A 1 71 ? -6.158  6.709   8.951   1.00 -0.16 ? 71 LYS A CG   1 
ATOM 1123 C CD   . LYS A 1 71 ? -7.231  7.525   8.223   1.00 -0.18 ? 71 LYS A CD   1 
ATOM 1124 C CE   . LYS A 1 71 ? -8.377  7.861   9.184   1.00 -0.04 ? 71 LYS A CE   1 
ATOM 1125 N NZ   . LYS A 1 71 ? -8.002  8.947   10.112  1.00 -0.14 ? 71 LYS A NZ   1 
ATOM 1126 H H    . LYS A 1 71 ? -4.217  6.345   10.378  1.00 0.25  ? 71 LYS A H    1 
ATOM 1127 H HA   . LYS A 1 71 ? -4.587  4.310   8.373   1.00 0.05  ? 71 LYS A HA   1 
ATOM 1128 H HB2  . LYS A 1 71 ? -4.438  7.270   7.799   1.00 0.04  ? 71 LYS A HB2  1 
ATOM 1129 H HB3  . LYS A 1 71 ? -5.447  6.039   7.033   1.00 0.04  ? 71 LYS A HB3  1 
ATOM 1130 H HG2  . LYS A 1 71 ? -6.596  5.785   9.329   1.00 0.12  ? 71 LYS A HG2  1 
ATOM 1131 H HG3  . LYS A 1 71 ? -5.766  7.293   9.781   1.00 0.12  ? 71 LYS A HG3  1 
ATOM 1132 H HD2  . LYS A 1 71 ? -6.790  8.448   7.844   1.00 0.12  ? 71 LYS A HD2  1 
ATOM 1133 H HD3  . LYS A 1 71 ? -7.620  6.943   7.387   1.00 0.12  ? 71 LYS A HD3  1 
ATOM 1134 H HE2  . LYS A 1 71 ? -9.245  8.176   8.603   1.00 0.10  ? 71 LYS A HE2  1 
ATOM 1135 H HE3  . LYS A 1 71 ? -8.638  6.972   9.759   1.00 0.10  ? 71 LYS A HE3  1 
ATOM 1136 H HZ1  . LYS A 1 71 ? -7.675  9.743   9.586   1.00 0.29  ? 71 LYS A HZ1  1 
ATOM 1137 H HZ2  . LYS A 1 71 ? -8.808  9.215   10.659  1.00 0.29  ? 71 LYS A HZ2  1 
ATOM 1138 H HZ3  . LYS A 1 71 ? -7.266  8.630   10.738  1.00 0.29  ? 71 LYS A HZ3  1 
ATOM 1139 N N    . TYR A 1 72 ? -2.726  5.060   6.539   1.00 -0.46 ? 72 TYR A N    1 
ATOM 1140 C CA   . TYR A 1 72 ? -1.481  4.978   5.790   1.00 0.03  ? 72 TYR A CA   1 
ATOM 1141 C C    . TYR A 1 72 ? -1.512  5.908   4.584   1.00 0.62  ? 72 TYR A C    1 
ATOM 1142 O O    . TYR A 1 72 ? -2.431  5.852   3.771   1.00 -0.50 ? 72 TYR A O    1 
ATOM 1143 C CB   . TYR A 1 72 ? -1.269  3.525   5.368   1.00 -0.10 ? 72 TYR A CB   1 
ATOM 1144 C CG   . TYR A 1 72 ? -1.293  2.583   6.553   1.00 -0.03 ? 72 TYR A CG   1 
ATOM 1145 C CD1  . TYR A 1 72 ? -0.120  2.355   7.288   1.00 0.00  ? 72 TYR A CD1  1 
ATOM 1146 C CD2  . TYR A 1 72 ? -2.498  1.971   6.944   1.00 0.00  ? 72 TYR A CD2  1 
ATOM 1147 C CE1  . TYR A 1 72 ? -0.147  1.518   8.414   1.00 -0.26 ? 72 TYR A CE1  1 
ATOM 1148 C CE2  . TYR A 1 72 ? -2.526  1.137   8.074   1.00 -0.26 ? 72 TYR A CE2  1 
ATOM 1149 C CZ   . TYR A 1 72 ? -1.350  0.913   8.811   1.00 0.46  ? 72 TYR A CZ   1 
ATOM 1150 O OH   . TYR A 1 72 ? -1.378  0.117   9.915   1.00 -0.53 ? 72 TYR A OH   1 
ATOM 1151 H H    . TYR A 1 72 ? -3.596  4.921   6.038   1.00 0.25  ? 72 TYR A H    1 
ATOM 1152 H HA   . TYR A 1 72 ? -0.655  5.276   6.437   1.00 0.05  ? 72 TYR A HA   1 
ATOM 1153 H HB2  . TYR A 1 72 ? -2.058  3.239   4.671   1.00 0.04  ? 72 TYR A HB2  1 
ATOM 1154 H HB3  . TYR A 1 72 ? -0.305  3.438   4.865   1.00 0.04  ? 72 TYR A HB3  1 
ATOM 1155 H HD1  . TYR A 1 72 ? 0.801   2.831   6.990   1.00 0.06  ? 72 TYR A HD1  1 
ATOM 1156 H HD2  . TYR A 1 72 ? -3.405  2.153   6.385   1.00 0.06  ? 72 TYR A HD2  1 
ATOM 1157 H HE1  . TYR A 1 72 ? 0.755   1.349   8.982   1.00 0.10  ? 72 TYR A HE1  1 
ATOM 1158 H HE2  . TYR A 1 72 ? -3.452  0.674   8.381   1.00 0.10  ? 72 TYR A HE2  1 
ATOM 1159 H HH   . TYR A 1 72 ? -2.267  -0.078  10.213  1.00 0.33  ? 72 TYR A HH   1 
ATOM 1160 N N    . ALA A 1 73 ? -0.486  6.761   4.481   1.00 -0.46 ? 73 ALA A N    1 
ATOM 1161 C CA   . ALA A 1 73 ? -0.338  7.703   3.384   1.00 0.03  ? 73 ALA A CA   1 
ATOM 1162 C C    . ALA A 1 73 ? 0.862   7.298   2.537   1.00 0.62  ? 73 ALA A C    1 
ATOM 1163 O O    . ALA A 1 73 ? 1.587   6.372   2.890   1.00 -0.50 ? 73 ALA A O    1 
ATOM 1164 C CB   . ALA A 1 73 ? -0.132  9.109   3.955   1.00 -0.10 ? 73 ALA A CB   1 
ATOM 1165 H H    . ALA A 1 73 ? 0.231   6.756   5.193   1.00 0.25  ? 73 ALA A H    1 
ATOM 1166 H HA   . ALA A 1 73 ? -1.233  7.694   2.764   1.00 0.05  ? 73 ALA A HA   1 
ATOM 1167 H HB1  . ALA A 1 73 ? -0.984  9.383   4.570   1.00 0.04  ? 73 ALA A HB1  1 
ATOM 1168 H HB2  . ALA A 1 73 ? -0.031  9.824   3.138   1.00 0.04  ? 73 ALA A HB2  1 
ATOM 1169 H HB3  . ALA A 1 73 ? 0.771   9.124   4.564   1.00 0.04  ? 73 ALA A HB3  1 
ATOM 1170 N N    . PHE A 1 74 ? 1.069   8.000   1.423   1.00 -0.46 ? 74 PHE A N    1 
ATOM 1171 C CA   . PHE A 1 74 ? 2.187   7.732   0.534   1.00 0.03  ? 74 PHE A CA   1 
ATOM 1172 C C    . PHE A 1 74 ? 3.283   8.757   0.790   1.00 0.62  ? 74 PHE A C    1 
ATOM 1173 O O    . PHE A 1 74 ? 3.027   9.959   0.751   1.00 -0.50 ? 74 PHE A O    1 
ATOM 1174 C CB   . PHE A 1 74 ? 1.699   7.798   -0.909  1.00 -0.10 ? 74 PHE A CB   1 
ATOM 1175 C CG   . PHE A 1 74 ? 2.807   7.735   -1.939  1.00 -0.10 ? 74 PHE A CG   1 
ATOM 1176 C CD1  . PHE A 1 74 ? 3.408   8.918   -2.391  1.00 -0.15 ? 74 PHE A CD1  1 
ATOM 1177 C CD2  . PHE A 1 74 ? 3.218   6.497   -2.463  1.00 -0.15 ? 74 PHE A CD2  1 
ATOM 1178 C CE1  . PHE A 1 74 ? 4.390   8.877   -3.388  1.00 -0.15 ? 74 PHE A CE1  1 
ATOM 1179 C CE2  . PHE A 1 74 ? 4.215   6.453   -3.451  1.00 -0.15 ? 74 PHE A CE2  1 
ATOM 1180 C CZ   . PHE A 1 74 ? 4.788   7.648   -3.926  1.00 -0.15 ? 74 PHE A CZ   1 
ATOM 1181 H H    . PHE A 1 74 ? 0.437   8.749   1.181   1.00 0.25  ? 74 PHE A H    1 
ATOM 1182 H HA   . PHE A 1 74 ? 2.576   6.734   0.730   1.00 0.05  ? 74 PHE A HA   1 
ATOM 1183 H HB2  . PHE A 1 74 ? 1.023   6.969   -1.079  1.00 0.11  ? 74 PHE A HB2  1 
ATOM 1184 H HB3  . PHE A 1 74 ? 1.146   8.725   -1.050  1.00 0.11  ? 74 PHE A HB3  1 
ATOM 1185 H HD1  . PHE A 1 74 ? 3.107   9.862   -1.980  1.00 0.15  ? 74 PHE A HD1  1 
ATOM 1186 H HD2  . PHE A 1 74 ? 2.762   5.582   -2.112  1.00 0.15  ? 74 PHE A HD2  1 
ATOM 1187 H HE1  . PHE A 1 74 ? 4.835   9.793   -3.746  1.00 0.15  ? 74 PHE A HE1  1 
ATOM 1188 H HE2  . PHE A 1 74 ? 4.527   5.502   -3.856  1.00 0.15  ? 74 PHE A HE2  1 
ATOM 1189 H HZ   . PHE A 1 74 ? 5.529   7.621   -4.709  1.00 0.15  ? 74 PHE A HZ   1 
ATOM 1190 N N    . LYS A 1 75 ? 4.501   8.276   1.051   1.00 -0.46 ? 75 LYS A N    1 
ATOM 1191 C CA   . LYS A 1 75 ? 5.635   9.141   1.317   1.00 0.03  ? 75 LYS A CA   1 
ATOM 1192 C C    . LYS A 1 75 ? 6.339   9.470   -0.006  1.00 0.62  ? 75 LYS A C    1 
ATOM 1193 O O    . LYS A 1 75 ? 6.823   8.559   -0.680  1.00 -0.50 ? 75 LYS A O    1 
ATOM 1194 C CB   . LYS A 1 75 ? 6.591   8.424   2.277   1.00 -0.10 ? 75 LYS A CB   1 
ATOM 1195 C CG   . LYS A 1 75 ? 7.557   9.432   2.908   1.00 -0.16 ? 75 LYS A CG   1 
ATOM 1196 C CD   . LYS A 1 75 ? 8.548   8.689   3.810   1.00 -0.18 ? 75 LYS A CD   1 
ATOM 1197 C CE   . LYS A 1 75 ? 9.443   9.691   4.548   1.00 -0.04 ? 75 LYS A CE   1 
ATOM 1198 N NZ   . LYS A 1 75 ? 8.731   10.316  5.676   1.00 -0.14 ? 75 LYS A NZ   1 
ATOM 1199 H H    . LYS A 1 75 ? 4.649   7.275   1.064   1.00 0.25  ? 75 LYS A H    1 
ATOM 1200 H HA   . LYS A 1 75 ? 5.284   10.054  1.790   1.00 0.05  ? 75 LYS A HA   1 
ATOM 1201 H HB2  . LYS A 1 75 ? 6.016   7.937   3.063   1.00 0.04  ? 75 LYS A HB2  1 
ATOM 1202 H HB3  . LYS A 1 75 ? 7.157   7.671   1.730   1.00 0.04  ? 75 LYS A HB3  1 
ATOM 1203 H HG2  . LYS A 1 75 ? 8.103   9.955   2.123   1.00 0.12  ? 75 LYS A HG2  1 
ATOM 1204 H HG3  . LYS A 1 75 ? 6.992   10.152  3.500   1.00 0.12  ? 75 LYS A HG3  1 
ATOM 1205 H HD2  . LYS A 1 75 ? 8.000   8.086   4.537   1.00 0.12  ? 75 LYS A HD2  1 
ATOM 1206 H HD3  . LYS A 1 75 ? 9.170   8.038   3.199   1.00 0.12  ? 75 LYS A HD3  1 
ATOM 1207 H HE2  . LYS A 1 75 ? 10.321  9.169   4.930   1.00 0.10  ? 75 LYS A HE2  1 
ATOM 1208 H HE3  . LYS A 1 75 ? 9.765   10.467  3.852   1.00 0.10  ? 75 LYS A HE3  1 
ATOM 1209 H HZ1  . LYS A 1 75 ? 8.383   9.596   6.302   1.00 0.29  ? 75 LYS A HZ1  1 
ATOM 1210 H HZ2  . LYS A 1 75 ? 9.359   10.924  6.180   1.00 0.29  ? 75 LYS A HZ2  1 
ATOM 1211 H HZ3  . LYS A 1 75 ? 7.945   10.857  5.329   1.00 0.29  ? 75 LYS A HZ3  1 
ATOM 1212 N N    . PRO A 1 76 ? 6.408   10.762  -0.394  1.00 -0.23 ? 76 PRO A N    1 
ATOM 1213 C CA   . PRO A 1 76 ? 7.064   11.160  -1.621  1.00 0.03  ? 76 PRO A CA   1 
ATOM 1214 C C    . PRO A 1 76 ? 8.560   10.850  -1.536  1.00 0.53  ? 76 PRO A C    1 
ATOM 1215 O O    . PRO A 1 76 ? 9.139   10.881  -0.451  1.00 -0.50 ? 76 PRO A O    1 
ATOM 1216 C CB   . PRO A 1 76 ? 6.809   12.661  -1.767  1.00 -0.11 ? 76 PRO A CB   1 
ATOM 1217 C CG   . PRO A 1 76 ? 6.135   13.126  -0.471  1.00 -0.12 ? 76 PRO A CG   1 
ATOM 1218 C CD   . PRO A 1 76 ? 5.850   11.871  0.355   1.00 -0.01 ? 76 PRO A CD   1 
ATOM 1219 H HA   . PRO A 1 76 ? 6.620   10.629  -2.462  1.00 0.05  ? 76 PRO A HA   1 
ATOM 1220 H HB2  . PRO A 1 76 ? 7.751   13.192  -1.912  1.00 0.06  ? 76 PRO A HB2  1 
ATOM 1221 H HB3  . PRO A 1 76 ? 6.147   12.842  -2.615  1.00 0.06  ? 76 PRO A HB3  1 
ATOM 1222 H HG2  . PRO A 1 76 ? 6.805   13.789  0.080   1.00 0.06  ? 76 PRO A HG2  1 
ATOM 1223 H HG3  . PRO A 1 76 ? 5.204   13.644  -0.698  1.00 0.06  ? 76 PRO A HG3  1 
ATOM 1224 H HD2  . PRO A 1 76 ? 6.332   11.947  1.330   1.00 0.06  ? 76 PRO A HD2  1 
ATOM 1225 H HD3  . PRO A 1 76 ? 4.774   11.742  0.474   1.00 0.06  ? 76 PRO A HD3  1 
ATOM 1226 N N    . LYS A 1 77 ? 9.184   10.549  -2.683  1.00 -0.46 ? 77 LYS A N    1 
ATOM 1227 C CA   . LYS A 1 77 ? 10.604  10.230  -2.725  1.00 0.03  ? 77 LYS A CA   1 
ATOM 1228 C C    . LYS A 1 77 ? 11.424  11.457  -2.330  1.00 0.62  ? 77 LYS A C    1 
ATOM 1229 O O    . LYS A 1 77 ? 12.122  11.442  -1.319  1.00 -0.50 ? 77 LYS A O    1 
ATOM 1230 C CB   . LYS A 1 77 ? 10.978  9.756   -4.138  1.00 -0.10 ? 77 LYS A CB   1 
ATOM 1231 C CG   . LYS A 1 77 ? 12.447  9.316   -4.171  1.00 -0.16 ? 77 LYS A CG   1 
ATOM 1232 C CD   . LYS A 1 77 ? 12.838  8.935   -5.602  1.00 -0.18 ? 77 LYS A CD   1 
ATOM 1233 C CE   . LYS A 1 77 ? 14.325  8.568   -5.647  1.00 -0.04 ? 77 LYS A CE   1 
ATOM 1234 N NZ   . LYS A 1 77 ? 14.755  8.254   -7.022  1.00 -0.14 ? 77 LYS A NZ   1 
ATOM 1235 H H    . LYS A 1 77 ? 8.664   10.539  -3.547  1.00 0.25  ? 77 LYS A H    1 
ATOM 1236 H HA   . LYS A 1 77 ? 10.807  9.425   -2.017  1.00 0.05  ? 77 LYS A HA   1 
ATOM 1237 H HB2  . LYS A 1 77 ? 10.344  8.915   -4.417  1.00 0.04  ? 77 LYS A HB2  1 
ATOM 1238 H HB3  . LYS A 1 77 ? 10.828  10.571  -4.847  1.00 0.04  ? 77 LYS A HB3  1 
ATOM 1239 H HG2  . LYS A 1 77 ? 13.081  10.134  -3.831  1.00 0.12  ? 77 LYS A HG2  1 
ATOM 1240 H HG3  . LYS A 1 77 ? 12.583  8.455   -3.515  1.00 0.12  ? 77 LYS A HG3  1 
ATOM 1241 H HD2  . LYS A 1 77 ? 12.241  8.082   -5.927  1.00 0.12  ? 77 LYS A HD2  1 
ATOM 1242 H HD3  . LYS A 1 77 ? 12.653  9.782   -6.266  1.00 0.12  ? 77 LYS A HD3  1 
ATOM 1243 H HE2  . LYS A 1 77 ? 14.912  9.407   -5.273  1.00 0.10  ? 77 LYS A HE2  1 
ATOM 1244 H HE3  . LYS A 1 77 ? 14.499  7.699   -5.010  1.00 0.10  ? 77 LYS A HE3  1 
ATOM 1245 H HZ1  . LYS A 1 77 ? 14.603  9.057   -7.616  1.00 0.29  ? 77 LYS A HZ1  1 
ATOM 1246 H HZ2  . LYS A 1 77 ? 15.738  8.018   -7.022  1.00 0.29  ? 77 LYS A HZ2  1 
ATOM 1247 H HZ3  . LYS A 1 77 ? 14.222  7.470   -7.373  1.00 0.29  ? 77 LYS A HZ3  1 
ATOM 1248 N N    . TYR A 1 78 ? 11.337  12.516  -3.142  1.00 -0.46 ? 78 TYR A N    1 
ATOM 1249 C CA   . TYR A 1 78 ? 12.080  13.748  -2.904  1.00 0.03  ? 78 TYR A CA   1 
ATOM 1250 C C    . TYR A 1 78 ? 11.335  14.943  -3.544  1.00 0.62  ? 78 TYR A C    1 
ATOM 1251 O O    . TYR A 1 78 ? 11.886  16.036  -3.647  1.00 -0.50 ? 78 TYR A O    1 
ATOM 1252 C CB   . TYR A 1 78 ? 13.514  13.545  -3.463  1.00 -0.10 ? 78 TYR A CB   1 
ATOM 1253 C CG   . TYR A 1 78 ? 14.083  14.716  -4.239  1.00 -0.03 ? 78 TYR A CG   1 
ATOM 1254 C CD1  . TYR A 1 78 ? 13.834  14.828  -5.618  1.00 0.00  ? 78 TYR A CD1  1 
ATOM 1255 C CD2  . TYR A 1 78 ? 14.862  15.687  -3.584  1.00 0.00  ? 78 TYR A CD2  1 
ATOM 1256 C CE1  . TYR A 1 78 ? 14.361  15.910  -6.340  1.00 -0.26 ? 78 TYR A CE1  1 
ATOM 1257 C CE2  . TYR A 1 78 ? 15.388  16.769  -4.308  1.00 -0.26 ? 78 TYR A CE2  1 
ATOM 1258 C CZ   . TYR A 1 78 ? 15.136  16.882  -5.687  1.00 0.46  ? 78 TYR A CZ   1 
ATOM 1259 O OH   . TYR A 1 78 ? 15.647  17.933  -6.390  1.00 -0.53 ? 78 TYR A OH   1 
ATOM 1260 H H    . TYR A 1 78 ? 10.747  12.465  -3.956  1.00 0.25  ? 78 TYR A H    1 
ATOM 1261 H HA   . TYR A 1 78 ? 12.145  13.918  -1.829  1.00 0.05  ? 78 TYR A HA   1 
ATOM 1262 H HB2  . TYR A 1 78 ? 14.178  13.331  -2.627  1.00 0.04  ? 78 TYR A HB2  1 
ATOM 1263 H HB3  . TYR A 1 78 ? 13.505  12.677  -4.123  1.00 0.04  ? 78 TYR A HB3  1 
ATOM 1264 H HD1  . TYR A 1 78 ? 13.237  14.083  -6.122  1.00 0.06  ? 78 TYR A HD1  1 
ATOM 1265 H HD2  . TYR A 1 78 ? 15.054  15.601  -2.524  1.00 0.06  ? 78 TYR A HD2  1 
ATOM 1266 H HE1  . TYR A 1 78 ? 14.167  15.995  -7.399  1.00 0.10  ? 78 TYR A HE1  1 
ATOM 1267 H HE2  . TYR A 1 78 ? 15.985  17.514  -3.805  1.00 0.10  ? 78 TYR A HE2  1 
ATOM 1268 H HH   . TYR A 1 78 ? 16.137  18.549  -5.841  1.00 0.33  ? 78 TYR A HH   1 
ATOM 1269 N N    . ASN A 1 79 ? 10.070  14.721  -3.962  1.00 -0.46 ? 79 ASN A N    1 
ATOM 1270 C CA   . ASN A 1 79 ? 9.248   15.740  -4.617  1.00 0.03  ? 79 ASN A CA   1 
ATOM 1271 C C    . ASN A 1 79 ? 9.631   15.819  -6.097  1.00 0.62  ? 79 ASN A C    1 
ATOM 1272 O O    . ASN A 1 79 ? 10.810  15.745  -6.439  1.00 -0.50 ? 79 ASN A O    1 
ATOM 1273 C CB   . ASN A 1 79 ? 9.410   17.108  -3.926  1.00 -0.09 ? 79 ASN A CB   1 
ATOM 1274 C CG   . ASN A 1 79 ? 8.171   17.978  -4.124  1.00 0.68  ? 79 ASN A CG   1 
ATOM 1275 O OD1  . ASN A 1 79 ? 7.576   17.986  -5.198  1.00 -0.47 ? 79 ASN A OD1  1 
ATOM 1276 N ND2  . ASN A 1 79 ? 7.783   18.714  -3.082  1.00 -0.87 ? 79 ASN A ND2  1 
ATOM 1277 H H    . ASN A 1 79 ? 9.661   13.812  -3.828  1.00 0.25  ? 79 ASN A H    1 
ATOM 1278 H HA   . ASN A 1 79 ? 8.203   15.436  -4.543  1.00 0.05  ? 79 ASN A HA   1 
ATOM 1279 H HB2  . ASN A 1 79 ? 9.566   16.952  -2.858  1.00 0.04  ? 79 ASN A HB2  1 
ATOM 1280 H HB3  . ASN A 1 79 ? 10.274  17.624  -4.344  1.00 0.04  ? 79 ASN A HB3  1 
ATOM 1281 H HD21 . ASN A 1 79 ? 8.316   18.694  -2.225  1.00 0.34  ? 79 ASN A HD21 1 
ATOM 1282 H HD22 . ASN A 1 79 ? 6.957   19.288  -3.152  1.00 0.34  ? 79 ASN A HD22 1 
ATOM 1283 N N    . VAL A 1 80 ? 8.629   15.959  -6.972  1.00 -0.46 ? 80 VAL A N    1 
ATOM 1284 C CA   . VAL A 1 80 ? 8.861   16.029  -8.408  1.00 0.03  ? 80 VAL A CA   1 
ATOM 1285 C C    . VAL A 1 80 ? 9.370   17.426  -8.764  1.00 0.62  ? 80 VAL A C    1 
ATOM 1286 O O    . VAL A 1 80 ? 8.596   18.286  -9.186  1.00 -0.50 ? 80 VAL A O    1 
ATOM 1287 C CB   . VAL A 1 80 ? 7.557   15.697  -9.156  1.00 -0.01 ? 80 VAL A CB   1 
ATOM 1288 C CG1  . VAL A 1 80 ? 7.830   15.615  -10.662 1.00 -0.09 ? 80 VAL A CG1  1 
ATOM 1289 C CG2  . VAL A 1 80 ? 7.012   14.348  -8.672  1.00 -0.09 ? 80 VAL A CG2  1 
ATOM 1290 H H    . VAL A 1 80 ? 7.679   16.019  -6.638  1.00 0.25  ? 80 VAL A H    1 
ATOM 1291 H HA   . VAL A 1 80 ? 9.620   15.295  -8.681  1.00 0.05  ? 80 VAL A HA   1 
ATOM 1292 H HB   . VAL A 1 80 ? 6.817   16.474  -8.963  1.00 0.02  ? 80 VAL A HB   1 
ATOM 1293 H HG11 . VAL A 1 80 ? 8.171   16.584  -11.027 1.00 0.03  ? 80 VAL A HG11 1 
ATOM 1294 H HG12 . VAL A 1 80 ? 6.914   15.337  -11.182 1.00 0.03  ? 80 VAL A HG12 1 
ATOM 1295 H HG13 . VAL A 1 80 ? 8.598   14.865  -10.853 1.00 0.03  ? 80 VAL A HG13 1 
ATOM 1296 H HG21 . VAL A 1 80 ? 7.790   13.589  -8.753  1.00 0.03  ? 80 VAL A HG21 1 
ATOM 1297 H HG22 . VAL A 1 80 ? 6.159   14.060  -9.288  1.00 0.03  ? 80 VAL A HG22 1 
ATOM 1298 H HG23 . VAL A 1 80 ? 6.694   14.432  -7.633  1.00 0.03  ? 80 VAL A HG23 1 
ATOM 1299 N N    . ARG A 1 81 ? 10.679  17.645  -8.585  1.00 -0.46 ? 81 ARG A N    1 
ATOM 1300 C CA   . ARG A 1 81 ? 11.308  18.927  -8.869  1.00 0.03  ? 81 ARG A CA   1 
ATOM 1301 C C    . ARG A 1 81 ? 12.691  18.691  -9.469  1.00 0.52  ? 81 ARG A C    1 
ATOM 1302 O O    . ARG A 1 81 ? 13.199  17.559  -9.298  1.00 -0.71 ? 81 ARG A O    1 
ATOM 1303 C CB   . ARG A 1 81 ? 11.416  19.742  -7.573  1.00 -0.08 ? 81 ARG A CB   1 
ATOM 1304 C CG   . ARG A 1 81 ? 10.019  19.999  -7.001  1.00 -0.10 ? 81 ARG A CG   1 
ATOM 1305 C CD   . ARG A 1 81 ? 10.113  20.943  -5.804  1.00 -0.23 ? 81 ARG A CD   1 
ATOM 1306 N NE   . ARG A 1 81 ? 8.786   21.165  -5.216  1.00 -0.32 ? 81 ARG A NE   1 
ATOM 1307 C CZ   . ARG A 1 81 ? 8.570   21.993  -4.181  1.00 0.76  ? 81 ARG A CZ   1 
ATOM 1308 N NH1  . ARG A 1 81 ? 9.597   22.630  -3.603  1.00 -0.62 ? 81 ARG A NH1  1 
ATOM 1309 N NH2  . ARG A 1 81 ? 7.325   22.180  -3.726  1.00 -0.62 ? 81 ARG A NH2  1 
ATOM 1310 O OXT  . ARG A 1 81 ? 13.259  19.678  -9.984  1.00 -0.71 ? 81 ARG A OXT  1 
ATOM 1311 H H    . ARG A 1 81 ? 11.265  16.897  -8.235  1.00 0.25  ? 81 ARG A H    1 
ATOM 1312 H HA   . ARG A 1 81 ? 10.700  19.477  -9.588  1.00 0.05  ? 81 ARG A HA   1 
ATOM 1313 H HB2  . ARG A 1 81 ? 12.010  19.189  -6.845  1.00 0.06  ? 81 ARG A HB2  1 
ATOM 1314 H HB3  . ARG A 1 81 ? 11.901  20.694  -7.786  1.00 0.06  ? 81 ARG A HB3  1 
ATOM 1315 H HG2  . ARG A 1 81 ? 9.389   20.451  -7.769  1.00 0.07  ? 81 ARG A HG2  1 
ATOM 1316 H HG3  . ARG A 1 81 ? 9.577   19.056  -6.680  1.00 0.07  ? 81 ARG A HG3  1 
ATOM 1317 H HD2  . ARG A 1 81 ? 10.770  20.504  -5.052  1.00 0.13  ? 81 ARG A HD2  1 
ATOM 1318 H HD3  . ARG A 1 81 ? 10.527  21.898  -6.131  1.00 0.13  ? 81 ARG A HD3  1 
ATOM 1319 H HE   . ARG A 1 81 ? 8.006   20.665  -5.621  1.00 0.27  ? 81 ARG A HE   1 
ATOM 1320 H HH11 . ARG A 1 81 ? 10.537  22.487  -3.944  1.00 0.36  ? 81 ARG A HH11 1 
ATOM 1321 H HH12 . ARG A 1 81 ? 9.434   23.255  -2.826  1.00 0.36  ? 81 ARG A HH12 1 
ATOM 1322 H HH21 . ARG A 1 81 ? 6.548   21.712  -4.172  1.00 0.36  ? 81 ARG A HH21 1 
ATOM 1323 H HH22 . ARG A 1 81 ? 7.159   22.790  -2.938  1.00 0.36  ? 81 ARG A HH22 1 
# 
